data_2EQZ
#
_entry.id   2EQZ
#
_entity_poly.entity_id   1
_entity_poly.type   'polypeptide(L)'
_entity_poly.pdbx_seq_one_letter_code
;GSSGSSGMAKGDPKKPKGKMSAYAFFVQTCREEHKKKNPEVPVNFAEFSKKCSERWKTMSGKEKSKFDEMAKADKVRYDR
EMKDYG
;
_entity_poly.pdbx_strand_id   A
#
# COMPACT_ATOMS: atom_id res chain seq x y z
N GLY A 1 -8.31 13.93 -3.80
CA GLY A 1 -8.62 13.26 -2.55
C GLY A 1 -10.12 13.16 -2.29
N SER A 2 -10.54 13.54 -1.09
CA SER A 2 -11.94 13.49 -0.72
C SER A 2 -12.61 12.25 -1.33
N SER A 3 -11.99 11.09 -1.14
CA SER A 3 -12.53 9.85 -1.66
C SER A 3 -13.32 9.10 -0.59
N GLY A 4 -12.72 8.94 0.58
CA GLY A 4 -13.40 8.25 1.66
C GLY A 4 -13.94 6.90 1.25
N SER A 5 -13.05 6.03 0.78
CA SER A 5 -13.45 4.70 0.33
C SER A 5 -12.23 3.83 0.05
N SER A 6 -12.06 2.77 0.84
CA SER A 6 -10.94 1.87 0.69
C SER A 6 -11.29 0.72 -0.26
N GLY A 7 -11.16 0.99 -1.56
CA GLY A 7 -11.47 -0.03 -2.55
C GLY A 7 -12.67 0.33 -3.39
N MET A 8 -13.49 -0.68 -3.71
CA MET A 8 -14.69 -0.46 -4.51
C MET A 8 -15.60 -1.69 -4.46
N ALA A 9 -16.85 -1.50 -4.90
CA ALA A 9 -17.81 -2.60 -4.90
C ALA A 9 -17.69 -3.42 -6.18
N LYS A 10 -17.48 -2.75 -7.31
CA LYS A 10 -17.35 -3.42 -8.59
C LYS A 10 -15.89 -3.76 -8.88
N GLY A 11 -15.47 -4.96 -8.46
CA GLY A 11 -14.10 -5.38 -8.67
C GLY A 11 -13.94 -6.89 -8.58
N ASP A 12 -13.35 -7.48 -9.60
CA ASP A 12 -13.14 -8.93 -9.64
C ASP A 12 -11.80 -9.30 -9.01
N PRO A 13 -11.76 -10.40 -8.25
CA PRO A 13 -10.55 -10.87 -7.59
C PRO A 13 -9.53 -11.42 -8.58
N LYS A 14 -9.88 -11.37 -9.86
CA LYS A 14 -8.98 -11.85 -10.91
C LYS A 14 -8.05 -10.75 -11.40
N LYS A 15 -8.65 -9.62 -11.78
CA LYS A 15 -7.87 -8.48 -12.27
C LYS A 15 -6.75 -8.12 -11.28
N PRO A 16 -5.58 -7.77 -11.82
CA PRO A 16 -4.41 -7.41 -11.01
C PRO A 16 -4.59 -6.07 -10.31
N LYS A 17 -4.17 -6.00 -9.05
CA LYS A 17 -4.28 -4.78 -8.27
C LYS A 17 -3.36 -3.69 -8.81
N GLY A 18 -3.86 -2.47 -8.90
CA GLY A 18 -3.07 -1.36 -9.39
C GLY A 18 -1.65 -1.39 -8.87
N LYS A 19 -0.75 -0.67 -9.54
CA LYS A 19 0.64 -0.60 -9.13
C LYS A 19 0.79 0.19 -7.83
N MET A 20 1.57 -0.35 -6.90
CA MET A 20 1.81 0.31 -5.62
C MET A 20 3.23 0.84 -5.53
N SER A 21 3.40 1.93 -4.81
CA SER A 21 4.71 2.56 -4.65
C SER A 21 5.28 2.29 -3.25
N ALA A 22 6.59 2.40 -3.11
CA ALA A 22 7.25 2.17 -1.83
C ALA A 22 6.47 2.79 -0.70
N TYR A 23 6.05 4.05 -0.88
CA TYR A 23 5.28 4.75 0.13
C TYR A 23 4.10 3.92 0.60
N ALA A 24 3.18 3.62 -0.31
CA ALA A 24 2.00 2.83 0.00
C ALA A 24 2.36 1.65 0.91
N PHE A 25 3.32 0.85 0.47
CA PHE A 25 3.76 -0.30 1.24
C PHE A 25 3.93 0.04 2.71
N PHE A 26 4.65 1.14 2.98
CA PHE A 26 4.89 1.58 4.35
C PHE A 26 3.58 1.75 5.10
N VAL A 27 2.60 2.37 4.45
CA VAL A 27 1.30 2.60 5.05
C VAL A 27 0.56 1.28 5.28
N GLN A 28 0.51 0.45 4.23
CA GLN A 28 -0.16 -0.84 4.32
C GLN A 28 0.45 -1.70 5.42
N THR A 29 1.73 -2.02 5.28
CA THR A 29 2.43 -2.84 6.25
C THR A 29 2.14 -2.36 7.68
N CYS A 30 2.12 -1.05 7.87
CA CYS A 30 1.86 -0.48 9.18
C CYS A 30 0.46 -0.84 9.67
N ARG A 31 -0.50 -0.82 8.75
CA ARG A 31 -1.88 -1.14 9.09
C ARG A 31 -2.00 -2.60 9.52
N GLU A 32 -1.55 -3.51 8.68
CA GLU A 32 -1.60 -4.94 8.99
C GLU A 32 -1.06 -5.22 10.39
N GLU A 33 -0.02 -4.49 10.76
CA GLU A 33 0.60 -4.66 12.07
C GLU A 33 -0.33 -4.18 13.17
N HIS A 34 -1.04 -3.08 12.91
CA HIS A 34 -1.97 -2.52 13.88
C HIS A 34 -3.10 -3.49 14.19
N LYS A 35 -3.52 -4.24 13.18
CA LYS A 35 -4.59 -5.22 13.34
C LYS A 35 -4.10 -6.44 14.11
N LYS A 36 -2.84 -6.79 13.91
CA LYS A 36 -2.24 -7.94 14.58
C LYS A 36 -2.32 -7.77 16.09
N LYS A 37 -2.21 -6.53 16.56
CA LYS A 37 -2.27 -6.24 17.99
C LYS A 37 -3.66 -5.79 18.40
N ASN A 38 -4.18 -4.77 17.71
CA ASN A 38 -5.50 -4.24 18.00
C ASN A 38 -6.47 -4.56 16.87
N PRO A 39 -6.79 -5.85 16.71
CA PRO A 39 -7.70 -6.33 15.67
C PRO A 39 -9.14 -5.91 15.93
N GLU A 40 -9.46 -5.66 17.21
CA GLU A 40 -10.80 -5.25 17.60
C GLU A 40 -10.83 -3.76 17.95
N VAL A 41 -9.98 -2.98 17.29
CA VAL A 41 -9.92 -1.55 17.54
C VAL A 41 -10.00 -0.76 16.23
N PRO A 42 -10.76 0.35 16.25
CA PRO A 42 -10.94 1.21 15.08
C PRO A 42 -9.67 1.97 14.72
N VAL A 43 -9.49 2.24 13.43
CA VAL A 43 -8.32 2.96 12.96
C VAL A 43 -8.71 4.07 11.99
N ASN A 44 -8.78 5.29 12.51
CA ASN A 44 -9.14 6.45 11.69
C ASN A 44 -8.11 6.70 10.60
N PHE A 45 -8.29 6.04 9.46
CA PHE A 45 -7.36 6.19 8.34
C PHE A 45 -6.87 7.62 8.23
N ALA A 46 -7.79 8.57 8.37
CA ALA A 46 -7.45 9.99 8.29
C ALA A 46 -6.28 10.33 9.21
N GLU A 47 -6.41 9.94 10.47
CA GLU A 47 -5.36 10.21 11.46
C GLU A 47 -4.18 9.26 11.27
N PHE A 48 -4.48 7.97 11.25
CA PHE A 48 -3.45 6.95 11.08
C PHE A 48 -2.49 7.33 9.96
N SER A 49 -3.04 7.88 8.87
CA SER A 49 -2.24 8.28 7.72
C SER A 49 -1.38 9.50 8.06
N LYS A 50 -1.99 10.47 8.74
CA LYS A 50 -1.29 11.69 9.13
C LYS A 50 0.01 11.36 9.86
N LYS A 51 -0.01 10.27 10.61
CA LYS A 51 1.17 9.84 11.37
C LYS A 51 2.11 9.02 10.49
N CYS A 52 1.53 8.30 9.53
CA CYS A 52 2.33 7.47 8.62
C CYS A 52 3.01 8.33 7.57
N SER A 53 2.21 9.01 6.74
CA SER A 53 2.74 9.85 5.69
C SER A 53 3.89 10.72 6.21
N GLU A 54 3.67 11.35 7.35
CA GLU A 54 4.69 12.21 7.96
C GLU A 54 5.93 11.41 8.31
N ARG A 55 5.75 10.12 8.59
CA ARG A 55 6.86 9.24 8.94
C ARG A 55 7.59 8.78 7.70
N TRP A 56 6.96 8.91 6.54
CA TRP A 56 7.55 8.50 5.28
C TRP A 56 8.52 9.57 4.77
N LYS A 57 8.13 10.84 4.91
CA LYS A 57 8.96 11.95 4.47
C LYS A 57 10.15 12.15 5.40
N THR A 58 9.93 11.87 6.68
CA THR A 58 10.99 12.01 7.68
C THR A 58 11.98 10.86 7.62
N MET A 59 11.59 9.80 6.92
CA MET A 59 12.45 8.62 6.77
C MET A 59 13.64 8.92 5.86
N SER A 60 14.70 8.14 6.02
CA SER A 60 15.90 8.32 5.20
C SER A 60 15.98 7.27 4.11
N GLY A 61 16.48 7.67 2.94
CA GLY A 61 16.59 6.75 1.83
C GLY A 61 16.96 5.35 2.27
N LYS A 62 17.80 5.25 3.29
CA LYS A 62 18.23 3.96 3.81
C LYS A 62 17.04 3.17 4.35
N GLU A 63 16.20 3.84 5.14
CA GLU A 63 15.03 3.19 5.72
C GLU A 63 14.01 2.84 4.64
N LYS A 64 13.78 3.77 3.73
CA LYS A 64 12.83 3.55 2.63
C LYS A 64 13.26 2.37 1.77
N SER A 65 14.56 2.09 1.76
CA SER A 65 15.10 0.98 0.98
C SER A 65 14.23 -0.27 1.12
N LYS A 66 13.99 -0.67 2.37
CA LYS A 66 13.17 -1.85 2.64
C LYS A 66 11.90 -1.84 1.81
N PHE A 67 11.29 -0.66 1.67
CA PHE A 67 10.07 -0.52 0.90
C PHE A 67 10.39 -0.21 -0.57
N ASP A 68 11.64 0.12 -0.84
CA ASP A 68 12.07 0.43 -2.20
C ASP A 68 12.23 -0.84 -3.02
N GLU A 69 12.86 -1.84 -2.43
CA GLU A 69 13.08 -3.11 -3.12
C GLU A 69 11.76 -3.77 -3.48
N MET A 70 10.79 -3.69 -2.56
CA MET A 70 9.48 -4.28 -2.80
C MET A 70 8.75 -3.55 -3.91
N ALA A 71 8.56 -2.24 -3.75
CA ALA A 71 7.88 -1.42 -4.74
C ALA A 71 8.51 -1.61 -6.12
N LYS A 72 9.83 -1.50 -6.18
CA LYS A 72 10.56 -1.64 -7.43
C LYS A 72 10.12 -2.91 -8.16
N ALA A 73 9.79 -3.94 -7.41
CA ALA A 73 9.34 -5.21 -7.98
C ALA A 73 7.84 -5.20 -8.23
N ASP A 74 7.14 -4.30 -7.56
CA ASP A 74 5.69 -4.19 -7.70
C ASP A 74 5.33 -3.56 -9.03
N LYS A 75 6.30 -2.90 -9.65
CA LYS A 75 6.08 -2.24 -10.93
C LYS A 75 6.33 -3.21 -12.09
N VAL A 76 7.29 -4.11 -11.90
CA VAL A 76 7.62 -5.08 -12.93
C VAL A 76 6.63 -6.25 -12.93
N ARG A 77 6.13 -6.59 -11.76
CA ARG A 77 5.17 -7.68 -11.62
C ARG A 77 3.83 -7.31 -12.25
N TYR A 78 3.32 -6.14 -11.90
CA TYR A 78 2.05 -5.67 -12.44
C TYR A 78 2.13 -5.48 -13.94
N ASP A 79 3.23 -4.91 -14.41
CA ASP A 79 3.43 -4.68 -15.84
C ASP A 79 3.30 -5.99 -16.62
N ARG A 80 3.97 -7.04 -16.14
CA ARG A 80 3.92 -8.33 -16.80
C ARG A 80 2.52 -8.93 -16.73
N GLU A 81 1.85 -8.76 -15.60
CA GLU A 81 0.51 -9.28 -15.42
C GLU A 81 -0.45 -8.69 -16.45
N MET A 82 -0.28 -7.40 -16.75
CA MET A 82 -1.12 -6.72 -17.73
C MET A 82 -0.95 -7.33 -19.11
N LYS A 83 0.26 -7.80 -19.40
CA LYS A 83 0.55 -8.41 -20.70
C LYS A 83 -0.36 -9.61 -20.95
N ASP A 84 -0.50 -10.46 -19.94
CA ASP A 84 -1.35 -11.64 -20.05
C ASP A 84 -2.83 -11.27 -19.96
N TYR A 85 -3.13 -10.33 -19.08
CA TYR A 85 -4.51 -9.88 -18.89
C TYR A 85 -5.05 -9.22 -20.15
N GLY A 86 -4.41 -8.13 -20.55
CA GLY A 86 -4.83 -7.42 -21.75
C GLY A 86 -3.68 -6.71 -22.44
N GLY A 1 -22.31 9.41 2.08
CA GLY A 1 -21.33 9.04 1.08
C GLY A 1 -21.86 7.98 0.13
N SER A 2 -20.93 7.24 -0.49
CA SER A 2 -21.30 6.18 -1.42
C SER A 2 -22.04 5.05 -0.71
N SER A 3 -23.07 4.52 -1.36
CA SER A 3 -23.85 3.43 -0.78
C SER A 3 -22.96 2.34 -0.22
N GLY A 4 -23.56 1.37 0.46
CA GLY A 4 -22.79 0.29 1.04
C GLY A 4 -23.35 -0.19 2.37
N SER A 5 -24.38 -1.03 2.31
CA SER A 5 -25.01 -1.55 3.52
C SER A 5 -24.37 -2.87 3.94
N SER A 6 -23.84 -2.91 5.16
CA SER A 6 -23.20 -4.09 5.69
C SER A 6 -22.37 -4.79 4.61
N GLY A 7 -21.63 -4.01 3.84
CA GLY A 7 -20.81 -4.56 2.78
C GLY A 7 -19.78 -3.57 2.27
N MET A 8 -18.52 -4.02 2.21
CA MET A 8 -17.44 -3.18 1.74
C MET A 8 -16.51 -3.94 0.80
N ALA A 9 -16.10 -3.29 -0.28
CA ALA A 9 -15.21 -3.91 -1.25
C ALA A 9 -14.18 -4.81 -0.57
N LYS A 10 -14.00 -6.01 -1.10
CA LYS A 10 -13.05 -6.96 -0.54
C LYS A 10 -11.97 -7.31 -1.55
N GLY A 11 -12.07 -6.72 -2.75
CA GLY A 11 -11.10 -6.98 -3.79
C GLY A 11 -11.09 -8.44 -4.23
N ASP A 12 -11.48 -8.67 -5.48
CA ASP A 12 -11.51 -10.02 -6.03
C ASP A 12 -10.25 -10.80 -5.67
N PRO A 13 -10.38 -12.12 -5.53
CA PRO A 13 -9.25 -12.99 -5.19
C PRO A 13 -8.25 -13.12 -6.33
N LYS A 14 -8.75 -13.24 -7.56
CA LYS A 14 -7.90 -13.36 -8.73
C LYS A 14 -7.79 -12.03 -9.46
N LYS A 15 -7.06 -11.09 -8.88
CA LYS A 15 -6.88 -9.78 -9.49
C LYS A 15 -5.78 -8.99 -8.77
N PRO A 16 -4.91 -8.33 -9.54
CA PRO A 16 -3.81 -7.53 -9.00
C PRO A 16 -4.30 -6.26 -8.32
N LYS A 17 -3.38 -5.55 -7.67
CA LYS A 17 -3.71 -4.32 -6.97
C LYS A 17 -2.97 -3.14 -7.58
N GLY A 18 -3.29 -2.82 -8.84
CA GLY A 18 -2.65 -1.71 -9.51
C GLY A 18 -1.16 -1.62 -9.20
N LYS A 19 -0.59 -0.44 -9.41
CA LYS A 19 0.83 -0.23 -9.15
C LYS A 19 1.03 0.74 -7.98
N MET A 20 1.63 0.24 -6.90
CA MET A 20 1.88 1.05 -5.72
C MET A 20 3.33 1.54 -5.69
N SER A 21 3.57 2.61 -4.95
CA SER A 21 4.91 3.18 -4.85
C SER A 21 5.47 2.96 -3.45
N ALA A 22 6.80 3.04 -3.34
CA ALA A 22 7.47 2.85 -2.06
C ALA A 22 6.66 3.44 -0.92
N TYR A 23 6.19 4.67 -1.10
CA TYR A 23 5.40 5.34 -0.09
C TYR A 23 4.21 4.49 0.33
N ALA A 24 3.30 4.25 -0.62
CA ALA A 24 2.12 3.45 -0.36
C ALA A 24 2.48 2.17 0.39
N PHE A 25 3.54 1.51 -0.06
CA PHE A 25 3.99 0.27 0.57
C PHE A 25 4.18 0.45 2.07
N PHE A 26 4.79 1.57 2.45
CA PHE A 26 5.04 1.86 3.86
C PHE A 26 3.73 1.98 4.63
N VAL A 27 2.79 2.74 4.07
CA VAL A 27 1.49 2.93 4.70
C VAL A 27 0.76 1.61 4.87
N GLN A 28 0.83 0.76 3.85
CA GLN A 28 0.17 -0.54 3.88
C GLN A 28 0.78 -1.43 4.97
N THR A 29 2.11 -1.51 4.97
CA THR A 29 2.82 -2.33 5.95
C THR A 29 2.41 -1.96 7.37
N CYS A 30 2.51 -0.68 7.71
CA CYS A 30 2.15 -0.20 9.03
C CYS A 30 0.74 -0.63 9.40
N ARG A 31 -0.17 -0.55 8.43
CA ARG A 31 -1.56 -0.92 8.66
C ARG A 31 -1.67 -2.39 9.06
N GLU A 32 -0.90 -3.25 8.39
CA GLU A 32 -0.91 -4.68 8.68
C GLU A 32 -0.49 -4.94 10.12
N GLU A 33 0.56 -4.25 10.55
CA GLU A 33 1.07 -4.41 11.91
C GLU A 33 0.00 -4.07 12.94
N HIS A 34 -0.90 -3.16 12.58
CA HIS A 34 -1.98 -2.75 13.47
C HIS A 34 -2.97 -3.90 13.68
N LYS A 35 -3.61 -4.32 12.60
CA LYS A 35 -4.59 -5.40 12.68
C LYS A 35 -4.09 -6.53 13.57
N LYS A 36 -2.92 -7.08 13.23
CA LYS A 36 -2.34 -8.15 14.01
C LYS A 36 -2.50 -7.91 15.51
N LYS A 37 -2.46 -6.63 15.90
CA LYS A 37 -2.60 -6.26 17.29
C LYS A 37 -4.07 -5.98 17.64
N ASN A 38 -4.65 -4.99 16.97
CA ASN A 38 -6.04 -4.63 17.19
C ASN A 38 -6.91 -5.02 16.00
N PRO A 39 -7.11 -6.34 15.82
CA PRO A 39 -7.92 -6.87 14.73
C PRO A 39 -9.40 -6.56 14.90
N GLU A 40 -9.79 -6.16 16.11
CA GLU A 40 -11.17 -5.84 16.40
C GLU A 40 -11.34 -4.35 16.70
N VAL A 41 -10.43 -3.54 16.17
CA VAL A 41 -10.47 -2.11 16.38
C VAL A 41 -10.37 -1.36 15.06
N PRO A 42 -11.19 -0.30 14.91
CA PRO A 42 -11.21 0.52 13.69
C PRO A 42 -9.95 1.35 13.54
N VAL A 43 -9.73 1.86 12.33
CA VAL A 43 -8.55 2.69 12.04
C VAL A 43 -8.91 3.86 11.15
N ASN A 44 -8.98 5.05 11.73
CA ASN A 44 -9.31 6.26 10.98
C ASN A 44 -8.18 6.62 10.02
N PHE A 45 -8.28 6.12 8.79
CA PHE A 45 -7.27 6.40 7.78
C PHE A 45 -6.81 7.85 7.85
N ALA A 46 -7.76 8.77 7.81
CA ALA A 46 -7.46 10.19 7.87
C ALA A 46 -6.40 10.48 8.93
N GLU A 47 -6.49 9.78 10.06
CA GLU A 47 -5.55 9.96 11.16
C GLU A 47 -4.35 9.03 11.01
N PHE A 48 -4.64 7.73 10.96
CA PHE A 48 -3.58 6.72 10.81
C PHE A 48 -2.54 7.17 9.80
N SER A 49 -2.98 7.90 8.78
CA SER A 49 -2.09 8.38 7.74
C SER A 49 -1.23 9.53 8.25
N LYS A 50 -1.86 10.46 8.97
CA LYS A 50 -1.14 11.61 9.53
C LYS A 50 0.12 11.17 10.26
N LYS A 51 0.08 9.96 10.81
CA LYS A 51 1.22 9.41 11.54
C LYS A 51 2.16 8.67 10.61
N CYS A 52 1.60 8.08 9.56
CA CYS A 52 2.39 7.33 8.58
C CYS A 52 3.19 8.28 7.71
N SER A 53 2.49 9.09 6.92
CA SER A 53 3.14 10.04 6.02
C SER A 53 4.29 10.76 6.73
N GLU A 54 4.01 11.29 7.92
CA GLU A 54 5.02 12.00 8.69
C GLU A 54 6.20 11.09 9.01
N ARG A 55 5.94 9.79 9.07
CA ARG A 55 6.98 8.82 9.37
C ARG A 55 7.80 8.50 8.13
N TRP A 56 7.22 8.75 6.96
CA TRP A 56 7.89 8.49 5.69
C TRP A 56 8.93 9.57 5.41
N LYS A 57 8.59 10.81 5.69
CA LYS A 57 9.50 11.93 5.47
C LYS A 57 10.62 11.95 6.50
N THR A 58 10.32 11.44 7.69
CA THR A 58 11.29 11.39 8.77
C THR A 58 12.28 10.25 8.57
N MET A 59 11.81 9.17 7.94
CA MET A 59 12.65 8.01 7.69
C MET A 59 13.83 8.37 6.78
N SER A 60 14.93 7.63 6.93
CA SER A 60 16.13 7.89 6.13
C SER A 60 16.17 6.97 4.91
N GLY A 61 16.81 7.44 3.86
CA GLY A 61 16.91 6.65 2.64
C GLY A 61 17.12 5.18 2.91
N LYS A 62 17.81 4.88 4.01
CA LYS A 62 18.08 3.49 4.39
C LYS A 62 16.78 2.77 4.72
N GLU A 63 16.07 3.26 5.73
CA GLU A 63 14.81 2.66 6.15
C GLU A 63 13.84 2.56 4.98
N LYS A 64 13.86 3.55 4.11
CA LYS A 64 12.98 3.57 2.93
C LYS A 64 13.36 2.46 1.96
N SER A 65 14.66 2.30 1.73
CA SER A 65 15.15 1.27 0.82
C SER A 65 14.28 0.02 0.88
N LYS A 66 14.03 -0.46 2.10
CA LYS A 66 13.21 -1.64 2.31
C LYS A 66 12.05 -1.69 1.32
N PHE A 67 11.32 -0.58 1.24
CA PHE A 67 10.18 -0.49 0.33
C PHE A 67 10.62 0.02 -1.05
N ASP A 68 11.69 0.79 -1.06
CA ASP A 68 12.21 1.33 -2.31
C ASP A 68 12.44 0.24 -3.34
N GLU A 69 12.97 -0.89 -2.88
CA GLU A 69 13.23 -2.02 -3.77
C GLU A 69 11.93 -2.70 -4.19
N MET A 70 11.04 -2.90 -3.22
CA MET A 70 9.76 -3.54 -3.48
C MET A 70 8.95 -2.75 -4.51
N ALA A 71 9.03 -1.43 -4.41
CA ALA A 71 8.31 -0.55 -5.34
C ALA A 71 8.84 -0.71 -6.77
N LYS A 72 10.16 -0.68 -6.91
CA LYS A 72 10.78 -0.82 -8.22
C LYS A 72 10.30 -2.09 -8.92
N ALA A 73 9.84 -3.05 -8.14
CA ALA A 73 9.34 -4.31 -8.68
C ALA A 73 7.82 -4.31 -8.77
N ASP A 74 7.19 -3.36 -8.09
CA ASP A 74 5.74 -3.26 -8.09
C ASP A 74 5.22 -2.90 -9.48
N LYS A 75 6.08 -2.28 -10.28
CA LYS A 75 5.71 -1.88 -11.63
C LYS A 75 5.85 -3.05 -12.60
N VAL A 76 6.96 -3.76 -12.50
CA VAL A 76 7.23 -4.91 -13.36
C VAL A 76 6.37 -6.11 -12.96
N ARG A 77 6.09 -6.22 -11.66
CA ARG A 77 5.30 -7.32 -11.15
C ARG A 77 3.83 -7.18 -11.57
N TYR A 78 3.34 -5.95 -11.54
CA TYR A 78 1.96 -5.67 -11.91
C TYR A 78 1.74 -5.88 -13.41
N ASP A 79 2.67 -5.36 -14.21
CA ASP A 79 2.59 -5.49 -15.66
C ASP A 79 2.35 -6.95 -16.06
N ARG A 80 3.19 -7.84 -15.54
CA ARG A 80 3.07 -9.26 -15.85
C ARG A 80 1.72 -9.80 -15.41
N GLU A 81 1.24 -9.32 -14.26
CA GLU A 81 -0.04 -9.77 -13.73
C GLU A 81 -1.18 -9.45 -14.71
N MET A 82 -1.15 -8.25 -15.27
CA MET A 82 -2.17 -7.83 -16.22
C MET A 82 -2.18 -8.73 -17.45
N LYS A 83 -0.99 -9.20 -17.83
CA LYS A 83 -0.86 -10.08 -18.99
C LYS A 83 -1.81 -11.28 -18.88
N ASP A 84 -1.96 -11.79 -17.67
CA ASP A 84 -2.83 -12.94 -17.43
C ASP A 84 -4.29 -12.51 -17.42
N TYR A 85 -4.59 -11.41 -16.72
CA TYR A 85 -5.94 -10.91 -16.62
C TYR A 85 -6.49 -10.55 -18.01
N GLY A 86 -5.80 -9.65 -18.70
CA GLY A 86 -6.22 -9.24 -20.02
C GLY A 86 -5.15 -9.45 -21.07
N GLY A 1 -4.79 15.70 -9.62
CA GLY A 1 -3.58 15.21 -9.00
C GLY A 1 -3.33 13.74 -9.28
N SER A 2 -2.76 13.04 -8.30
CA SER A 2 -2.47 11.62 -8.46
C SER A 2 -3.45 10.77 -7.66
N SER A 3 -4.01 9.75 -8.31
CA SER A 3 -4.98 8.87 -7.66
C SER A 3 -4.49 7.42 -7.70
N GLY A 4 -4.47 6.78 -6.54
CA GLY A 4 -4.02 5.40 -6.46
C GLY A 4 -5.15 4.42 -6.71
N SER A 5 -4.80 3.15 -6.89
CA SER A 5 -5.79 2.11 -7.15
C SER A 5 -6.83 2.07 -6.03
N SER A 6 -8.11 2.01 -6.41
CA SER A 6 -9.19 1.97 -5.44
C SER A 6 -9.70 0.54 -5.26
N GLY A 7 -10.61 0.36 -4.29
CA GLY A 7 -11.16 -0.95 -4.04
C GLY A 7 -11.00 -1.38 -2.60
N MET A 8 -11.94 -0.96 -1.75
CA MET A 8 -11.90 -1.29 -0.34
C MET A 8 -12.46 -2.70 -0.09
N ALA A 9 -13.28 -3.17 -1.03
CA ALA A 9 -13.88 -4.50 -0.92
C ALA A 9 -13.32 -5.44 -1.98
N LYS A 10 -12.97 -4.88 -3.13
CA LYS A 10 -12.42 -5.67 -4.24
C LYS A 10 -10.92 -5.86 -4.07
N GLY A 11 -10.50 -7.12 -4.07
CA GLY A 11 -9.08 -7.42 -3.92
C GLY A 11 -8.81 -8.91 -3.81
N ASP A 12 -7.87 -9.40 -4.61
CA ASP A 12 -7.51 -10.81 -4.61
C ASP A 12 -6.12 -11.03 -5.20
N PRO A 13 -5.44 -12.09 -4.74
CA PRO A 13 -4.10 -12.44 -5.21
C PRO A 13 -4.10 -12.93 -6.66
N LYS A 14 -5.25 -13.39 -7.11
CA LYS A 14 -5.38 -13.89 -8.48
C LYS A 14 -5.25 -12.75 -9.49
N LYS A 15 -5.83 -11.61 -9.17
CA LYS A 15 -5.77 -10.44 -10.05
C LYS A 15 -4.84 -9.37 -9.47
N PRO A 16 -4.10 -8.69 -10.35
CA PRO A 16 -3.17 -7.63 -9.95
C PRO A 16 -3.89 -6.39 -9.44
N LYS A 17 -3.49 -5.91 -8.27
CA LYS A 17 -4.10 -4.72 -7.67
C LYS A 17 -3.29 -3.47 -8.01
N GLY A 18 -3.46 -3.00 -9.24
CA GLY A 18 -2.74 -1.81 -9.67
C GLY A 18 -1.29 -1.80 -9.22
N LYS A 19 -0.66 -0.64 -9.29
CA LYS A 19 0.74 -0.50 -8.88
C LYS A 19 0.85 0.29 -7.58
N MET A 20 1.68 -0.20 -6.67
CA MET A 20 1.89 0.47 -5.38
C MET A 20 3.30 1.03 -5.29
N SER A 21 3.40 2.29 -4.89
CA SER A 21 4.69 2.95 -4.74
C SER A 21 5.30 2.68 -3.37
N ALA A 22 6.62 2.74 -3.29
CA ALA A 22 7.32 2.51 -2.03
C ALA A 22 6.54 3.06 -0.85
N TYR A 23 6.01 4.28 -1.01
CA TYR A 23 5.23 4.92 0.03
C TYR A 23 4.03 4.05 0.45
N ALA A 24 3.18 3.74 -0.53
CA ALA A 24 2.01 2.91 -0.28
C ALA A 24 2.36 1.71 0.58
N PHE A 25 3.33 0.92 0.11
CA PHE A 25 3.75 -0.27 0.83
C PHE A 25 3.87 0.00 2.32
N PHE A 26 4.54 1.09 2.67
CA PHE A 26 4.73 1.48 4.07
C PHE A 26 3.38 1.60 4.77
N VAL A 27 2.46 2.34 4.17
CA VAL A 27 1.14 2.55 4.74
C VAL A 27 0.42 1.20 4.93
N GLN A 28 0.56 0.32 3.95
CA GLN A 28 -0.08 -0.99 4.01
C GLN A 28 0.49 -1.82 5.15
N THR A 29 1.81 -1.87 5.24
CA THR A 29 2.48 -2.64 6.28
C THR A 29 2.08 -2.15 7.67
N CYS A 30 2.21 -0.84 7.89
CA CYS A 30 1.85 -0.25 9.18
C CYS A 30 0.44 -0.64 9.58
N ARG A 31 -0.47 -0.65 8.62
CA ARG A 31 -1.86 -1.01 8.88
C ARG A 31 -1.96 -2.42 9.45
N GLU A 32 -1.34 -3.38 8.75
CA GLU A 32 -1.36 -4.77 9.19
C GLU A 32 -0.79 -4.91 10.59
N GLU A 33 0.26 -4.15 10.88
CA GLU A 33 0.90 -4.19 12.18
C GLU A 33 -0.03 -3.66 13.27
N HIS A 34 -0.88 -2.71 12.89
CA HIS A 34 -1.83 -2.11 13.83
C HIS A 34 -2.94 -3.09 14.17
N LYS A 35 -3.43 -3.81 13.18
CA LYS A 35 -4.49 -4.78 13.38
C LYS A 35 -3.95 -6.05 14.05
N LYS A 36 -2.91 -6.61 13.47
CA LYS A 36 -2.29 -7.82 14.01
C LYS A 36 -2.15 -7.73 15.52
N LYS A 37 -2.02 -6.50 16.03
CA LYS A 37 -1.88 -6.27 17.46
C LYS A 37 -3.21 -5.85 18.08
N ASN A 38 -3.79 -4.77 17.55
CA ASN A 38 -5.06 -4.26 18.05
C ASN A 38 -6.18 -4.52 17.04
N PRO A 39 -6.56 -5.80 16.90
CA PRO A 39 -7.63 -6.20 15.97
C PRO A 39 -9.00 -5.75 16.43
N GLU A 40 -9.13 -5.49 17.74
CA GLU A 40 -10.40 -5.03 18.30
C GLU A 40 -10.54 -3.53 18.18
N VAL A 41 -9.41 -2.84 18.08
CA VAL A 41 -9.41 -1.38 17.96
C VAL A 41 -9.37 -0.95 16.49
N PRO A 42 -10.27 -0.02 16.13
CA PRO A 42 -10.37 0.49 14.76
C PRO A 42 -9.17 1.37 14.39
N VAL A 43 -9.17 1.87 13.16
CA VAL A 43 -8.08 2.71 12.68
C VAL A 43 -8.62 3.87 11.84
N ASN A 44 -8.54 5.08 12.39
CA ASN A 44 -9.01 6.28 11.70
C ASN A 44 -8.15 6.57 10.47
N PHE A 45 -8.42 5.86 9.38
CA PHE A 45 -7.67 6.06 8.14
C PHE A 45 -7.27 7.52 7.97
N ALA A 46 -8.24 8.41 8.05
CA ALA A 46 -7.98 9.84 7.91
C ALA A 46 -6.75 10.25 8.70
N GLU A 47 -6.66 9.78 9.94
CA GLU A 47 -5.53 10.10 10.80
C GLU A 47 -4.36 9.17 10.54
N PHE A 48 -4.61 7.87 10.66
CA PHE A 48 -3.56 6.87 10.43
C PHE A 48 -2.70 7.24 9.23
N SER A 49 -3.32 7.89 8.24
CA SER A 49 -2.59 8.31 7.04
C SER A 49 -1.77 9.56 7.30
N LYS A 50 -2.36 10.51 8.03
CA LYS A 50 -1.68 11.76 8.35
C LYS A 50 -0.35 11.49 9.06
N LYS A 51 -0.27 10.37 9.77
CA LYS A 51 0.94 10.00 10.48
C LYS A 51 1.82 9.12 9.61
N CYS A 52 1.20 8.28 8.79
CA CYS A 52 1.93 7.38 7.91
C CYS A 52 2.73 8.17 6.87
N SER A 53 2.17 9.27 6.41
CA SER A 53 2.82 10.11 5.41
C SER A 53 4.03 10.82 6.02
N GLU A 54 3.80 11.53 7.13
CA GLU A 54 4.87 12.26 7.80
C GLU A 54 6.00 11.31 8.21
N ARG A 55 5.65 10.05 8.44
CA ARG A 55 6.63 9.05 8.84
C ARG A 55 7.52 8.66 7.67
N TRP A 56 6.94 8.67 6.47
CA TRP A 56 7.68 8.32 5.26
C TRP A 56 8.79 9.33 4.98
N LYS A 57 8.43 10.61 5.00
CA LYS A 57 9.41 11.66 4.76
C LYS A 57 10.46 11.71 5.85
N THR A 58 10.02 11.48 7.09
CA THR A 58 10.94 11.49 8.23
C THR A 58 11.86 10.28 8.22
N MET A 59 11.35 9.16 7.71
CA MET A 59 12.15 7.94 7.63
C MET A 59 13.48 8.19 6.93
N SER A 60 14.44 7.30 7.17
CA SER A 60 15.76 7.43 6.57
C SER A 60 15.89 6.51 5.36
N GLY A 61 16.61 6.98 4.34
CA GLY A 61 16.81 6.19 3.14
C GLY A 61 16.92 4.70 3.44
N LYS A 62 17.64 4.37 4.50
CA LYS A 62 17.83 2.98 4.89
C LYS A 62 16.48 2.31 5.16
N GLU A 63 15.70 2.90 6.06
CA GLU A 63 14.38 2.36 6.41
C GLU A 63 13.50 2.27 5.18
N LYS A 64 13.65 3.21 4.26
CA LYS A 64 12.87 3.24 3.04
C LYS A 64 13.27 2.10 2.11
N SER A 65 14.57 1.90 1.94
CA SER A 65 15.08 0.84 1.08
C SER A 65 14.19 -0.39 1.16
N LYS A 66 13.85 -0.79 2.37
CA LYS A 66 13.01 -1.96 2.58
C LYS A 66 11.86 -2.00 1.58
N PHE A 67 11.19 -0.86 1.41
CA PHE A 67 10.07 -0.76 0.49
C PHE A 67 10.55 -0.27 -0.88
N ASP A 68 11.66 0.43 -0.89
CA ASP A 68 12.23 0.96 -2.14
C ASP A 68 12.55 -0.17 -3.11
N GLU A 69 12.78 -1.37 -2.56
CA GLU A 69 13.11 -2.53 -3.38
C GLU A 69 11.84 -3.23 -3.83
N MET A 70 10.84 -3.28 -2.96
CA MET A 70 9.58 -3.93 -3.27
C MET A 70 8.85 -3.18 -4.38
N ALA A 71 8.72 -1.88 -4.23
CA ALA A 71 8.04 -1.04 -5.22
C ALA A 71 8.67 -1.21 -6.59
N LYS A 72 9.99 -1.11 -6.65
CA LYS A 72 10.72 -1.26 -7.90
C LYS A 72 10.23 -2.47 -8.69
N ALA A 73 9.98 -3.56 -7.98
CA ALA A 73 9.49 -4.79 -8.59
C ALA A 73 7.97 -4.79 -8.70
N ASP A 74 7.34 -3.88 -7.97
CA ASP A 74 5.88 -3.78 -7.99
C ASP A 74 5.39 -3.13 -9.27
N LYS A 75 6.27 -2.39 -9.94
CA LYS A 75 5.93 -1.72 -11.18
C LYS A 75 6.12 -2.63 -12.37
N VAL A 76 7.16 -3.47 -12.31
CA VAL A 76 7.47 -4.41 -13.39
C VAL A 76 6.59 -5.65 -13.30
N ARG A 77 6.29 -6.07 -12.07
CA ARG A 77 5.45 -7.24 -11.86
C ARG A 77 4.03 -6.99 -12.34
N TYR A 78 3.49 -5.82 -12.01
CA TYR A 78 2.13 -5.46 -12.40
C TYR A 78 2.01 -5.39 -13.93
N ASP A 79 2.96 -4.71 -14.55
CA ASP A 79 2.96 -4.57 -16.01
C ASP A 79 2.71 -5.92 -16.69
N ARG A 80 3.55 -6.90 -16.36
CA ARG A 80 3.43 -8.23 -16.94
C ARG A 80 2.09 -8.87 -16.54
N GLU A 81 1.68 -8.62 -15.31
CA GLU A 81 0.42 -9.18 -14.81
C GLU A 81 -0.76 -8.73 -15.66
N MET A 82 -0.72 -7.47 -16.09
CA MET A 82 -1.79 -6.92 -16.93
C MET A 82 -1.74 -7.51 -18.34
N LYS A 83 -0.55 -7.96 -18.74
CA LYS A 83 -0.37 -8.55 -20.06
C LYS A 83 -1.02 -9.93 -20.15
N ASP A 84 -0.94 -10.69 -19.06
CA ASP A 84 -1.52 -12.01 -19.01
C ASP A 84 -3.01 -11.94 -18.69
N TYR A 85 -3.36 -11.07 -17.76
CA TYR A 85 -4.76 -10.91 -17.35
C TYR A 85 -5.61 -10.41 -18.52
N GLY A 86 -5.17 -9.31 -19.15
CA GLY A 86 -5.90 -8.76 -20.26
C GLY A 86 -5.10 -7.72 -21.01
N GLY A 1 -12.10 13.92 -20.17
CA GLY A 1 -11.86 12.51 -20.42
C GLY A 1 -13.05 11.64 -20.05
N SER A 2 -12.77 10.46 -19.49
CA SER A 2 -13.82 9.54 -19.09
C SER A 2 -13.78 9.29 -17.59
N SER A 3 -14.77 9.84 -16.89
CA SER A 3 -14.86 9.68 -15.44
C SER A 3 -15.78 8.54 -15.06
N GLY A 4 -15.26 7.57 -14.32
CA GLY A 4 -16.06 6.43 -13.90
C GLY A 4 -17.09 6.79 -12.86
N SER A 5 -17.21 5.96 -11.83
CA SER A 5 -18.17 6.20 -10.76
C SER A 5 -17.82 5.36 -9.53
N SER A 6 -17.42 6.04 -8.46
CA SER A 6 -17.06 5.38 -7.22
C SER A 6 -18.25 5.25 -6.29
N GLY A 7 -18.82 4.04 -6.21
CA GLY A 7 -19.97 3.82 -5.35
C GLY A 7 -20.07 2.38 -4.89
N MET A 8 -21.20 1.75 -5.18
CA MET A 8 -21.43 0.36 -4.79
C MET A 8 -20.23 -0.51 -5.17
N ALA A 9 -19.90 -0.52 -6.45
CA ALA A 9 -18.78 -1.31 -6.94
C ALA A 9 -17.58 -0.43 -7.26
N LYS A 10 -16.39 -0.88 -6.86
CA LYS A 10 -15.16 -0.13 -7.10
C LYS A 10 -14.11 -1.00 -7.78
N GLY A 11 -13.76 -0.65 -9.01
CA GLY A 11 -12.76 -1.41 -9.75
C GLY A 11 -13.31 -2.73 -10.27
N ASP A 12 -12.45 -3.52 -10.89
CA ASP A 12 -12.85 -4.81 -11.44
C ASP A 12 -12.02 -5.94 -10.84
N PRO A 13 -12.67 -7.09 -10.60
CA PRO A 13 -12.00 -8.26 -10.03
C PRO A 13 -11.01 -8.90 -11.00
N LYS A 14 -11.34 -8.87 -12.29
CA LYS A 14 -10.47 -9.44 -13.31
C LYS A 14 -9.19 -8.63 -13.46
N LYS A 15 -9.34 -7.31 -13.48
CA LYS A 15 -8.18 -6.42 -13.62
C LYS A 15 -7.16 -6.69 -12.52
N PRO A 16 -5.88 -6.64 -12.88
CA PRO A 16 -4.78 -6.87 -11.94
C PRO A 16 -4.63 -5.73 -10.92
N LYS A 17 -4.34 -6.09 -9.68
CA LYS A 17 -4.18 -5.10 -8.62
C LYS A 17 -3.04 -4.14 -8.95
N GLY A 18 -3.37 -2.85 -9.06
CA GLY A 18 -2.37 -1.86 -9.36
C GLY A 18 -1.11 -2.02 -8.53
N LYS A 19 0.05 -1.87 -9.16
CA LYS A 19 1.33 -2.00 -8.47
C LYS A 19 1.45 -0.97 -7.36
N MET A 20 1.89 -1.42 -6.18
CA MET A 20 2.05 -0.53 -5.04
C MET A 20 3.37 0.23 -5.12
N SER A 21 3.48 1.29 -4.34
CA SER A 21 4.70 2.10 -4.33
C SER A 21 5.34 2.11 -2.95
N ALA A 22 6.65 2.31 -2.91
CA ALA A 22 7.39 2.33 -1.65
C ALA A 22 6.54 2.93 -0.54
N TYR A 23 6.01 4.12 -0.78
CA TYR A 23 5.18 4.80 0.21
C TYR A 23 4.01 3.92 0.64
N ALA A 24 3.14 3.60 -0.31
CA ALA A 24 1.97 2.77 -0.03
C ALA A 24 2.36 1.57 0.84
N PHE A 25 3.46 0.91 0.48
CA PHE A 25 3.93 -0.25 1.22
C PHE A 25 4.11 0.09 2.70
N PHE A 26 4.60 1.29 2.97
CA PHE A 26 4.83 1.74 4.34
C PHE A 26 3.51 1.85 5.10
N VAL A 27 2.50 2.40 4.43
CA VAL A 27 1.18 2.57 5.04
C VAL A 27 0.52 1.23 5.28
N GLN A 28 0.63 0.32 4.31
CA GLN A 28 0.04 -1.00 4.41
C GLN A 28 0.71 -1.81 5.52
N THR A 29 2.04 -1.88 5.47
CA THR A 29 2.80 -2.63 6.46
C THR A 29 2.38 -2.25 7.88
N CYS A 30 2.38 -0.96 8.16
CA CYS A 30 1.99 -0.46 9.48
C CYS A 30 0.58 -0.90 9.83
N ARG A 31 -0.31 -0.91 8.83
CA ARG A 31 -1.69 -1.31 9.04
C ARG A 31 -1.78 -2.76 9.50
N GLU A 32 -1.07 -3.64 8.79
CA GLU A 32 -1.08 -5.07 9.13
C GLU A 32 -0.66 -5.29 10.57
N GLU A 33 0.34 -4.53 11.01
CA GLU A 33 0.84 -4.64 12.38
C GLU A 33 -0.20 -4.14 13.38
N HIS A 34 -0.94 -3.11 12.98
CA HIS A 34 -1.97 -2.54 13.85
C HIS A 34 -3.10 -3.55 14.10
N LYS A 35 -3.46 -4.29 13.06
CA LYS A 35 -4.52 -5.29 13.16
C LYS A 35 -4.03 -6.51 13.93
N LYS A 36 -2.83 -6.97 13.61
CA LYS A 36 -2.25 -8.14 14.27
C LYS A 36 -2.25 -7.96 15.78
N LYS A 37 -2.02 -6.72 16.23
CA LYS A 37 -2.01 -6.42 17.65
C LYS A 37 -3.37 -5.95 18.14
N ASN A 38 -3.88 -4.89 17.51
CA ASN A 38 -5.17 -4.34 17.87
C ASN A 38 -6.21 -4.61 16.77
N PRO A 39 -6.57 -5.89 16.61
CA PRO A 39 -7.55 -6.33 15.61
C PRO A 39 -8.96 -5.86 15.94
N GLU A 40 -9.24 -5.69 17.23
CA GLU A 40 -10.55 -5.24 17.68
C GLU A 40 -10.51 -3.78 18.12
N VAL A 41 -9.73 -2.98 17.42
CA VAL A 41 -9.60 -1.56 17.73
C VAL A 41 -9.73 -0.70 16.49
N PRO A 42 -10.50 0.38 16.59
CA PRO A 42 -10.72 1.31 15.47
C PRO A 42 -9.47 2.11 15.13
N VAL A 43 -9.24 2.34 13.84
CA VAL A 43 -8.09 3.10 13.39
C VAL A 43 -8.51 4.28 12.52
N ASN A 44 -8.51 5.47 13.11
CA ASN A 44 -8.88 6.68 12.39
C ASN A 44 -8.02 6.87 11.15
N PHE A 45 -8.35 6.17 10.07
CA PHE A 45 -7.60 6.26 8.83
C PHE A 45 -7.11 7.68 8.60
N ALA A 46 -8.04 8.62 8.51
CA ALA A 46 -7.70 10.02 8.29
C ALA A 46 -6.51 10.43 9.15
N GLU A 47 -6.49 9.96 10.40
CA GLU A 47 -5.40 10.29 11.32
C GLU A 47 -4.22 9.35 11.11
N PHE A 48 -4.43 8.06 11.35
CA PHE A 48 -3.39 7.06 11.19
C PHE A 48 -2.57 7.33 9.93
N SER A 49 -3.20 8.00 8.96
CA SER A 49 -2.55 8.32 7.70
C SER A 49 -1.73 9.60 7.81
N LYS A 50 -2.32 10.61 8.44
CA LYS A 50 -1.64 11.89 8.62
C LYS A 50 -0.27 11.71 9.25
N LYS A 51 -0.12 10.65 10.04
CA LYS A 51 1.15 10.36 10.70
C LYS A 51 2.02 9.46 9.82
N CYS A 52 1.39 8.52 9.13
CA CYS A 52 2.10 7.60 8.26
C CYS A 52 2.83 8.36 7.16
N SER A 53 2.10 9.18 6.41
CA SER A 53 2.69 9.96 5.33
C SER A 53 3.83 10.82 5.83
N GLU A 54 3.52 11.72 6.76
CA GLU A 54 4.52 12.61 7.33
C GLU A 54 5.76 11.82 7.79
N ARG A 55 5.54 10.59 8.22
CA ARG A 55 6.62 9.73 8.69
C ARG A 55 7.49 9.28 7.51
N TRP A 56 6.89 9.16 6.35
CA TRP A 56 7.61 8.74 5.15
C TRP A 56 8.58 9.81 4.70
N LYS A 57 8.06 11.01 4.42
CA LYS A 57 8.88 12.13 3.98
C LYS A 57 10.01 12.40 4.98
N THR A 58 9.70 12.22 6.26
CA THR A 58 10.68 12.46 7.32
C THR A 58 11.75 11.37 7.33
N MET A 59 11.34 10.14 6.99
CA MET A 59 12.27 9.02 6.96
C MET A 59 13.44 9.29 6.03
N SER A 60 14.44 8.43 6.07
CA SER A 60 15.63 8.59 5.24
C SER A 60 15.63 7.56 4.10
N GLY A 61 16.49 7.78 3.12
CA GLY A 61 16.58 6.88 1.99
C GLY A 61 16.69 5.43 2.41
N LYS A 62 17.50 5.18 3.44
CA LYS A 62 17.69 3.83 3.95
C LYS A 62 16.39 3.26 4.49
N GLU A 63 15.77 3.99 5.42
CA GLU A 63 14.52 3.56 6.03
C GLU A 63 13.49 3.20 4.95
N LYS A 64 13.54 3.91 3.83
CA LYS A 64 12.63 3.67 2.73
C LYS A 64 13.07 2.47 1.89
N SER A 65 14.38 2.33 1.73
CA SER A 65 14.94 1.22 0.96
C SER A 65 14.13 -0.06 1.18
N LYS A 66 14.03 -0.47 2.44
CA LYS A 66 13.29 -1.68 2.79
C LYS A 66 12.00 -1.77 2.00
N PHE A 67 11.28 -0.66 1.89
CA PHE A 67 10.03 -0.61 1.14
C PHE A 67 10.29 -0.45 -0.36
N ASP A 68 11.47 0.05 -0.70
CA ASP A 68 11.84 0.26 -2.09
C ASP A 68 11.97 -1.07 -2.82
N GLU A 69 12.85 -1.93 -2.33
CA GLU A 69 13.06 -3.24 -2.93
C GLU A 69 11.74 -3.96 -3.17
N MET A 70 10.86 -3.91 -2.16
CA MET A 70 9.56 -4.56 -2.26
C MET A 70 8.78 -4.04 -3.47
N ALA A 71 8.65 -2.72 -3.56
CA ALA A 71 7.93 -2.10 -4.66
C ALA A 71 8.56 -2.47 -6.01
N LYS A 72 9.89 -2.42 -6.07
CA LYS A 72 10.61 -2.75 -7.29
C LYS A 72 10.04 -4.01 -7.93
N ALA A 73 9.83 -5.04 -7.11
CA ALA A 73 9.29 -6.30 -7.60
C ALA A 73 7.83 -6.16 -7.99
N ASP A 74 7.05 -5.51 -7.13
CA ASP A 74 5.62 -5.31 -7.39
C ASP A 74 5.41 -4.73 -8.79
N LYS A 75 6.22 -3.74 -9.13
CA LYS A 75 6.10 -3.09 -10.44
C LYS A 75 6.23 -4.13 -11.56
N VAL A 76 7.24 -4.98 -11.46
CA VAL A 76 7.47 -6.01 -12.47
C VAL A 76 6.23 -6.87 -12.67
N ARG A 77 5.69 -7.40 -11.57
CA ARG A 77 4.50 -8.23 -11.62
C ARG A 77 3.39 -7.55 -12.41
N TYR A 78 2.98 -6.38 -11.95
CA TYR A 78 1.92 -5.62 -12.61
C TYR A 78 2.20 -5.48 -14.10
N ASP A 79 3.42 -5.04 -14.42
CA ASP A 79 3.82 -4.86 -15.81
C ASP A 79 3.41 -6.07 -16.66
N ARG A 80 3.86 -7.24 -16.25
CA ARG A 80 3.55 -8.48 -16.96
C ARG A 80 2.04 -8.67 -17.07
N GLU A 81 1.34 -8.44 -15.97
CA GLU A 81 -0.11 -8.59 -15.95
C GLU A 81 -0.79 -7.56 -16.84
N MET A 82 -0.06 -6.49 -17.16
CA MET A 82 -0.59 -5.43 -18.01
C MET A 82 -0.45 -5.80 -19.48
N LYS A 83 0.63 -6.51 -19.81
CA LYS A 83 0.88 -6.93 -21.20
C LYS A 83 -0.23 -7.87 -21.68
N ASP A 84 -0.56 -8.87 -20.87
CA ASP A 84 -1.60 -9.82 -21.22
C ASP A 84 -2.97 -9.16 -21.23
N TYR A 85 -3.24 -8.35 -20.21
CA TYR A 85 -4.51 -7.66 -20.10
C TYR A 85 -4.79 -6.82 -21.34
N GLY A 86 -3.94 -5.83 -21.59
CA GLY A 86 -4.10 -4.97 -22.74
C GLY A 86 -2.81 -4.74 -23.48
N GLY A 1 -22.92 8.25 -7.61
CA GLY A 1 -22.53 6.95 -8.09
C GLY A 1 -22.35 6.91 -9.60
N SER A 2 -21.13 6.65 -10.04
CA SER A 2 -20.82 6.59 -11.46
C SER A 2 -20.91 5.15 -11.98
N SER A 3 -20.23 4.24 -11.29
CA SER A 3 -20.23 2.84 -11.68
C SER A 3 -21.61 2.21 -11.47
N GLY A 4 -22.12 2.32 -10.25
CA GLY A 4 -23.42 1.76 -9.94
C GLY A 4 -23.54 1.34 -8.49
N SER A 5 -23.88 0.07 -8.27
CA SER A 5 -24.03 -0.46 -6.92
C SER A 5 -22.69 -0.94 -6.37
N SER A 6 -21.97 -0.03 -5.71
CA SER A 6 -20.67 -0.36 -5.14
C SER A 6 -20.81 -1.29 -3.94
N GLY A 7 -20.02 -2.35 -3.92
CA GLY A 7 -20.08 -3.31 -2.83
C GLY A 7 -18.84 -4.17 -2.75
N MET A 8 -18.84 -5.13 -1.83
CA MET A 8 -17.71 -6.03 -1.66
C MET A 8 -17.22 -6.55 -3.01
N ALA A 9 -18.13 -7.14 -3.77
CA ALA A 9 -17.79 -7.68 -5.09
C ALA A 9 -17.31 -6.58 -6.02
N LYS A 10 -16.01 -6.35 -6.05
CA LYS A 10 -15.42 -5.32 -6.91
C LYS A 10 -15.10 -5.89 -8.29
N GLY A 11 -14.44 -7.05 -8.30
CA GLY A 11 -14.09 -7.68 -9.56
C GLY A 11 -13.39 -9.01 -9.36
N ASP A 12 -13.07 -9.68 -10.47
CA ASP A 12 -12.40 -10.98 -10.41
C ASP A 12 -10.94 -10.81 -10.01
N PRO A 13 -10.40 -11.83 -9.33
CA PRO A 13 -9.00 -11.83 -8.88
C PRO A 13 -8.01 -11.94 -10.03
N LYS A 14 -8.51 -12.32 -11.21
CA LYS A 14 -7.68 -12.46 -12.39
C LYS A 14 -6.98 -11.15 -12.73
N LYS A 15 -7.72 -10.05 -12.59
CA LYS A 15 -7.16 -8.72 -12.87
C LYS A 15 -5.97 -8.43 -11.98
N PRO A 16 -4.93 -7.81 -12.55
CA PRO A 16 -3.72 -7.45 -11.81
C PRO A 16 -3.96 -6.32 -10.81
N LYS A 17 -3.75 -6.62 -9.53
CA LYS A 17 -3.94 -5.63 -8.48
C LYS A 17 -3.14 -4.37 -8.77
N GLY A 18 -3.81 -3.23 -8.73
CA GLY A 18 -3.13 -1.96 -8.98
C GLY A 18 -1.71 -1.95 -8.46
N LYS A 19 -0.85 -1.17 -9.12
CA LYS A 19 0.55 -1.07 -8.72
C LYS A 19 0.71 -0.22 -7.47
N MET A 20 1.45 -0.74 -6.49
CA MET A 20 1.68 -0.02 -5.25
C MET A 20 3.06 0.62 -5.23
N SER A 21 3.14 1.83 -4.70
CA SER A 21 4.40 2.55 -4.63
C SER A 21 5.04 2.42 -3.25
N ALA A 22 6.36 2.43 -3.21
CA ALA A 22 7.09 2.31 -1.94
C ALA A 22 6.32 2.99 -0.80
N TYR A 23 5.88 4.21 -1.04
CA TYR A 23 5.14 4.96 -0.05
C TYR A 23 3.91 4.19 0.44
N ALA A 24 3.07 3.77 -0.51
CA ALA A 24 1.87 3.02 -0.19
C ALA A 24 2.20 1.80 0.67
N PHE A 25 3.21 1.04 0.24
CA PHE A 25 3.62 -0.15 0.97
C PHE A 25 3.79 0.15 2.46
N PHE A 26 4.38 1.29 2.76
CA PHE A 26 4.60 1.71 4.15
C PHE A 26 3.27 1.86 4.89
N VAL A 27 2.37 2.63 4.29
CA VAL A 27 1.06 2.86 4.90
C VAL A 27 0.30 1.55 5.11
N GLN A 28 0.31 0.70 4.08
CA GLN A 28 -0.37 -0.58 4.15
C GLN A 28 0.24 -1.46 5.23
N THR A 29 1.55 -1.69 5.13
CA THR A 29 2.25 -2.52 6.09
C THR A 29 1.97 -2.06 7.52
N CYS A 30 2.13 -0.78 7.77
CA CYS A 30 1.88 -0.21 9.09
C CYS A 30 0.49 -0.55 9.59
N ARG A 31 -0.48 -0.51 8.67
CA ARG A 31 -1.86 -0.82 9.02
C ARG A 31 -1.99 -2.25 9.52
N GLU A 32 -1.48 -3.19 8.73
CA GLU A 32 -1.55 -4.60 9.09
C GLU A 32 -0.91 -4.85 10.45
N GLU A 33 0.18 -4.13 10.72
CA GLU A 33 0.90 -4.27 11.98
C GLU A 33 0.01 -3.85 13.16
N HIS A 34 -0.77 -2.79 12.95
CA HIS A 34 -1.66 -2.29 13.99
C HIS A 34 -2.74 -3.32 14.32
N LYS A 35 -3.51 -3.72 13.31
CA LYS A 35 -4.57 -4.70 13.50
C LYS A 35 -4.02 -6.00 14.07
N LYS A 36 -2.94 -6.49 13.48
CA LYS A 36 -2.31 -7.73 13.93
C LYS A 36 -2.14 -7.73 15.45
N LYS A 37 -1.94 -6.54 16.02
CA LYS A 37 -1.77 -6.41 17.46
C LYS A 37 -3.10 -6.10 18.13
N ASN A 38 -3.71 -4.99 17.76
CA ASN A 38 -4.98 -4.57 18.33
C ASN A 38 -6.11 -4.73 17.32
N PRO A 39 -6.46 -5.99 17.02
CA PRO A 39 -7.52 -6.31 16.06
C PRO A 39 -8.91 -5.96 16.59
N GLU A 40 -8.96 -5.54 17.85
CA GLU A 40 -10.22 -5.17 18.49
C GLU A 40 -10.40 -3.65 18.50
N VAL A 41 -9.28 -2.94 18.40
CA VAL A 41 -9.30 -1.48 18.42
C VAL A 41 -9.33 -0.92 16.99
N PRO A 42 -10.17 0.10 16.77
CA PRO A 42 -10.30 0.74 15.46
C PRO A 42 -9.07 1.55 15.08
N VAL A 43 -9.04 2.04 13.85
CA VAL A 43 -7.92 2.84 13.36
C VAL A 43 -8.40 4.01 12.52
N ASN A 44 -8.35 5.21 13.10
CA ASN A 44 -8.77 6.41 12.40
C ASN A 44 -7.94 6.65 11.15
N PHE A 45 -8.22 5.88 10.10
CA PHE A 45 -7.50 6.02 8.84
C PHE A 45 -7.09 7.47 8.59
N ALA A 46 -8.07 8.36 8.64
CA ALA A 46 -7.83 9.77 8.42
C ALA A 46 -6.57 10.24 9.13
N GLU A 47 -6.48 9.92 10.42
CA GLU A 47 -5.33 10.30 11.23
C GLU A 47 -4.16 9.36 10.97
N PHE A 48 -4.39 8.06 11.17
CA PHE A 48 -3.35 7.06 10.96
C PHE A 48 -2.55 7.36 9.70
N SER A 49 -3.16 8.09 8.78
CA SER A 49 -2.50 8.44 7.52
C SER A 49 -1.62 9.67 7.69
N LYS A 50 -2.18 10.71 8.31
CA LYS A 50 -1.44 11.95 8.54
C LYS A 50 -0.16 11.67 9.31
N LYS A 51 -0.10 10.54 9.99
CA LYS A 51 1.07 10.16 10.77
C LYS A 51 2.02 9.31 9.93
N CYS A 52 1.46 8.55 9.00
CA CYS A 52 2.26 7.68 8.14
C CYS A 52 2.95 8.50 7.05
N SER A 53 2.18 9.32 6.35
CA SER A 53 2.72 10.16 5.28
C SER A 53 3.95 10.92 5.75
N GLU A 54 3.76 11.76 6.77
CA GLU A 54 4.85 12.56 7.32
C GLU A 54 6.04 11.67 7.68
N ARG A 55 5.74 10.48 8.19
CA ARG A 55 6.78 9.53 8.58
C ARG A 55 7.57 9.06 7.37
N TRP A 56 6.95 9.10 6.21
CA TRP A 56 7.60 8.67 4.97
C TRP A 56 8.65 9.68 4.54
N LYS A 57 8.34 10.96 4.69
CA LYS A 57 9.26 12.03 4.31
C LYS A 57 10.37 12.19 5.36
N THR A 58 10.04 11.88 6.61
CA THR A 58 11.01 11.98 7.69
C THR A 58 11.97 10.80 7.69
N MET A 59 11.48 9.64 7.25
CA MET A 59 12.30 8.43 7.19
C MET A 59 13.54 8.66 6.36
N SER A 60 14.47 7.71 6.42
CA SER A 60 15.72 7.82 5.66
C SER A 60 15.79 6.74 4.58
N GLY A 61 16.52 7.03 3.51
CA GLY A 61 16.65 6.08 2.42
C GLY A 61 16.89 4.67 2.91
N LYS A 62 17.55 4.55 4.05
CA LYS A 62 17.84 3.23 4.63
C LYS A 62 16.56 2.55 5.10
N GLU A 63 15.74 3.29 5.83
CA GLU A 63 14.48 2.74 6.34
C GLU A 63 13.47 2.56 5.20
N LYS A 64 13.59 3.39 4.18
CA LYS A 64 12.70 3.31 3.03
C LYS A 64 13.01 2.09 2.17
N SER A 65 14.29 1.85 1.94
CA SER A 65 14.71 0.70 1.13
C SER A 65 13.80 -0.50 1.37
N LYS A 66 13.48 -0.75 2.63
CA LYS A 66 12.61 -1.86 3.00
C LYS A 66 11.44 -1.97 2.03
N PHE A 67 10.76 -0.87 1.80
CA PHE A 67 9.61 -0.84 0.89
C PHE A 67 10.05 -0.48 -0.52
N ASP A 68 11.10 0.33 -0.63
CA ASP A 68 11.61 0.75 -1.93
C ASP A 68 11.88 -0.45 -2.82
N GLU A 69 12.39 -1.53 -2.22
CA GLU A 69 12.69 -2.75 -2.97
C GLU A 69 11.41 -3.50 -3.32
N MET A 70 10.50 -3.61 -2.36
CA MET A 70 9.24 -4.30 -2.56
C MET A 70 8.45 -3.67 -3.71
N ALA A 71 8.36 -2.35 -3.70
CA ALA A 71 7.64 -1.63 -4.75
C ALA A 71 8.27 -1.87 -6.11
N LYS A 72 9.58 -1.65 -6.20
CA LYS A 72 10.31 -1.84 -7.45
C LYS A 72 9.87 -3.13 -8.13
N ALA A 73 9.73 -4.19 -7.35
CA ALA A 73 9.33 -5.49 -7.88
C ALA A 73 7.85 -5.49 -8.24
N ASP A 74 7.03 -4.90 -7.39
CA ASP A 74 5.59 -4.82 -7.62
C ASP A 74 5.29 -4.16 -8.97
N LYS A 75 5.99 -3.06 -9.24
CA LYS A 75 5.80 -2.32 -10.49
C LYS A 75 6.16 -3.20 -11.69
N VAL A 76 7.12 -4.10 -11.50
CA VAL A 76 7.54 -4.99 -12.57
C VAL A 76 6.56 -6.13 -12.77
N ARG A 77 6.27 -6.86 -11.69
CA ARG A 77 5.34 -7.97 -11.75
C ARG A 77 4.03 -7.56 -12.44
N TYR A 78 3.64 -6.32 -12.22
CA TYR A 78 2.41 -5.81 -12.81
C TYR A 78 2.55 -5.66 -14.32
N ASP A 79 3.56 -4.92 -14.75
CA ASP A 79 3.81 -4.70 -16.17
C ASP A 79 3.61 -6.00 -16.95
N ARG A 80 4.19 -7.09 -16.44
CA ARG A 80 4.09 -8.38 -17.10
C ARG A 80 2.63 -8.84 -17.15
N GLU A 81 1.92 -8.66 -16.05
CA GLU A 81 0.52 -9.06 -15.97
C GLU A 81 -0.32 -8.32 -17.01
N MET A 82 -0.01 -7.04 -17.22
CA MET A 82 -0.73 -6.24 -18.19
C MET A 82 -0.55 -6.77 -19.60
N LYS A 83 0.64 -7.32 -19.87
CA LYS A 83 0.95 -7.87 -21.19
C LYS A 83 -0.09 -8.91 -21.60
N ASP A 84 -0.30 -9.91 -20.74
CA ASP A 84 -1.27 -10.96 -21.02
C ASP A 84 -2.69 -10.41 -20.99
N TYR A 85 -2.99 -9.62 -19.96
CA TYR A 85 -4.31 -9.03 -19.82
C TYR A 85 -4.75 -8.33 -21.11
N GLY A 86 -3.98 -7.34 -21.53
CA GLY A 86 -4.29 -6.61 -22.75
C GLY A 86 -3.19 -6.70 -23.77
N GLY A 1 -14.77 10.10 8.66
CA GLY A 1 -16.01 9.43 8.30
C GLY A 1 -15.85 8.49 7.12
N SER A 2 -16.91 8.34 6.34
CA SER A 2 -16.89 7.45 5.19
C SER A 2 -17.16 8.24 3.90
N SER A 3 -16.09 8.50 3.14
CA SER A 3 -16.21 9.24 1.90
C SER A 3 -14.97 9.06 1.03
N GLY A 4 -15.00 9.61 -0.17
CA GLY A 4 -13.87 9.50 -1.08
C GLY A 4 -14.11 8.51 -2.19
N SER A 5 -14.21 9.02 -3.42
CA SER A 5 -14.44 8.16 -4.58
C SER A 5 -13.43 7.03 -4.63
N SER A 6 -13.93 5.79 -4.69
CA SER A 6 -13.07 4.62 -4.75
C SER A 6 -13.02 4.04 -6.16
N GLY A 7 -14.20 3.90 -6.77
CA GLY A 7 -14.27 3.35 -8.11
C GLY A 7 -14.34 1.84 -8.12
N MET A 8 -13.55 1.22 -9.00
CA MET A 8 -13.52 -0.24 -9.10
C MET A 8 -12.71 -0.85 -7.96
N ALA A 9 -13.14 -2.01 -7.49
CA ALA A 9 -12.45 -2.70 -6.41
C ALA A 9 -10.97 -2.87 -6.73
N LYS A 10 -10.13 -2.62 -5.73
CA LYS A 10 -8.68 -2.75 -5.91
C LYS A 10 -8.15 -3.99 -5.19
N GLY A 11 -8.91 -5.08 -5.26
CA GLY A 11 -8.51 -6.30 -4.60
C GLY A 11 -9.36 -7.50 -5.01
N ASP A 12 -8.80 -8.38 -5.82
CA ASP A 12 -9.51 -9.56 -6.29
C ASP A 12 -8.56 -10.72 -6.52
N PRO A 13 -9.09 -11.95 -6.43
CA PRO A 13 -8.29 -13.17 -6.64
C PRO A 13 -7.87 -13.35 -8.09
N LYS A 14 -8.73 -12.94 -9.01
CA LYS A 14 -8.45 -13.05 -10.44
C LYS A 14 -7.62 -11.86 -10.92
N LYS A 15 -7.97 -10.68 -10.43
CA LYS A 15 -7.27 -9.46 -10.83
C LYS A 15 -6.11 -9.17 -9.88
N PRO A 16 -4.98 -8.72 -10.44
CA PRO A 16 -3.78 -8.41 -9.65
C PRO A 16 -3.96 -7.16 -8.79
N LYS A 17 -2.99 -6.91 -7.92
CA LYS A 17 -3.04 -5.74 -7.03
C LYS A 17 -2.44 -4.52 -7.71
N GLY A 18 -3.21 -3.45 -7.79
CA GLY A 18 -2.73 -2.22 -8.40
C GLY A 18 -1.29 -1.92 -8.04
N LYS A 19 -0.64 -1.11 -8.86
CA LYS A 19 0.76 -0.74 -8.62
C LYS A 19 0.85 0.30 -7.51
N MET A 20 1.79 0.09 -6.60
CA MET A 20 1.99 1.01 -5.49
C MET A 20 3.44 1.51 -5.44
N SER A 21 3.67 2.57 -4.67
CA SER A 21 5.01 3.13 -4.55
C SER A 21 5.60 2.84 -3.17
N ALA A 22 6.92 2.90 -3.07
CA ALA A 22 7.60 2.66 -1.81
C ALA A 22 6.85 3.29 -0.64
N TYR A 23 6.36 4.51 -0.85
CA TYR A 23 5.63 5.22 0.19
C TYR A 23 4.42 4.42 0.65
N ALA A 24 3.56 4.07 -0.28
CA ALA A 24 2.35 3.30 0.03
C ALA A 24 2.70 2.07 0.87
N PHE A 25 3.55 1.21 0.33
CA PHE A 25 3.96 -0.01 1.02
C PHE A 25 4.15 0.26 2.52
N PHE A 26 4.89 1.32 2.83
CA PHE A 26 5.14 1.68 4.22
C PHE A 26 3.84 1.86 4.99
N VAL A 27 2.90 2.58 4.39
CA VAL A 27 1.61 2.84 5.01
C VAL A 27 0.80 1.54 5.13
N GLN A 28 0.72 0.81 4.03
CA GLN A 28 -0.03 -0.46 4.00
C GLN A 28 0.47 -1.40 5.08
N THR A 29 1.79 -1.63 5.10
CA THR A 29 2.41 -2.51 6.07
C THR A 29 2.04 -2.10 7.50
N CYS A 30 2.10 -0.81 7.77
CA CYS A 30 1.77 -0.28 9.09
C CYS A 30 0.33 -0.62 9.47
N ARG A 31 -0.56 -0.56 8.48
CA ARG A 31 -1.97 -0.85 8.70
C ARG A 31 -2.16 -2.30 9.17
N GLU A 32 -1.54 -3.23 8.45
CA GLU A 32 -1.64 -4.65 8.78
C GLU A 32 -1.17 -4.90 10.21
N GLU A 33 -0.07 -4.26 10.58
CA GLU A 33 0.48 -4.43 11.92
C GLU A 33 -0.56 -4.07 12.99
N HIS A 34 -1.32 -3.02 12.74
CA HIS A 34 -2.35 -2.58 13.67
C HIS A 34 -3.44 -3.64 13.81
N LYS A 35 -4.16 -3.90 12.73
CA LYS A 35 -5.23 -4.89 12.74
C LYS A 35 -4.74 -6.22 13.31
N LYS A 36 -3.52 -6.60 12.94
CA LYS A 36 -2.93 -7.84 13.41
C LYS A 36 -3.02 -7.95 14.94
N LYS A 37 -2.84 -6.81 15.61
CA LYS A 37 -2.91 -6.77 17.07
C LYS A 37 -4.31 -6.39 17.54
N ASN A 38 -4.78 -5.21 17.12
CA ASN A 38 -6.09 -4.73 17.49
C ASN A 38 -7.06 -4.79 16.31
N PRO A 39 -7.43 -6.02 15.91
CA PRO A 39 -8.35 -6.23 14.79
C PRO A 39 -9.78 -5.79 15.11
N GLU A 40 -10.11 -5.79 16.39
CA GLU A 40 -11.45 -5.39 16.83
C GLU A 40 -11.59 -3.88 16.83
N VAL A 41 -10.48 -3.18 17.05
CA VAL A 41 -10.47 -1.72 17.07
C VAL A 41 -10.23 -1.16 15.68
N PRO A 42 -10.99 -0.10 15.34
CA PRO A 42 -10.88 0.56 14.03
C PRO A 42 -9.57 1.33 13.88
N VAL A 43 -9.29 1.79 12.66
CA VAL A 43 -8.08 2.54 12.39
C VAL A 43 -8.39 3.81 11.60
N ASN A 44 -8.60 4.91 12.33
CA ASN A 44 -8.91 6.20 11.70
C ASN A 44 -7.84 6.56 10.66
N PHE A 45 -8.03 6.05 9.45
CA PHE A 45 -7.08 6.32 8.36
C PHE A 45 -6.58 7.76 8.43
N ALA A 46 -7.51 8.70 8.56
CA ALA A 46 -7.16 10.11 8.64
C ALA A 46 -5.99 10.34 9.59
N GLU A 47 -6.08 9.75 10.78
CA GLU A 47 -5.04 9.89 11.78
C GLU A 47 -3.89 8.93 11.50
N PHE A 48 -4.21 7.64 11.41
CA PHE A 48 -3.20 6.62 11.14
C PHE A 48 -2.18 7.11 10.11
N SER A 49 -2.67 7.84 9.11
CA SER A 49 -1.82 8.35 8.06
C SER A 49 -0.95 9.50 8.57
N LYS A 50 -1.58 10.42 9.29
CA LYS A 50 -0.87 11.58 9.84
C LYS A 50 0.39 11.14 10.57
N LYS A 51 0.34 9.96 11.17
CA LYS A 51 1.48 9.42 11.90
C LYS A 51 2.45 8.73 10.96
N CYS A 52 1.92 8.16 9.88
CA CYS A 52 2.75 7.46 8.90
C CYS A 52 3.32 8.44 7.88
N SER A 53 2.43 9.05 7.10
CA SER A 53 2.85 10.01 6.08
C SER A 53 4.03 10.84 6.57
N GLU A 54 3.90 11.39 7.77
CA GLU A 54 4.97 12.21 8.35
C GLU A 54 6.23 11.38 8.59
N ARG A 55 6.03 10.13 9.03
CA ARG A 55 7.15 9.23 9.30
C ARG A 55 7.86 8.85 8.01
N TRP A 56 7.19 9.04 6.88
CA TRP A 56 7.76 8.71 5.59
C TRP A 56 8.73 9.79 5.13
N LYS A 57 8.38 11.04 5.37
CA LYS A 57 9.22 12.16 4.99
C LYS A 57 10.41 12.30 5.94
N THR A 58 10.18 11.97 7.21
CA THR A 58 11.23 12.05 8.22
C THR A 58 12.17 10.86 8.14
N MET A 59 11.84 9.91 7.26
CA MET A 59 12.67 8.73 7.09
C MET A 59 13.84 8.99 6.14
N SER A 60 14.89 8.21 6.27
CA SER A 60 16.08 8.37 5.44
C SER A 60 16.01 7.47 4.21
N GLY A 61 16.82 7.78 3.21
CA GLY A 61 16.84 6.99 1.99
C GLY A 61 17.00 5.50 2.26
N LYS A 62 17.79 5.18 3.28
CA LYS A 62 18.03 3.79 3.64
C LYS A 62 16.74 3.12 4.15
N GLU A 63 16.09 3.76 5.11
CA GLU A 63 14.85 3.24 5.67
C GLU A 63 13.82 2.99 4.58
N LYS A 64 13.76 3.90 3.61
CA LYS A 64 12.82 3.79 2.50
C LYS A 64 13.24 2.67 1.55
N SER A 65 14.55 2.47 1.42
CA SER A 65 15.08 1.44 0.54
C SER A 65 14.25 0.17 0.64
N LYS A 66 14.07 -0.34 1.86
CA LYS A 66 13.31 -1.55 2.08
C LYS A 66 12.02 -1.54 1.27
N PHE A 67 11.33 -0.41 1.27
CA PHE A 67 10.08 -0.27 0.54
C PHE A 67 10.35 0.12 -0.92
N ASP A 68 11.55 0.62 -1.18
CA ASP A 68 11.94 1.01 -2.53
C ASP A 68 12.06 -0.20 -3.44
N GLU A 69 12.78 -1.22 -2.96
CA GLU A 69 12.97 -2.44 -3.74
C GLU A 69 11.65 -3.15 -3.99
N MET A 70 10.78 -3.13 -2.99
CA MET A 70 9.47 -3.77 -3.11
C MET A 70 8.62 -3.07 -4.16
N ALA A 71 8.56 -1.75 -4.09
CA ALA A 71 7.78 -0.95 -5.04
C ALA A 71 8.24 -1.21 -6.47
N LYS A 72 9.54 -1.10 -6.70
CA LYS A 72 10.10 -1.33 -8.03
C LYS A 72 9.58 -2.62 -8.63
N ALA A 73 9.65 -3.70 -7.86
CA ALA A 73 9.18 -5.00 -8.33
C ALA A 73 7.69 -4.96 -8.65
N ASP A 74 6.90 -4.47 -7.70
CA ASP A 74 5.46 -4.38 -7.89
C ASP A 74 5.12 -3.86 -9.29
N LYS A 75 5.88 -2.87 -9.74
CA LYS A 75 5.66 -2.28 -11.06
C LYS A 75 5.85 -3.32 -12.15
N VAL A 76 6.88 -4.14 -12.02
CA VAL A 76 7.16 -5.19 -13.00
C VAL A 76 6.13 -6.31 -12.92
N ARG A 77 5.99 -6.88 -11.73
CA ARG A 77 5.04 -7.96 -11.52
C ARG A 77 3.68 -7.62 -12.11
N TYR A 78 3.31 -6.35 -12.01
CA TYR A 78 2.02 -5.89 -12.53
C TYR A 78 2.05 -5.82 -14.06
N ASP A 79 3.09 -5.20 -14.61
CA ASP A 79 3.22 -5.08 -16.05
C ASP A 79 2.95 -6.41 -16.74
N ARG A 80 3.56 -7.47 -16.22
CA ARG A 80 3.39 -8.80 -16.79
C ARG A 80 2.01 -9.37 -16.44
N GLU A 81 1.70 -9.38 -15.14
CA GLU A 81 0.42 -9.91 -14.68
C GLU A 81 -0.73 -9.36 -15.52
N MET A 82 -0.65 -8.08 -15.88
CA MET A 82 -1.67 -7.44 -16.69
C MET A 82 -1.56 -7.87 -18.15
N LYS A 83 -0.36 -8.22 -18.57
CA LYS A 83 -0.11 -8.65 -19.93
C LYS A 83 -0.76 -10.01 -20.20
N ASP A 84 -0.92 -10.80 -19.15
CA ASP A 84 -1.53 -12.12 -19.27
C ASP A 84 -3.03 -12.04 -19.03
N TYR A 85 -3.44 -11.16 -18.13
CA TYR A 85 -4.85 -11.00 -17.81
C TYR A 85 -5.63 -10.48 -19.01
N GLY A 86 -5.11 -9.43 -19.65
CA GLY A 86 -5.76 -8.85 -20.80
C GLY A 86 -4.81 -8.68 -21.97
N GLY A 1 2.83 15.77 -7.88
CA GLY A 1 1.59 16.50 -7.71
C GLY A 1 0.48 15.62 -7.15
N SER A 2 -0.52 16.26 -6.55
CA SER A 2 -1.64 15.54 -5.96
C SER A 2 -2.90 15.72 -6.78
N SER A 3 -3.28 14.68 -7.53
CA SER A 3 -4.46 14.74 -8.37
C SER A 3 -5.42 13.60 -8.03
N GLY A 4 -6.63 13.67 -8.57
CA GLY A 4 -7.63 12.65 -8.31
C GLY A 4 -7.62 11.55 -9.36
N SER A 5 -8.20 10.41 -9.02
CA SER A 5 -8.26 9.28 -9.94
C SER A 5 -9.64 8.63 -9.92
N SER A 6 -10.29 8.60 -11.07
CA SER A 6 -11.62 8.01 -11.18
C SER A 6 -11.66 6.62 -10.54
N GLY A 7 -12.86 6.09 -10.39
CA GLY A 7 -13.01 4.77 -9.80
C GLY A 7 -12.68 3.65 -10.76
N MET A 8 -11.83 2.73 -10.32
CA MET A 8 -11.44 1.60 -11.16
C MET A 8 -12.13 0.32 -10.72
N ALA A 9 -13.34 0.10 -11.25
CA ALA A 9 -14.11 -1.09 -10.91
C ALA A 9 -13.24 -2.33 -10.90
N LYS A 10 -13.22 -3.03 -9.77
CA LYS A 10 -12.42 -4.24 -9.63
C LYS A 10 -13.17 -5.30 -8.82
N GLY A 11 -12.82 -6.56 -9.04
CA GLY A 11 -13.47 -7.65 -8.32
C GLY A 11 -13.36 -8.97 -9.05
N ASP A 12 -12.13 -9.36 -9.39
CA ASP A 12 -11.89 -10.62 -10.09
C ASP A 12 -10.40 -10.88 -10.23
N PRO A 13 -10.01 -12.16 -10.12
CA PRO A 13 -8.61 -12.57 -10.23
C PRO A 13 -8.08 -12.44 -11.65
N LYS A 14 -8.84 -12.93 -12.62
CA LYS A 14 -8.45 -12.87 -14.01
C LYS A 14 -7.67 -11.58 -14.31
N LYS A 15 -8.19 -10.46 -13.80
CA LYS A 15 -7.55 -9.16 -14.00
C LYS A 15 -6.56 -8.87 -12.87
N PRO A 16 -5.40 -8.29 -13.24
CA PRO A 16 -4.35 -7.94 -12.27
C PRO A 16 -4.76 -6.79 -11.37
N LYS A 17 -4.15 -6.72 -10.19
CA LYS A 17 -4.44 -5.66 -9.23
C LYS A 17 -3.44 -4.52 -9.35
N GLY A 18 -3.95 -3.30 -9.45
CA GLY A 18 -3.09 -2.14 -9.56
C GLY A 18 -1.83 -2.27 -8.74
N LYS A 19 -0.70 -1.83 -9.30
CA LYS A 19 0.57 -1.90 -8.61
C LYS A 19 0.70 -0.79 -7.58
N MET A 20 1.30 -1.13 -6.44
CA MET A 20 1.49 -0.15 -5.36
C MET A 20 2.89 0.44 -5.40
N SER A 21 3.07 1.57 -4.72
CA SER A 21 4.37 2.23 -4.68
C SER A 21 5.05 2.01 -3.34
N ALA A 22 6.39 2.01 -3.34
CA ALA A 22 7.16 1.79 -2.13
C ALA A 22 6.48 2.46 -0.93
N TYR A 23 6.03 3.69 -1.12
CA TYR A 23 5.37 4.43 -0.04
C TYR A 23 4.16 3.66 0.48
N ALA A 24 3.38 3.11 -0.43
CA ALA A 24 2.19 2.34 -0.06
C ALA A 24 2.56 1.18 0.87
N PHE A 25 3.49 0.36 0.44
CA PHE A 25 3.93 -0.79 1.23
C PHE A 25 4.16 -0.39 2.69
N PHE A 26 4.74 0.79 2.88
CA PHE A 26 5.01 1.29 4.23
C PHE A 26 3.71 1.47 5.02
N VAL A 27 2.71 2.03 4.36
CA VAL A 27 1.41 2.25 4.99
C VAL A 27 0.73 0.93 5.32
N GLN A 28 0.71 0.03 4.35
CA GLN A 28 0.08 -1.27 4.53
C GLN A 28 0.67 -2.01 5.74
N THR A 29 1.99 -1.93 5.88
CA THR A 29 2.68 -2.58 6.98
C THR A 29 2.26 -1.97 8.32
N CYS A 30 2.37 -0.66 8.43
CA CYS A 30 1.99 0.04 9.66
C CYS A 30 0.59 -0.35 10.11
N ARG A 31 -0.31 -0.51 9.14
CA ARG A 31 -1.68 -0.88 9.44
C ARG A 31 -1.74 -2.26 10.09
N GLU A 32 -1.17 -3.25 9.43
CA GLU A 32 -1.17 -4.62 9.94
C GLU A 32 -0.60 -4.66 11.35
N GLU A 33 0.39 -3.81 11.62
CA GLU A 33 1.02 -3.76 12.93
C GLU A 33 0.02 -3.29 13.99
N HIS A 34 -0.80 -2.30 13.64
CA HIS A 34 -1.80 -1.77 14.57
C HIS A 34 -2.81 -2.86 14.94
N LYS A 35 -3.27 -3.60 13.94
CA LYS A 35 -4.24 -4.66 14.18
C LYS A 35 -3.64 -5.78 15.00
N LYS A 36 -2.37 -6.10 14.72
CA LYS A 36 -1.67 -7.16 15.45
C LYS A 36 -1.85 -6.99 16.96
N LYS A 37 -1.89 -5.75 17.41
CA LYS A 37 -2.05 -5.44 18.83
C LYS A 37 -3.51 -5.16 19.17
N ASN A 38 -4.10 -4.20 18.45
CA ASN A 38 -5.50 -3.84 18.67
C ASN A 38 -6.37 -4.28 17.50
N PRO A 39 -6.56 -5.60 17.36
CA PRO A 39 -7.37 -6.19 16.29
C PRO A 39 -8.85 -5.89 16.47
N GLU A 40 -9.23 -5.45 17.66
CA GLU A 40 -10.62 -5.13 17.95
C GLU A 40 -10.80 -3.63 18.20
N VAL A 41 -10.01 -2.84 17.50
CA VAL A 41 -10.07 -1.39 17.63
C VAL A 41 -10.06 -0.70 16.28
N PRO A 42 -10.89 0.34 16.12
CA PRO A 42 -10.99 1.10 14.87
C PRO A 42 -9.75 1.93 14.59
N VAL A 43 -9.49 2.20 13.32
CA VAL A 43 -8.32 2.99 12.92
C VAL A 43 -8.71 4.07 11.93
N ASN A 44 -8.99 5.27 12.45
CA ASN A 44 -9.37 6.40 11.60
C ASN A 44 -8.36 6.61 10.48
N PHE A 45 -8.55 5.89 9.38
CA PHE A 45 -7.65 6.00 8.24
C PHE A 45 -7.13 7.42 8.08
N ALA A 46 -8.05 8.39 8.17
CA ALA A 46 -7.68 9.80 8.04
C ALA A 46 -6.52 10.14 8.96
N GLU A 47 -6.71 9.96 10.26
CA GLU A 47 -5.68 10.25 11.24
C GLU A 47 -4.48 9.32 11.06
N PHE A 48 -4.74 8.02 11.06
CA PHE A 48 -3.68 7.03 10.91
C PHE A 48 -2.72 7.42 9.79
N SER A 49 -3.23 7.48 8.57
CA SER A 49 -2.41 7.84 7.42
C SER A 49 -1.52 9.05 7.74
N LYS A 50 -2.11 10.06 8.35
CA LYS A 50 -1.38 11.27 8.72
C LYS A 50 -0.10 10.92 9.45
N LYS A 51 -0.16 9.88 10.29
CA LYS A 51 1.00 9.45 11.05
C LYS A 51 1.96 8.65 10.18
N CYS A 52 1.43 7.99 9.16
CA CYS A 52 2.23 7.19 8.24
C CYS A 52 2.90 8.08 7.19
N SER A 53 2.08 8.68 6.34
CA SER A 53 2.59 9.55 5.29
C SER A 53 3.67 10.48 5.82
N GLU A 54 3.36 11.18 6.92
CA GLU A 54 4.31 12.11 7.53
C GLU A 54 5.60 11.39 7.90
N ARG A 55 5.50 10.11 8.22
CA ARG A 55 6.66 9.31 8.59
C ARG A 55 7.44 8.89 7.36
N TRP A 56 6.76 8.81 6.22
CA TRP A 56 7.39 8.40 4.97
C TRP A 56 8.39 9.45 4.52
N LYS A 57 7.99 10.71 4.53
CA LYS A 57 8.85 11.81 4.12
C LYS A 57 9.99 12.01 5.12
N THR A 58 9.71 11.75 6.39
CA THR A 58 10.71 11.89 7.44
C THR A 58 11.74 10.78 7.38
N MET A 59 11.30 9.60 6.95
CA MET A 59 12.19 8.44 6.85
C MET A 59 13.35 8.74 5.90
N SER A 60 14.41 7.95 6.02
CA SER A 60 15.59 8.13 5.18
C SER A 60 15.73 6.98 4.18
N GLY A 61 16.44 7.24 3.09
CA GLY A 61 16.64 6.22 2.08
C GLY A 61 17.02 4.88 2.68
N LYS A 62 17.77 4.91 3.78
CA LYS A 62 18.20 3.68 4.44
C LYS A 62 17.01 2.91 4.98
N GLU A 63 16.06 3.62 5.59
CA GLU A 63 14.87 2.99 6.15
C GLU A 63 13.85 2.69 5.03
N LYS A 64 13.84 3.53 4.01
CA LYS A 64 12.93 3.36 2.89
C LYS A 64 13.31 2.15 2.04
N SER A 65 14.62 1.98 1.83
CA SER A 65 15.12 0.87 1.03
C SER A 65 14.27 -0.38 1.25
N LYS A 66 13.97 -0.67 2.52
CA LYS A 66 13.17 -1.84 2.88
C LYS A 66 11.98 -1.98 1.92
N PHE A 67 11.26 -0.88 1.71
CA PHE A 67 10.10 -0.89 0.83
C PHE A 67 10.50 -0.55 -0.60
N ASP A 68 11.58 0.23 -0.74
CA ASP A 68 12.07 0.62 -2.05
C ASP A 68 12.26 -0.61 -2.95
N GLU A 69 12.82 -1.66 -2.38
CA GLU A 69 13.07 -2.89 -3.13
C GLU A 69 11.76 -3.57 -3.52
N MET A 70 10.89 -3.77 -2.54
CA MET A 70 9.60 -4.40 -2.77
C MET A 70 8.85 -3.71 -3.90
N ALA A 71 8.96 -2.38 -3.95
CA ALA A 71 8.30 -1.59 -4.98
C ALA A 71 8.91 -1.87 -6.35
N LYS A 72 10.23 -1.84 -6.43
CA LYS A 72 10.94 -2.08 -7.68
C LYS A 72 10.32 -3.25 -8.43
N ALA A 73 9.85 -4.25 -7.70
CA ALA A 73 9.23 -5.43 -8.29
C ALA A 73 7.74 -5.21 -8.48
N ASP A 74 7.12 -4.51 -7.54
CA ASP A 74 5.69 -4.24 -7.60
C ASP A 74 5.28 -3.80 -9.01
N LYS A 75 6.08 -2.93 -9.61
CA LYS A 75 5.80 -2.43 -10.95
C LYS A 75 5.99 -3.54 -11.99
N VAL A 76 7.08 -4.29 -11.87
CA VAL A 76 7.36 -5.38 -12.80
C VAL A 76 6.23 -6.41 -12.79
N ARG A 77 5.75 -6.76 -11.61
CA ARG A 77 4.68 -7.73 -11.48
C ARG A 77 3.46 -7.30 -12.29
N TYR A 78 2.90 -6.15 -11.94
CA TYR A 78 1.72 -5.63 -12.64
C TYR A 78 2.05 -5.32 -14.10
N ASP A 79 3.04 -4.46 -14.31
CA ASP A 79 3.45 -4.07 -15.66
C ASP A 79 3.36 -5.27 -16.61
N ARG A 80 4.10 -6.33 -16.30
CA ARG A 80 4.10 -7.53 -17.12
C ARG A 80 2.70 -8.13 -17.22
N GLU A 81 1.93 -7.98 -16.14
CA GLU A 81 0.57 -8.52 -16.11
C GLU A 81 -0.35 -7.72 -17.03
N MET A 82 -0.04 -6.43 -17.19
CA MET A 82 -0.83 -5.56 -18.05
C MET A 82 -0.61 -5.89 -19.52
N LYS A 83 0.58 -6.37 -19.84
CA LYS A 83 0.92 -6.72 -21.22
C LYS A 83 0.02 -7.84 -21.73
N ASP A 84 -0.25 -8.82 -20.88
CA ASP A 84 -1.11 -9.94 -21.25
C ASP A 84 -2.57 -9.51 -21.32
N TYR A 85 -3.01 -8.76 -20.31
CA TYR A 85 -4.39 -8.28 -20.25
C TYR A 85 -4.68 -7.35 -21.43
N GLY A 86 -3.93 -6.26 -21.51
CA GLY A 86 -4.13 -5.30 -22.58
C GLY A 86 -2.83 -4.90 -23.25
N GLY A 1 -11.54 6.32 -9.18
CA GLY A 1 -11.79 5.01 -8.63
C GLY A 1 -13.15 4.46 -9.03
N SER A 2 -13.87 3.92 -8.05
CA SER A 2 -15.20 3.36 -8.30
C SER A 2 -16.07 4.35 -9.07
N SER A 3 -16.44 3.97 -10.29
CA SER A 3 -17.27 4.82 -11.13
C SER A 3 -18.67 4.98 -10.53
N GLY A 4 -19.13 6.22 -10.43
CA GLY A 4 -20.45 6.48 -9.88
C GLY A 4 -20.43 6.63 -8.37
N SER A 5 -21.61 6.69 -7.77
CA SER A 5 -21.72 6.84 -6.33
C SER A 5 -21.80 5.48 -5.64
N SER A 6 -20.75 5.13 -4.90
CA SER A 6 -20.70 3.86 -4.19
C SER A 6 -21.06 2.70 -5.13
N GLY A 7 -20.76 2.89 -6.41
CA GLY A 7 -21.05 1.85 -7.39
C GLY A 7 -20.18 0.63 -7.22
N MET A 8 -20.73 -0.55 -7.52
CA MET A 8 -20.00 -1.79 -7.39
C MET A 8 -18.59 -1.66 -7.99
N ALA A 9 -17.74 -2.63 -7.69
CA ALA A 9 -16.37 -2.62 -8.20
C ALA A 9 -15.70 -3.97 -7.99
N LYS A 10 -15.42 -4.66 -9.08
CA LYS A 10 -14.77 -5.97 -9.01
C LYS A 10 -13.90 -6.21 -10.24
N GLY A 11 -13.02 -7.20 -10.15
CA GLY A 11 -12.13 -7.51 -11.26
C GLY A 11 -11.96 -9.00 -11.47
N ASP A 12 -11.07 -9.38 -12.38
CA ASP A 12 -10.82 -10.79 -12.67
C ASP A 12 -9.50 -11.24 -12.04
N PRO A 13 -9.45 -12.53 -11.65
CA PRO A 13 -8.26 -13.11 -11.04
C PRO A 13 -7.11 -13.27 -12.02
N LYS A 14 -7.36 -12.90 -13.28
CA LYS A 14 -6.34 -12.99 -14.32
C LYS A 14 -5.51 -11.71 -14.38
N LYS A 15 -6.20 -10.58 -14.46
CA LYS A 15 -5.55 -9.28 -14.53
C LYS A 15 -4.56 -9.10 -13.38
N PRO A 16 -3.49 -8.34 -13.62
CA PRO A 16 -2.45 -8.07 -12.62
C PRO A 16 -2.95 -7.18 -11.49
N LYS A 17 -2.79 -7.66 -10.25
CA LYS A 17 -3.23 -6.92 -9.08
C LYS A 17 -2.61 -5.51 -9.07
N GLY A 18 -3.46 -4.51 -8.91
CA GLY A 18 -2.98 -3.13 -8.88
C GLY A 18 -1.65 -3.00 -8.17
N LYS A 19 -0.67 -2.44 -8.88
CA LYS A 19 0.66 -2.24 -8.32
C LYS A 19 0.67 -1.12 -7.29
N MET A 20 1.43 -1.31 -6.21
CA MET A 20 1.53 -0.31 -5.16
C MET A 20 2.91 0.32 -5.12
N SER A 21 3.00 1.52 -4.59
CA SER A 21 4.28 2.24 -4.49
C SER A 21 4.87 2.09 -3.10
N ALA A 22 6.19 2.26 -3.02
CA ALA A 22 6.89 2.15 -1.74
C ALA A 22 6.12 2.83 -0.63
N TYR A 23 5.54 3.99 -0.94
CA TYR A 23 4.77 4.75 0.04
C TYR A 23 3.54 3.96 0.49
N ALA A 24 2.73 3.52 -0.48
CA ALA A 24 1.53 2.76 -0.19
C ALA A 24 1.85 1.56 0.70
N PHE A 25 2.82 0.76 0.28
CA PHE A 25 3.22 -0.43 1.03
C PHE A 25 3.41 -0.10 2.51
N PHE A 26 4.04 1.05 2.77
CA PHE A 26 4.29 1.47 4.15
C PHE A 26 2.97 1.65 4.91
N VAL A 27 1.96 2.15 4.22
CA VAL A 27 0.65 2.36 4.83
C VAL A 27 -0.03 1.03 5.14
N GLN A 28 -0.06 0.14 4.15
CA GLN A 28 -0.68 -1.17 4.31
C GLN A 28 0.01 -1.96 5.41
N THR A 29 1.34 -1.94 5.41
CA THR A 29 2.12 -2.66 6.41
C THR A 29 1.81 -2.16 7.81
N CYS A 30 2.03 -0.88 8.04
CA CYS A 30 1.76 -0.28 9.34
C CYS A 30 0.39 -0.68 9.87
N ARG A 31 -0.60 -0.66 8.99
CA ARG A 31 -1.96 -1.03 9.36
C ARG A 31 -2.02 -2.44 9.91
N GLU A 32 -1.51 -3.40 9.12
CA GLU A 32 -1.50 -4.79 9.53
C GLU A 32 -0.81 -4.97 10.88
N GLU A 33 0.24 -4.18 11.10
CA GLU A 33 1.00 -4.25 12.35
C GLU A 33 0.20 -3.64 13.50
N HIS A 34 -0.50 -2.55 13.22
CA HIS A 34 -1.31 -1.88 14.23
C HIS A 34 -2.32 -2.84 14.85
N LYS A 35 -2.90 -3.69 14.01
CA LYS A 35 -3.89 -4.66 14.47
C LYS A 35 -3.22 -5.78 15.27
N LYS A 36 -2.06 -6.22 14.80
CA LYS A 36 -1.32 -7.28 15.47
C LYS A 36 -1.12 -6.96 16.95
N LYS A 37 -0.92 -5.68 17.25
CA LYS A 37 -0.71 -5.24 18.62
C LYS A 37 -2.02 -4.75 19.24
N ASN A 38 -2.68 -3.82 18.55
CA ASN A 38 -3.94 -3.27 19.03
C ASN A 38 -5.10 -3.72 18.13
N PRO A 39 -5.40 -5.03 18.15
CA PRO A 39 -6.48 -5.61 17.35
C PRO A 39 -7.86 -5.18 17.84
N GLU A 40 -7.92 -4.70 19.09
CA GLU A 40 -9.17 -4.27 19.68
C GLU A 40 -9.21 -2.74 19.81
N VAL A 41 -8.47 -2.06 18.94
CA VAL A 41 -8.42 -0.60 18.97
C VAL A 41 -8.75 -0.02 17.60
N PRO A 42 -9.63 0.98 17.57
CA PRO A 42 -10.03 1.65 16.33
C PRO A 42 -8.91 2.49 15.73
N VAL A 43 -8.79 2.43 14.41
CA VAL A 43 -7.76 3.19 13.71
C VAL A 43 -8.38 4.19 12.74
N ASN A 44 -8.46 5.44 13.17
CA ASN A 44 -9.03 6.51 12.35
C ASN A 44 -8.19 6.73 11.09
N PHE A 45 -8.50 5.98 10.04
CA PHE A 45 -7.77 6.10 8.78
C PHE A 45 -7.38 7.54 8.51
N ALA A 46 -8.34 8.46 8.69
CA ALA A 46 -8.10 9.87 8.47
C ALA A 46 -6.83 10.34 9.17
N GLU A 47 -6.68 9.94 10.43
CA GLU A 47 -5.50 10.32 11.21
C GLU A 47 -4.31 9.43 10.85
N PHE A 48 -4.48 8.13 11.03
CA PHE A 48 -3.42 7.17 10.74
C PHE A 48 -2.73 7.52 9.43
N SER A 49 -3.52 7.87 8.41
CA SER A 49 -2.98 8.22 7.11
C SER A 49 -2.18 9.52 7.18
N LYS A 50 -2.80 10.56 7.74
CA LYS A 50 -2.16 11.85 7.87
C LYS A 50 -0.73 11.70 8.40
N LYS A 51 -0.53 10.70 9.25
CA LYS A 51 0.79 10.44 9.82
C LYS A 51 1.61 9.51 8.92
N CYS A 52 0.91 8.65 8.19
CA CYS A 52 1.57 7.71 7.29
C CYS A 52 2.41 8.45 6.25
N SER A 53 1.84 9.50 5.67
CA SER A 53 2.53 10.30 4.66
C SER A 53 3.68 11.07 5.28
N GLU A 54 3.38 11.84 6.31
CA GLU A 54 4.39 12.64 6.99
C GLU A 54 5.51 11.75 7.54
N ARG A 55 5.18 10.50 7.79
CA ARG A 55 6.16 9.54 8.32
C ARG A 55 7.05 9.00 7.20
N TRP A 56 6.49 8.88 6.01
CA TRP A 56 7.24 8.38 4.86
C TRP A 56 8.39 9.32 4.51
N LYS A 57 8.09 10.61 4.44
CA LYS A 57 9.11 11.61 4.11
C LYS A 57 10.20 11.64 5.18
N THR A 58 9.83 11.34 6.41
CA THR A 58 10.79 11.32 7.52
C THR A 58 11.64 10.05 7.49
N MET A 59 11.07 8.97 6.97
CA MET A 59 11.78 7.70 6.89
C MET A 59 13.01 7.82 5.99
N SER A 60 14.04 7.04 6.30
CA SER A 60 15.27 7.07 5.53
C SER A 60 15.36 5.85 4.60
N GLY A 61 16.23 5.94 3.60
CA GLY A 61 16.39 4.83 2.67
C GLY A 61 16.54 3.50 3.38
N LYS A 62 17.23 3.51 4.51
CA LYS A 62 17.45 2.29 5.29
C LYS A 62 16.12 1.66 5.70
N GLU A 63 15.12 2.50 5.91
CA GLU A 63 13.79 2.03 6.30
C GLU A 63 12.92 1.80 5.08
N LYS A 64 12.90 2.76 4.17
CA LYS A 64 12.10 2.65 2.95
C LYS A 64 12.46 1.40 2.17
N SER A 65 13.75 1.03 2.19
CA SER A 65 14.22 -0.14 1.48
C SER A 65 13.17 -1.25 1.51
N LYS A 66 12.82 -1.69 2.71
CA LYS A 66 11.83 -2.74 2.88
C LYS A 66 10.69 -2.59 1.87
N PHE A 67 10.14 -1.39 1.79
CA PHE A 67 9.05 -1.12 0.85
C PHE A 67 9.59 -0.66 -0.49
N ASP A 68 10.88 -0.36 -0.54
CA ASP A 68 11.53 0.09 -1.77
C ASP A 68 11.67 -1.06 -2.77
N GLU A 69 11.95 -2.25 -2.25
CA GLU A 69 12.12 -3.43 -3.09
C GLU A 69 10.77 -4.01 -3.50
N MET A 70 9.84 -4.07 -2.54
CA MET A 70 8.51 -4.60 -2.80
C MET A 70 7.82 -3.80 -3.90
N ALA A 71 7.89 -2.48 -3.81
CA ALA A 71 7.27 -1.60 -4.79
C ALA A 71 7.97 -1.71 -6.14
N LYS A 72 9.30 -1.64 -6.12
CA LYS A 72 10.09 -1.74 -7.34
C LYS A 72 9.71 -2.97 -8.14
N ALA A 73 9.45 -4.07 -7.44
CA ALA A 73 9.07 -5.32 -8.09
C ALA A 73 7.59 -5.33 -8.45
N ASP A 74 6.77 -4.83 -7.54
CA ASP A 74 5.33 -4.77 -7.77
C ASP A 74 5.00 -3.99 -9.03
N LYS A 75 5.70 -2.88 -9.23
CA LYS A 75 5.49 -2.04 -10.41
C LYS A 75 5.91 -2.77 -11.68
N VAL A 76 7.07 -3.43 -11.63
CA VAL A 76 7.58 -4.17 -12.78
C VAL A 76 6.65 -5.32 -13.16
N ARG A 77 6.28 -6.13 -12.16
CA ARG A 77 5.39 -7.25 -12.39
C ARG A 77 4.13 -6.81 -13.13
N TYR A 78 3.55 -5.71 -12.69
CA TYR A 78 2.34 -5.18 -13.31
C TYR A 78 2.60 -4.76 -14.75
N ASP A 79 3.66 -3.98 -14.95
CA ASP A 79 4.03 -3.51 -16.28
C ASP A 79 4.16 -4.68 -17.25
N ARG A 80 4.85 -5.73 -16.82
CA ARG A 80 5.05 -6.90 -17.66
C ARG A 80 3.71 -7.60 -17.94
N GLU A 81 2.91 -7.77 -16.90
CA GLU A 81 1.61 -8.42 -17.04
C GLU A 81 0.69 -7.62 -17.96
N MET A 82 0.79 -6.29 -17.88
CA MET A 82 -0.02 -5.42 -18.71
C MET A 82 0.29 -5.61 -20.19
N LYS A 83 1.54 -5.96 -20.48
CA LYS A 83 1.97 -6.18 -21.87
C LYS A 83 1.19 -7.33 -22.49
N ASP A 84 1.16 -8.47 -21.80
CA ASP A 84 0.45 -9.64 -22.30
C ASP A 84 -1.06 -9.47 -22.16
N TYR A 85 -1.49 -8.93 -21.03
CA TYR A 85 -2.91 -8.70 -20.78
C TYR A 85 -3.52 -7.83 -21.87
N GLY A 86 -3.02 -6.60 -22.00
CA GLY A 86 -3.52 -5.69 -23.01
C GLY A 86 -2.42 -4.97 -23.74
N GLY A 1 -4.65 0.38 -14.70
CA GLY A 1 -5.98 0.79 -14.34
C GLY A 1 -6.00 1.65 -13.09
N SER A 2 -7.13 2.31 -12.84
CA SER A 2 -7.27 3.18 -11.67
C SER A 2 -8.42 2.70 -10.79
N SER A 3 -8.28 2.94 -9.48
CA SER A 3 -9.31 2.53 -8.52
C SER A 3 -10.70 2.76 -9.09
N GLY A 4 -11.42 1.66 -9.35
CA GLY A 4 -12.76 1.77 -9.89
C GLY A 4 -13.52 0.45 -9.79
N SER A 5 -13.75 -0.01 -8.56
CA SER A 5 -14.46 -1.26 -8.34
C SER A 5 -15.65 -1.04 -7.41
N SER A 6 -16.85 -1.08 -7.98
CA SER A 6 -18.07 -0.89 -7.20
C SER A 6 -18.03 -1.71 -5.92
N GLY A 7 -18.79 -1.27 -4.92
CA GLY A 7 -18.83 -1.98 -3.65
C GLY A 7 -19.09 -3.46 -3.83
N MET A 8 -18.58 -4.26 -2.90
CA MET A 8 -18.77 -5.71 -2.96
C MET A 8 -18.22 -6.28 -4.26
N ALA A 9 -17.06 -5.78 -4.67
CA ALA A 9 -16.43 -6.24 -5.91
C ALA A 9 -15.78 -7.60 -5.71
N LYS A 10 -15.53 -8.30 -6.82
CA LYS A 10 -14.91 -9.61 -6.77
C LYS A 10 -13.42 -9.53 -7.09
N GLY A 11 -12.59 -9.87 -6.11
CA GLY A 11 -11.15 -9.84 -6.31
C GLY A 11 -10.56 -11.20 -6.60
N ASP A 12 -10.31 -11.47 -7.87
CA ASP A 12 -9.74 -12.75 -8.29
C ASP A 12 -8.24 -12.79 -8.02
N PRO A 13 -7.74 -13.98 -7.63
CA PRO A 13 -6.32 -14.18 -7.33
C PRO A 13 -5.45 -14.11 -8.58
N LYS A 14 -6.09 -13.96 -9.73
CA LYS A 14 -5.37 -13.88 -11.00
C LYS A 14 -5.14 -12.42 -11.40
N LYS A 15 -6.18 -11.61 -11.28
CA LYS A 15 -6.09 -10.20 -11.63
C LYS A 15 -5.00 -9.51 -10.81
N PRO A 16 -4.21 -8.64 -11.48
CA PRO A 16 -3.12 -7.90 -10.83
C PRO A 16 -3.64 -6.84 -9.86
N LYS A 17 -2.95 -6.68 -8.74
CA LYS A 17 -3.34 -5.70 -7.73
C LYS A 17 -2.80 -4.33 -8.09
N GLY A 18 -3.65 -3.31 -7.97
CA GLY A 18 -3.23 -1.95 -8.29
C GLY A 18 -1.79 -1.69 -7.91
N LYS A 19 -1.07 -0.99 -8.78
CA LYS A 19 0.33 -0.67 -8.54
C LYS A 19 0.47 0.36 -7.43
N MET A 20 1.40 0.11 -6.50
CA MET A 20 1.63 1.02 -5.39
C MET A 20 3.09 1.47 -5.35
N SER A 21 3.34 2.59 -4.68
CA SER A 21 4.69 3.13 -4.58
C SER A 21 5.26 2.89 -3.19
N ALA A 22 6.59 2.93 -3.08
CA ALA A 22 7.26 2.72 -1.81
C ALA A 22 6.47 3.32 -0.66
N TYR A 23 6.04 4.56 -0.82
CA TYR A 23 5.27 5.26 0.20
C TYR A 23 4.01 4.47 0.55
N ALA A 24 3.32 4.00 -0.48
CA ALA A 24 2.08 3.24 -0.28
C ALA A 24 2.35 1.99 0.55
N PHE A 25 3.35 1.21 0.15
CA PHE A 25 3.70 -0.02 0.86
C PHE A 25 3.86 0.25 2.35
N PHE A 26 4.66 1.26 2.69
CA PHE A 26 4.90 1.62 4.08
C PHE A 26 3.58 1.79 4.83
N VAL A 27 2.58 2.31 4.14
CA VAL A 27 1.27 2.53 4.73
C VAL A 27 0.58 1.21 5.06
N GLN A 28 0.44 0.36 4.05
CA GLN A 28 -0.20 -0.95 4.23
C GLN A 28 0.42 -1.69 5.41
N THR A 29 1.74 -1.73 5.46
CA THR A 29 2.45 -2.42 6.52
C THR A 29 2.09 -1.83 7.88
N CYS A 30 2.40 -0.56 8.08
CA CYS A 30 2.11 0.13 9.33
C CYS A 30 0.71 -0.21 9.82
N ARG A 31 -0.21 -0.43 8.87
CA ARG A 31 -1.58 -0.76 9.21
C ARG A 31 -1.69 -2.17 9.77
N GLU A 32 -1.06 -3.12 9.09
CA GLU A 32 -1.08 -4.52 9.52
C GLU A 32 -0.57 -4.65 10.95
N GLU A 33 0.45 -3.87 11.28
CA GLU A 33 1.03 -3.91 12.62
C GLU A 33 0.01 -3.48 13.67
N HIS A 34 -0.80 -2.48 13.32
CA HIS A 34 -1.82 -1.97 14.23
C HIS A 34 -2.91 -3.01 14.47
N LYS A 35 -3.24 -3.76 13.42
CA LYS A 35 -4.26 -4.79 13.51
C LYS A 35 -3.71 -6.04 14.18
N LYS A 36 -2.40 -6.26 14.03
CA LYS A 36 -1.75 -7.42 14.62
C LYS A 36 -1.80 -7.36 16.14
N LYS A 37 -1.78 -6.15 16.69
CA LYS A 37 -1.84 -5.96 18.13
C LYS A 37 -3.25 -5.58 18.59
N ASN A 38 -3.83 -4.59 17.91
CA ASN A 38 -5.17 -4.13 18.24
C ASN A 38 -6.13 -4.38 17.07
N PRO A 39 -6.41 -5.66 16.79
CA PRO A 39 -7.31 -6.04 15.71
C PRO A 39 -8.77 -5.69 16.00
N GLU A 40 -9.10 -5.61 17.29
CA GLU A 40 -10.46 -5.28 17.70
C GLU A 40 -10.72 -3.78 17.54
N VAL A 41 -9.70 -2.97 17.77
CA VAL A 41 -9.82 -1.52 17.66
C VAL A 41 -9.69 -1.09 16.21
N PRO A 42 -10.62 -0.22 15.78
CA PRO A 42 -10.63 0.31 14.40
C PRO A 42 -9.48 1.26 14.14
N VAL A 43 -9.12 1.41 12.87
CA VAL A 43 -8.04 2.29 12.47
C VAL A 43 -8.54 3.42 11.58
N ASN A 44 -8.60 4.63 12.14
CA ASN A 44 -9.05 5.80 11.40
C ASN A 44 -8.09 6.13 10.27
N PHE A 45 -8.28 5.48 9.12
CA PHE A 45 -7.43 5.72 7.97
C PHE A 45 -7.11 7.20 7.82
N ALA A 46 -8.14 8.03 7.86
CA ALA A 46 -7.97 9.48 7.74
C ALA A 46 -6.80 9.97 8.58
N GLU A 47 -6.76 9.55 9.85
CA GLU A 47 -5.70 9.95 10.76
C GLU A 47 -4.47 9.05 10.57
N PHE A 48 -4.66 7.75 10.75
CA PHE A 48 -3.56 6.80 10.61
C PHE A 48 -2.66 7.17 9.43
N SER A 49 -3.25 7.83 8.44
CA SER A 49 -2.49 8.25 7.26
C SER A 49 -1.67 9.49 7.55
N LYS A 50 -2.29 10.48 8.19
CA LYS A 50 -1.62 11.73 8.54
C LYS A 50 -0.28 11.45 9.21
N LYS A 51 -0.19 10.31 9.90
CA LYS A 51 1.04 9.94 10.59
C LYS A 51 1.97 9.16 9.66
N CYS A 52 1.40 8.57 8.62
CA CYS A 52 2.17 7.80 7.65
C CYS A 52 3.08 8.71 6.84
N SER A 53 2.53 9.84 6.39
CA SER A 53 3.29 10.79 5.58
C SER A 53 4.48 11.33 6.38
N GLU A 54 4.20 11.87 7.56
CA GLU A 54 5.24 12.44 8.41
C GLU A 54 6.31 11.38 8.73
N ARG A 55 5.87 10.13 8.82
CA ARG A 55 6.77 9.03 9.14
C ARG A 55 7.63 8.67 7.93
N TRP A 56 7.11 8.96 6.73
CA TRP A 56 7.83 8.68 5.49
C TRP A 56 8.92 9.71 5.24
N LYS A 57 8.55 10.98 5.37
CA LYS A 57 9.50 12.08 5.16
C LYS A 57 10.60 12.06 6.22
N THR A 58 10.23 11.70 7.44
CA THR A 58 11.18 11.64 8.54
C THR A 58 12.07 10.42 8.44
N MET A 59 11.58 9.38 7.75
CA MET A 59 12.33 8.15 7.58
C MET A 59 13.53 8.37 6.65
N SER A 60 14.60 7.61 6.90
CA SER A 60 15.82 7.73 6.10
C SER A 60 15.79 6.75 4.93
N GLY A 61 16.68 6.97 3.96
CA GLY A 61 16.74 6.09 2.81
C GLY A 61 16.83 4.63 3.19
N LYS A 62 17.38 4.36 4.38
CA LYS A 62 17.52 3.00 4.87
C LYS A 62 16.17 2.39 5.21
N GLU A 63 15.38 3.14 6.00
CA GLU A 63 14.06 2.68 6.40
C GLU A 63 13.11 2.61 5.20
N LYS A 64 13.46 3.32 4.14
CA LYS A 64 12.65 3.34 2.92
C LYS A 64 13.06 2.22 1.98
N SER A 65 14.37 2.03 1.83
CA SER A 65 14.89 0.99 0.94
C SER A 65 14.02 -0.26 1.00
N LYS A 66 13.75 -0.71 2.23
CA LYS A 66 12.94 -1.92 2.44
C LYS A 66 11.75 -1.93 1.47
N PHE A 67 11.04 -0.81 1.40
CA PHE A 67 9.88 -0.71 0.52
C PHE A 67 10.30 -0.29 -0.89
N ASP A 68 11.46 0.35 -0.98
CA ASP A 68 11.98 0.80 -2.27
C ASP A 68 12.17 -0.37 -3.23
N GLU A 69 12.60 -1.50 -2.68
CA GLU A 69 12.82 -2.70 -3.48
C GLU A 69 11.50 -3.40 -3.80
N MET A 70 10.55 -3.31 -2.86
CA MET A 70 9.25 -3.93 -3.04
C MET A 70 8.44 -3.21 -4.10
N ALA A 71 8.61 -1.89 -4.19
CA ALA A 71 7.90 -1.09 -5.17
C ALA A 71 8.30 -1.46 -6.58
N LYS A 72 9.58 -1.76 -6.78
CA LYS A 72 10.08 -2.14 -8.09
C LYS A 72 9.46 -3.45 -8.56
N ALA A 73 9.36 -4.41 -7.65
CA ALA A 73 8.78 -5.71 -7.99
C ALA A 73 7.29 -5.58 -8.30
N ASP A 74 6.66 -4.57 -7.71
CA ASP A 74 5.23 -4.34 -7.93
C ASP A 74 4.98 -3.82 -9.35
N LYS A 75 6.00 -3.21 -9.94
CA LYS A 75 5.88 -2.67 -11.29
C LYS A 75 6.14 -3.76 -12.33
N VAL A 76 7.18 -4.56 -12.11
CA VAL A 76 7.52 -5.64 -13.02
C VAL A 76 6.45 -6.71 -13.03
N ARG A 77 5.83 -6.93 -11.88
CA ARG A 77 4.78 -7.93 -11.75
C ARG A 77 3.49 -7.47 -12.43
N TYR A 78 3.09 -6.24 -12.15
CA TYR A 78 1.87 -5.68 -12.73
C TYR A 78 2.04 -5.48 -14.24
N ASP A 79 3.22 -5.01 -14.65
CA ASP A 79 3.50 -4.78 -16.06
C ASP A 79 3.18 -6.02 -16.89
N ARG A 80 3.74 -7.16 -16.50
CA ARG A 80 3.51 -8.42 -17.20
C ARG A 80 2.04 -8.83 -17.10
N GLU A 81 1.56 -8.96 -15.88
CA GLU A 81 0.17 -9.35 -15.65
C GLU A 81 -0.79 -8.49 -16.45
N MET A 82 -0.29 -7.34 -16.92
CA MET A 82 -1.10 -6.43 -17.72
C MET A 82 -1.05 -6.79 -19.20
N LYS A 83 0.12 -7.21 -19.66
CA LYS A 83 0.31 -7.60 -21.05
C LYS A 83 -0.34 -8.95 -21.33
N ASP A 84 -0.64 -9.68 -20.26
CA ASP A 84 -1.26 -11.00 -20.40
C ASP A 84 -2.77 -10.91 -20.21
N TYR A 85 -3.21 -9.91 -19.44
CA TYR A 85 -4.62 -9.72 -19.17
C TYR A 85 -5.29 -8.94 -20.30
N GLY A 86 -4.62 -7.90 -20.77
CA GLY A 86 -5.15 -7.09 -21.84
C GLY A 86 -4.13 -6.78 -22.91
N GLY A 1 -12.21 15.05 2.83
CA GLY A 1 -12.47 15.98 1.75
C GLY A 1 -11.80 15.58 0.45
N SER A 2 -11.92 14.29 0.10
CA SER A 2 -11.32 13.77 -1.12
C SER A 2 -12.39 13.34 -2.11
N SER A 3 -12.11 13.52 -3.40
CA SER A 3 -13.04 13.17 -4.45
C SER A 3 -12.32 12.88 -5.76
N GLY A 4 -12.48 11.67 -6.28
CA GLY A 4 -11.83 11.30 -7.53
C GLY A 4 -11.73 9.80 -7.70
N SER A 5 -12.88 9.14 -7.77
CA SER A 5 -12.92 7.68 -7.93
C SER A 5 -13.60 7.31 -9.25
N SER A 6 -13.23 6.15 -9.78
CA SER A 6 -13.79 5.66 -11.03
C SER A 6 -14.85 4.59 -10.79
N GLY A 7 -14.53 3.65 -9.90
CA GLY A 7 -15.46 2.58 -9.59
C GLY A 7 -16.04 2.71 -8.18
N MET A 8 -17.20 2.10 -7.98
CA MET A 8 -17.86 2.14 -6.68
C MET A 8 -17.13 1.26 -5.67
N ALA A 9 -16.76 0.05 -6.10
CA ALA A 9 -16.07 -0.89 -5.24
C ALA A 9 -14.56 -0.86 -5.51
N LYS A 10 -13.89 0.14 -4.97
CA LYS A 10 -12.45 0.28 -5.14
C LYS A 10 -11.74 -1.04 -4.88
N GLY A 11 -10.67 -1.30 -5.63
CA GLY A 11 -9.91 -2.53 -5.46
C GLY A 11 -10.73 -3.75 -5.82
N ASP A 12 -10.46 -4.31 -7.00
CA ASP A 12 -11.18 -5.49 -7.46
C ASP A 12 -10.22 -6.67 -7.65
N PRO A 13 -10.73 -7.89 -7.45
CA PRO A 13 -9.94 -9.11 -7.60
C PRO A 13 -9.56 -9.40 -9.04
N LYS A 14 -10.56 -9.36 -9.93
CA LYS A 14 -10.34 -9.62 -11.35
C LYS A 14 -9.21 -8.75 -11.88
N LYS A 15 -9.17 -7.50 -11.44
CA LYS A 15 -8.13 -6.57 -11.87
C LYS A 15 -6.94 -6.59 -10.92
N PRO A 16 -5.73 -6.54 -11.48
CA PRO A 16 -4.49 -6.55 -10.69
C PRO A 16 -4.28 -5.26 -9.91
N LYS A 17 -3.88 -5.39 -8.66
CA LYS A 17 -3.65 -4.23 -7.80
C LYS A 17 -2.72 -3.22 -8.48
N GLY A 18 -3.23 -2.03 -8.74
CA GLY A 18 -2.43 -0.99 -9.37
C GLY A 18 -1.01 -0.93 -8.82
N LYS A 19 -0.12 -0.30 -9.57
CA LYS A 19 1.27 -0.17 -9.16
C LYS A 19 1.38 0.62 -7.87
N MET A 20 1.85 -0.03 -6.81
CA MET A 20 2.00 0.61 -5.51
C MET A 20 3.40 1.18 -5.35
N SER A 21 3.49 2.39 -4.81
CA SER A 21 4.78 3.04 -4.61
C SER A 21 5.32 2.76 -3.21
N ALA A 22 6.64 2.83 -3.07
CA ALA A 22 7.28 2.58 -1.79
C ALA A 22 6.49 3.22 -0.64
N TYR A 23 6.02 4.44 -0.87
CA TYR A 23 5.26 5.15 0.15
C TYR A 23 4.05 4.33 0.59
N ALA A 24 3.30 3.81 -0.37
CA ALA A 24 2.12 3.00 -0.08
C ALA A 24 2.48 1.81 0.80
N PHE A 25 3.38 0.97 0.31
CA PHE A 25 3.80 -0.21 1.05
C PHE A 25 3.97 0.10 2.53
N PHE A 26 4.57 1.26 2.82
CA PHE A 26 4.79 1.67 4.20
C PHE A 26 3.46 1.79 4.95
N VAL A 27 2.51 2.48 4.34
CA VAL A 27 1.20 2.67 4.95
C VAL A 27 0.46 1.34 5.10
N GLN A 28 0.40 0.57 4.02
CA GLN A 28 -0.26 -0.71 4.04
C GLN A 28 0.34 -1.63 5.10
N THR A 29 1.67 -1.72 5.11
CA THR A 29 2.36 -2.55 6.07
C THR A 29 1.99 -2.18 7.50
N CYS A 30 2.25 -0.93 7.88
CA CYS A 30 1.93 -0.46 9.22
C CYS A 30 0.49 -0.78 9.59
N ARG A 31 -0.41 -0.67 8.61
CA ARG A 31 -1.81 -0.96 8.84
C ARG A 31 -2.02 -2.41 9.27
N GLU A 32 -1.47 -3.34 8.48
CA GLU A 32 -1.59 -4.76 8.77
C GLU A 32 -1.04 -5.07 10.16
N GLU A 33 0.11 -4.51 10.48
CA GLU A 33 0.75 -4.73 11.77
C GLU A 33 -0.16 -4.26 12.91
N HIS A 34 -0.85 -3.14 12.67
CA HIS A 34 -1.74 -2.58 13.67
C HIS A 34 -2.87 -3.56 14.02
N LYS A 35 -3.48 -4.14 12.99
CA LYS A 35 -4.56 -5.09 13.18
C LYS A 35 -4.03 -6.41 13.73
N LYS A 36 -3.09 -7.01 13.01
CA LYS A 36 -2.49 -8.27 13.43
C LYS A 36 -2.38 -8.34 14.95
N LYS A 37 -2.08 -7.21 15.57
CA LYS A 37 -1.94 -7.14 17.02
C LYS A 37 -3.24 -6.69 17.67
N ASN A 38 -3.69 -5.49 17.32
CA ASN A 38 -4.94 -4.95 17.86
C ASN A 38 -6.03 -4.94 16.81
N PRO A 39 -6.57 -6.13 16.49
CA PRO A 39 -7.64 -6.29 15.50
C PRO A 39 -8.96 -5.72 15.98
N GLU A 40 -9.19 -5.77 17.29
CA GLU A 40 -10.42 -5.26 17.88
C GLU A 40 -10.47 -3.74 17.79
N VAL A 41 -9.33 -3.09 18.00
CA VAL A 41 -9.25 -1.64 17.94
C VAL A 41 -9.09 -1.16 16.50
N PRO A 42 -10.02 -0.29 16.07
CA PRO A 42 -10.02 0.26 14.71
C PRO A 42 -8.86 1.23 14.49
N VAL A 43 -8.78 1.79 13.29
CA VAL A 43 -7.73 2.74 12.94
C VAL A 43 -8.26 3.86 12.07
N ASN A 44 -8.42 5.04 12.67
CA ASN A 44 -8.93 6.20 11.95
C ASN A 44 -8.03 6.54 10.76
N PHE A 45 -8.22 5.82 9.66
CA PHE A 45 -7.42 6.04 8.46
C PHE A 45 -7.13 7.53 8.27
N ALA A 46 -8.18 8.34 8.25
CA ALA A 46 -8.03 9.78 8.08
C ALA A 46 -6.82 10.30 8.84
N GLU A 47 -6.65 9.84 10.07
CA GLU A 47 -5.52 10.26 10.90
C GLU A 47 -4.32 9.36 10.68
N PHE A 48 -4.49 8.07 10.92
CA PHE A 48 -3.41 7.09 10.74
C PHE A 48 -2.61 7.40 9.47
N SER A 49 -3.27 8.04 8.51
CA SER A 49 -2.64 8.38 7.25
C SER A 49 -1.73 9.59 7.40
N LYS A 50 -2.22 10.61 8.09
CA LYS A 50 -1.46 11.84 8.32
C LYS A 50 -0.17 11.54 9.06
N LYS A 51 -0.21 10.55 9.96
CA LYS A 51 0.96 10.16 10.74
C LYS A 51 1.88 9.27 9.91
N CYS A 52 1.32 8.64 8.89
CA CYS A 52 2.10 7.75 8.02
C CYS A 52 2.82 8.55 6.94
N SER A 53 2.06 9.33 6.18
CA SER A 53 2.62 10.13 5.10
C SER A 53 3.81 10.95 5.60
N GLU A 54 3.63 11.61 6.75
CA GLU A 54 4.69 12.43 7.32
C GLU A 54 5.87 11.56 7.75
N ARG A 55 5.57 10.38 8.27
CA ARG A 55 6.61 9.46 8.73
C ARG A 55 7.45 8.97 7.55
N TRP A 56 6.87 9.01 6.35
CA TRP A 56 7.57 8.58 5.14
C TRP A 56 8.68 9.56 4.78
N LYS A 57 8.36 10.84 4.79
CA LYS A 57 9.32 11.88 4.46
C LYS A 57 10.40 12.00 5.55
N THR A 58 9.99 11.79 6.79
CA THR A 58 10.91 11.87 7.92
C THR A 58 11.88 10.69 7.92
N MET A 59 11.45 9.58 7.35
CA MET A 59 12.28 8.38 7.28
C MET A 59 13.56 8.65 6.48
N SER A 60 14.54 7.76 6.64
CA SER A 60 15.81 7.91 5.94
C SER A 60 15.93 6.88 4.80
N GLY A 61 16.71 7.24 3.79
CA GLY A 61 16.88 6.34 2.65
C GLY A 61 16.94 4.88 3.07
N LYS A 62 17.68 4.60 4.14
CA LYS A 62 17.81 3.24 4.64
C LYS A 62 16.46 2.68 5.07
N GLU A 63 15.78 3.40 5.96
CA GLU A 63 14.47 2.98 6.44
C GLU A 63 13.50 2.77 5.29
N LYS A 64 13.70 3.53 4.21
CA LYS A 64 12.84 3.42 3.04
C LYS A 64 13.20 2.19 2.20
N SER A 65 14.50 1.92 2.09
CA SER A 65 14.97 0.77 1.32
C SER A 65 14.01 -0.41 1.45
N LYS A 66 13.68 -0.76 2.69
CA LYS A 66 12.77 -1.86 2.96
C LYS A 66 11.62 -1.87 1.96
N PHE A 67 10.97 -0.72 1.80
CA PHE A 67 9.85 -0.60 0.87
C PHE A 67 10.33 -0.14 -0.50
N ASP A 68 11.56 0.36 -0.56
CA ASP A 68 12.14 0.84 -1.81
C ASP A 68 12.35 -0.31 -2.78
N GLU A 69 12.76 -1.47 -2.27
CA GLU A 69 12.99 -2.64 -3.09
C GLU A 69 11.68 -3.36 -3.39
N MET A 70 10.70 -3.18 -2.52
CA MET A 70 9.40 -3.82 -2.68
C MET A 70 8.55 -3.07 -3.69
N ALA A 71 8.81 -1.78 -3.83
CA ALA A 71 8.07 -0.94 -4.76
C ALA A 71 8.71 -0.98 -6.15
N LYS A 72 10.02 -1.14 -6.19
CA LYS A 72 10.76 -1.19 -7.45
C LYS A 72 10.38 -2.43 -8.25
N ALA A 73 10.14 -3.53 -7.54
CA ALA A 73 9.76 -4.79 -8.19
C ALA A 73 8.27 -4.80 -8.53
N ASP A 74 7.45 -4.27 -7.63
CA ASP A 74 6.01 -4.22 -7.84
C ASP A 74 5.69 -3.90 -9.30
N LYS A 75 6.42 -2.95 -9.87
CA LYS A 75 6.22 -2.54 -11.25
C LYS A 75 6.34 -3.74 -12.20
N VAL A 76 7.38 -4.54 -11.99
CA VAL A 76 7.59 -5.72 -12.82
C VAL A 76 6.43 -6.69 -12.72
N ARG A 77 6.07 -7.05 -11.49
CA ARG A 77 4.97 -7.98 -11.25
C ARG A 77 3.70 -7.51 -11.98
N TYR A 78 3.37 -6.23 -11.81
CA TYR A 78 2.19 -5.66 -12.43
C TYR A 78 2.26 -5.80 -13.95
N ASP A 79 3.39 -5.42 -14.52
CA ASP A 79 3.59 -5.50 -15.96
C ASP A 79 3.18 -6.87 -16.49
N ARG A 80 3.59 -7.92 -15.78
CA ARG A 80 3.26 -9.28 -16.19
C ARG A 80 1.77 -9.55 -16.06
N GLU A 81 1.15 -8.92 -15.06
CA GLU A 81 -0.28 -9.09 -14.83
C GLU A 81 -1.09 -8.40 -15.92
N MET A 82 -0.58 -7.27 -16.40
CA MET A 82 -1.27 -6.52 -17.45
C MET A 82 -1.33 -7.32 -18.75
N LYS A 83 -0.32 -8.15 -18.98
CA LYS A 83 -0.27 -8.98 -20.18
C LYS A 83 -1.41 -9.99 -20.19
N ASP A 84 -1.51 -10.79 -19.14
CA ASP A 84 -2.56 -11.79 -19.04
C ASP A 84 -3.94 -11.14 -19.08
N TYR A 85 -4.13 -10.11 -18.27
CA TYR A 85 -5.41 -9.40 -18.22
C TYR A 85 -5.80 -8.89 -19.60
N GLY A 86 -4.88 -8.15 -20.23
CA GLY A 86 -5.14 -7.61 -21.55
C GLY A 86 -3.90 -7.59 -22.43
N GLY A 1 4.35 5.64 -10.03
CA GLY A 1 3.30 6.25 -10.82
C GLY A 1 2.49 7.26 -10.04
N SER A 2 1.89 8.21 -10.74
CA SER A 2 1.08 9.25 -10.11
C SER A 2 -0.19 8.65 -9.51
N SER A 3 -0.47 9.02 -8.26
CA SER A 3 -1.66 8.52 -7.56
C SER A 3 -2.05 9.47 -6.44
N GLY A 4 -3.30 9.33 -5.97
CA GLY A 4 -3.79 10.17 -4.89
C GLY A 4 -5.24 9.91 -4.57
N SER A 5 -6.13 10.19 -5.52
CA SER A 5 -7.56 9.98 -5.32
C SER A 5 -7.82 8.66 -4.60
N SER A 6 -8.71 8.70 -3.62
CA SER A 6 -9.05 7.52 -2.85
C SER A 6 -10.53 7.15 -3.01
N GLY A 7 -10.84 6.48 -4.11
CA GLY A 7 -12.21 6.08 -4.37
C GLY A 7 -12.58 4.79 -3.70
N MET A 8 -12.91 4.85 -2.42
CA MET A 8 -13.29 3.67 -1.66
C MET A 8 -14.14 2.73 -2.50
N ALA A 9 -13.58 1.59 -2.85
CA ALA A 9 -14.29 0.59 -3.66
C ALA A 9 -13.55 -0.74 -3.66
N LYS A 10 -14.15 -1.74 -3.01
CA LYS A 10 -13.56 -3.07 -2.94
C LYS A 10 -12.87 -3.43 -4.26
N GLY A 11 -11.85 -4.26 -4.17
CA GLY A 11 -11.11 -4.68 -5.36
C GLY A 11 -11.49 -6.07 -5.81
N ASP A 12 -11.97 -6.17 -7.05
CA ASP A 12 -12.36 -7.46 -7.61
C ASP A 12 -11.32 -8.53 -7.32
N PRO A 13 -11.78 -9.78 -7.21
CA PRO A 13 -10.90 -10.93 -6.92
C PRO A 13 -9.98 -11.26 -8.08
N LYS A 14 -10.56 -11.39 -9.27
CA LYS A 14 -9.79 -11.70 -10.47
C LYS A 14 -9.21 -10.44 -11.09
N LYS A 15 -8.41 -9.72 -10.31
CA LYS A 15 -7.78 -8.49 -10.78
C LYS A 15 -6.46 -8.23 -10.05
N PRO A 16 -5.45 -7.79 -10.80
CA PRO A 16 -4.12 -7.50 -10.25
C PRO A 16 -4.12 -6.26 -9.35
N LYS A 17 -3.36 -6.32 -8.27
CA LYS A 17 -3.26 -5.21 -7.33
C LYS A 17 -2.54 -4.03 -7.96
N GLY A 18 -3.27 -2.94 -8.19
CA GLY A 18 -2.68 -1.75 -8.79
C GLY A 18 -1.24 -1.55 -8.34
N LYS A 19 -0.45 -0.93 -9.21
CA LYS A 19 0.96 -0.67 -8.91
C LYS A 19 1.08 0.23 -7.67
N MET A 20 1.85 -0.24 -6.69
CA MET A 20 2.06 0.53 -5.47
C MET A 20 3.46 1.13 -5.43
N SER A 21 3.63 2.19 -4.65
CA SER A 21 4.92 2.87 -4.53
C SER A 21 5.49 2.69 -3.12
N ALA A 22 6.81 2.80 -3.02
CA ALA A 22 7.49 2.65 -1.73
C ALA A 22 6.67 3.27 -0.60
N TYR A 23 6.27 4.53 -0.79
CA TYR A 23 5.49 5.23 0.21
C TYR A 23 4.28 4.41 0.65
N ALA A 24 3.51 3.94 -0.34
CA ALA A 24 2.33 3.13 -0.05
C ALA A 24 2.67 1.97 0.87
N PHE A 25 3.53 1.06 0.40
CA PHE A 25 3.93 -0.10 1.17
C PHE A 25 4.09 0.27 2.65
N PHE A 26 4.81 1.37 2.90
CA PHE A 26 5.04 1.82 4.26
C PHE A 26 3.72 2.00 5.01
N VAL A 27 2.76 2.62 4.36
CA VAL A 27 1.45 2.86 4.95
C VAL A 27 0.72 1.55 5.20
N GLN A 28 0.79 0.64 4.23
CA GLN A 28 0.13 -0.66 4.35
C GLN A 28 0.70 -1.45 5.53
N THR A 29 2.02 -1.59 5.57
CA THR A 29 2.67 -2.33 6.63
C THR A 29 2.15 -1.90 8.00
N CYS A 30 2.26 -0.61 8.30
CA CYS A 30 1.80 -0.07 9.57
C CYS A 30 0.37 -0.53 9.86
N ARG A 31 -0.50 -0.40 8.87
CA ARG A 31 -1.90 -0.79 9.01
C ARG A 31 -2.01 -2.23 9.53
N GLU A 32 -1.31 -3.14 8.87
CA GLU A 32 -1.33 -4.54 9.26
C GLU A 32 -0.76 -4.73 10.66
N GLU A 33 0.34 -4.04 10.94
CA GLU A 33 0.99 -4.13 12.24
C GLU A 33 0.02 -3.74 13.36
N HIS A 34 -1.04 -3.02 12.99
CA HIS A 34 -2.03 -2.58 13.95
C HIS A 34 -3.15 -3.61 14.08
N LYS A 35 -3.65 -4.07 12.93
CA LYS A 35 -4.72 -5.06 12.92
C LYS A 35 -4.24 -6.41 13.44
N LYS A 36 -3.13 -6.89 12.89
CA LYS A 36 -2.56 -8.17 13.31
C LYS A 36 -2.66 -8.34 14.82
N LYS A 37 -2.47 -7.25 15.56
CA LYS A 37 -2.54 -7.27 17.01
C LYS A 37 -3.93 -6.88 17.49
N ASN A 38 -4.36 -5.68 17.12
CA ASN A 38 -5.67 -5.18 17.52
C ASN A 38 -6.63 -5.17 16.34
N PRO A 39 -7.07 -6.37 15.91
CA PRO A 39 -8.00 -6.52 14.78
C PRO A 39 -9.40 -6.02 15.11
N GLU A 40 -9.76 -6.08 16.39
CA GLU A 40 -11.08 -5.63 16.83
C GLU A 40 -11.16 -4.11 16.81
N VAL A 41 -10.05 -3.45 17.12
CA VAL A 41 -10.00 -1.99 17.14
C VAL A 41 -9.70 -1.44 15.74
N PRO A 42 -10.58 -0.57 15.25
CA PRO A 42 -10.43 0.05 13.93
C PRO A 42 -9.28 1.05 13.89
N VAL A 43 -9.02 1.60 12.71
CA VAL A 43 -7.95 2.58 12.53
C VAL A 43 -8.43 3.78 11.74
N ASN A 44 -8.39 4.96 12.37
CA ASN A 44 -8.81 6.18 11.72
C ASN A 44 -7.88 6.55 10.56
N PHE A 45 -8.04 5.86 9.45
CA PHE A 45 -7.22 6.10 8.27
C PHE A 45 -6.87 7.59 8.15
N ALA A 46 -7.89 8.44 8.24
CA ALA A 46 -7.69 9.87 8.15
C ALA A 46 -6.49 10.32 8.97
N GLU A 47 -6.42 9.87 10.21
CA GLU A 47 -5.33 10.23 11.10
C GLU A 47 -4.13 9.29 10.89
N PHE A 48 -4.38 7.99 10.97
CA PHE A 48 -3.34 6.99 10.78
C PHE A 48 -2.46 7.34 9.58
N SER A 49 -3.02 8.08 8.64
CA SER A 49 -2.30 8.47 7.44
C SER A 49 -1.44 9.71 7.71
N LYS A 50 -2.01 10.68 8.41
CA LYS A 50 -1.30 11.91 8.74
C LYS A 50 0.00 11.60 9.47
N LYS A 51 0.03 10.47 10.16
CA LYS A 51 1.21 10.06 10.91
C LYS A 51 2.14 9.21 10.05
N CYS A 52 1.54 8.42 9.15
CA CYS A 52 2.31 7.55 8.27
C CYS A 52 3.08 8.38 7.23
N SER A 53 2.35 9.18 6.46
CA SER A 53 2.96 10.00 5.43
C SER A 53 4.08 10.87 6.02
N GLU A 54 3.75 11.63 7.06
CA GLU A 54 4.71 12.50 7.71
C GLU A 54 5.94 11.71 8.17
N ARG A 55 5.73 10.41 8.43
CA ARG A 55 6.81 9.54 8.86
C ARG A 55 7.68 9.10 7.70
N TRP A 56 7.06 9.03 6.51
CA TRP A 56 7.78 8.63 5.31
C TRP A 56 8.86 9.63 4.94
N LYS A 57 8.49 10.91 4.91
CA LYS A 57 9.42 11.98 4.58
C LYS A 57 10.50 12.10 5.64
N THR A 58 10.16 11.75 6.87
CA THR A 58 11.11 11.82 7.98
C THR A 58 12.14 10.70 7.90
N MET A 59 11.69 9.53 7.44
CA MET A 59 12.57 8.38 7.30
C MET A 59 13.68 8.66 6.29
N SER A 60 14.85 8.05 6.51
CA SER A 60 15.99 8.23 5.62
C SER A 60 16.08 7.09 4.60
N GLY A 61 16.80 7.34 3.51
CA GLY A 61 16.94 6.34 2.47
C GLY A 61 17.17 4.95 3.04
N LYS A 62 17.96 4.87 4.11
CA LYS A 62 18.26 3.61 4.75
C LYS A 62 16.98 2.86 5.14
N GLU A 63 15.99 3.62 5.61
CA GLU A 63 14.72 3.04 6.02
C GLU A 63 13.82 2.78 4.80
N LYS A 64 13.61 3.83 4.00
CA LYS A 64 12.78 3.71 2.81
C LYS A 64 13.22 2.54 1.95
N SER A 65 14.53 2.39 1.80
CA SER A 65 15.09 1.31 0.99
C SER A 65 14.24 0.04 1.10
N LYS A 66 13.98 -0.38 2.34
CA LYS A 66 13.18 -1.57 2.58
C LYS A 66 11.99 -1.63 1.63
N PHE A 67 11.28 -0.51 1.51
CA PHE A 67 10.12 -0.43 0.63
C PHE A 67 10.54 -0.04 -0.78
N ASP A 68 11.68 0.63 -0.90
CA ASP A 68 12.18 1.06 -2.19
C ASP A 68 12.32 -0.13 -3.14
N GLU A 69 12.73 -1.27 -2.61
CA GLU A 69 12.91 -2.48 -3.41
C GLU A 69 11.56 -3.10 -3.74
N MET A 70 10.68 -3.19 -2.74
CA MET A 70 9.36 -3.77 -2.93
C MET A 70 8.62 -3.09 -4.07
N ALA A 71 8.55 -1.76 -4.02
CA ALA A 71 7.87 -0.98 -5.06
C ALA A 71 8.48 -1.25 -6.43
N LYS A 72 9.81 -1.20 -6.50
CA LYS A 72 10.51 -1.45 -7.76
C LYS A 72 9.97 -2.69 -8.45
N ALA A 73 9.81 -3.77 -7.68
CA ALA A 73 9.30 -5.03 -8.23
C ALA A 73 7.80 -4.94 -8.48
N ASP A 74 7.07 -4.38 -7.52
CA ASP A 74 5.62 -4.25 -7.65
C ASP A 74 5.24 -3.79 -9.05
N LYS A 75 6.17 -3.14 -9.73
CA LYS A 75 5.94 -2.65 -11.09
C LYS A 75 6.03 -3.79 -12.10
N VAL A 76 7.14 -4.52 -12.07
CA VAL A 76 7.34 -5.63 -12.98
C VAL A 76 6.33 -6.74 -12.73
N ARG A 77 5.88 -6.85 -11.48
CA ARG A 77 4.92 -7.88 -11.10
C ARG A 77 3.53 -7.54 -11.65
N TYR A 78 3.13 -6.29 -11.52
CA TYR A 78 1.82 -5.84 -11.99
C TYR A 78 1.80 -5.78 -13.52
N ASP A 79 2.84 -5.18 -14.09
CA ASP A 79 2.94 -5.05 -15.54
C ASP A 79 2.59 -6.37 -16.24
N ARG A 80 3.31 -7.42 -15.88
CA ARG A 80 3.08 -8.73 -16.46
C ARG A 80 1.61 -9.14 -16.33
N GLU A 81 1.07 -8.99 -15.13
CA GLU A 81 -0.32 -9.34 -14.86
C GLU A 81 -1.25 -8.64 -15.86
N MET A 82 -0.91 -7.41 -16.21
CA MET A 82 -1.71 -6.64 -17.15
C MET A 82 -1.65 -7.25 -18.55
N LYS A 83 -0.53 -7.90 -18.86
CA LYS A 83 -0.33 -8.53 -20.16
C LYS A 83 -1.24 -9.75 -20.32
N ASP A 84 -1.21 -10.62 -19.32
CA ASP A 84 -2.03 -11.84 -19.34
C ASP A 84 -3.52 -11.48 -19.22
N TYR A 85 -3.83 -10.60 -18.29
CA TYR A 85 -5.22 -10.18 -18.07
C TYR A 85 -5.86 -9.70 -19.37
N GLY A 86 -5.19 -8.74 -20.03
CA GLY A 86 -5.71 -8.21 -21.28
C GLY A 86 -4.62 -8.05 -22.32
N GLY A 1 -4.59 9.02 -5.79
CA GLY A 1 -5.29 9.73 -4.74
C GLY A 1 -6.48 8.94 -4.21
N SER A 2 -7.37 8.54 -5.11
CA SER A 2 -8.56 7.79 -4.73
C SER A 2 -9.08 8.25 -3.37
N SER A 3 -9.09 9.56 -3.16
CA SER A 3 -9.56 10.13 -1.90
C SER A 3 -10.89 9.50 -1.49
N GLY A 4 -10.89 8.88 -0.31
CA GLY A 4 -12.10 8.23 0.18
C GLY A 4 -11.81 7.15 1.20
N SER A 5 -12.28 5.94 0.92
CA SER A 5 -12.06 4.81 1.82
C SER A 5 -12.23 3.49 1.07
N SER A 6 -11.60 2.44 1.60
CA SER A 6 -11.67 1.12 0.98
C SER A 6 -12.75 0.26 1.66
N GLY A 7 -13.31 -0.67 0.90
CA GLY A 7 -14.34 -1.55 1.44
C GLY A 7 -14.56 -2.78 0.59
N MET A 8 -14.79 -2.58 -0.70
CA MET A 8 -15.02 -3.69 -1.62
C MET A 8 -14.03 -3.64 -2.78
N ALA A 9 -13.47 -4.80 -3.12
CA ALA A 9 -12.52 -4.89 -4.22
C ALA A 9 -13.19 -4.61 -5.56
N LYS A 10 -12.93 -3.43 -6.10
CA LYS A 10 -13.51 -3.03 -7.39
C LYS A 10 -12.68 -3.58 -8.55
N GLY A 11 -13.32 -4.40 -9.39
CA GLY A 11 -12.63 -4.98 -10.52
C GLY A 11 -12.37 -6.46 -10.35
N ASP A 12 -11.67 -7.06 -11.31
CA ASP A 12 -11.35 -8.48 -11.25
C ASP A 12 -10.17 -8.74 -10.32
N PRO A 13 -10.17 -9.92 -9.69
CA PRO A 13 -9.10 -10.31 -8.77
C PRO A 13 -7.78 -10.59 -9.49
N LYS A 14 -7.86 -11.37 -10.56
CA LYS A 14 -6.66 -11.70 -11.35
C LYS A 14 -6.13 -10.48 -12.08
N LYS A 15 -7.04 -9.74 -12.72
CA LYS A 15 -6.65 -8.54 -13.47
C LYS A 15 -5.76 -7.64 -12.62
N PRO A 16 -4.71 -7.08 -13.26
CA PRO A 16 -3.76 -6.19 -12.58
C PRO A 16 -4.39 -4.85 -12.21
N LYS A 17 -3.90 -4.25 -11.14
CA LYS A 17 -4.40 -2.96 -10.67
C LYS A 17 -3.26 -1.96 -10.50
N GLY A 18 -3.62 -0.72 -10.16
CA GLY A 18 -2.61 0.30 -9.96
C GLY A 18 -1.39 -0.22 -9.25
N LYS A 19 -0.23 0.38 -9.54
CA LYS A 19 1.03 -0.04 -8.92
C LYS A 19 1.29 0.76 -7.65
N MET A 20 1.42 0.05 -6.53
CA MET A 20 1.70 0.70 -5.25
C MET A 20 3.12 1.22 -5.19
N SER A 21 3.28 2.42 -4.66
CA SER A 21 4.60 3.05 -4.53
C SER A 21 5.21 2.78 -3.17
N ALA A 22 6.53 2.87 -3.09
CA ALA A 22 7.24 2.63 -1.84
C ALA A 22 6.48 3.24 -0.65
N TYR A 23 5.99 4.45 -0.84
CA TYR A 23 5.26 5.15 0.22
C TYR A 23 4.04 4.34 0.65
N ALA A 24 3.14 4.07 -0.30
CA ALA A 24 1.94 3.30 -0.01
C ALA A 24 2.26 2.06 0.82
N PHE A 25 3.29 1.32 0.41
CA PHE A 25 3.70 0.12 1.10
C PHE A 25 3.89 0.39 2.60
N PHE A 26 4.52 1.51 2.92
CA PHE A 26 4.76 1.90 4.30
C PHE A 26 3.45 2.06 5.06
N VAL A 27 2.43 2.59 4.37
CA VAL A 27 1.12 2.79 4.97
C VAL A 27 0.40 1.47 5.19
N GLN A 28 0.53 0.57 4.22
CA GLN A 28 -0.11 -0.74 4.30
C GLN A 28 0.49 -1.56 5.44
N THR A 29 1.81 -1.63 5.49
CA THR A 29 2.50 -2.39 6.53
C THR A 29 2.09 -1.92 7.92
N CYS A 30 2.31 -0.64 8.19
CA CYS A 30 1.95 -0.07 9.48
C CYS A 30 0.54 -0.47 9.89
N ARG A 31 -0.38 -0.42 8.93
CA ARG A 31 -1.77 -0.77 9.19
C ARG A 31 -1.88 -2.21 9.71
N GLU A 32 -1.34 -3.15 8.94
CA GLU A 32 -1.38 -4.56 9.33
C GLU A 32 -0.84 -4.76 10.74
N GLU A 33 0.24 -4.05 11.07
CA GLU A 33 0.84 -4.14 12.39
C GLU A 33 -0.15 -3.73 13.48
N HIS A 34 -0.92 -2.68 13.20
CA HIS A 34 -1.90 -2.19 14.16
C HIS A 34 -2.93 -3.28 14.49
N LYS A 35 -3.52 -3.87 13.46
CA LYS A 35 -4.50 -4.92 13.64
C LYS A 35 -3.88 -6.15 14.29
N LYS A 36 -2.79 -6.62 13.71
CA LYS A 36 -2.09 -7.80 14.22
C LYS A 36 -2.09 -7.80 15.75
N LYS A 37 -2.05 -6.61 16.34
CA LYS A 37 -2.05 -6.47 17.80
C LYS A 37 -3.45 -6.16 18.31
N ASN A 38 -4.01 -5.04 17.85
CA ASN A 38 -5.35 -4.63 18.27
C ASN A 38 -6.34 -4.79 17.12
N PRO A 39 -6.73 -6.05 16.84
CA PRO A 39 -7.67 -6.37 15.77
C PRO A 39 -9.08 -5.91 16.11
N GLU A 40 -9.42 -5.90 17.39
CA GLU A 40 -10.75 -5.48 17.84
C GLU A 40 -10.88 -3.97 17.78
N VAL A 41 -9.77 -3.26 17.95
CA VAL A 41 -9.78 -1.81 17.91
C VAL A 41 -9.60 -1.29 16.49
N PRO A 42 -10.53 -0.43 16.05
CA PRO A 42 -10.50 0.15 14.71
C PRO A 42 -9.34 1.14 14.53
N VAL A 43 -8.93 1.33 13.28
CA VAL A 43 -7.83 2.26 12.98
C VAL A 43 -8.35 3.48 12.23
N ASN A 44 -8.34 4.63 12.89
CA ASN A 44 -8.80 5.86 12.28
C ASN A 44 -7.90 6.27 11.12
N PHE A 45 -8.11 5.64 9.97
CA PHE A 45 -7.31 5.94 8.78
C PHE A 45 -7.00 7.43 8.69
N ALA A 46 -8.05 8.24 8.69
CA ALA A 46 -7.89 9.70 8.61
C ALA A 46 -6.67 10.15 9.39
N GLU A 47 -6.51 9.61 10.60
CA GLU A 47 -5.38 9.97 11.45
C GLU A 47 -4.18 9.09 11.17
N PHE A 48 -4.38 7.77 11.26
CA PHE A 48 -3.31 6.82 11.01
C PHE A 48 -2.48 7.23 9.80
N SER A 49 -3.10 7.98 8.90
CA SER A 49 -2.43 8.43 7.69
C SER A 49 -1.56 9.66 7.97
N LYS A 50 -2.11 10.59 8.75
CA LYS A 50 -1.40 11.82 9.11
C LYS A 50 -0.09 11.48 9.85
N LYS A 51 -0.09 10.37 10.56
CA LYS A 51 1.08 9.94 11.31
C LYS A 51 2.04 9.15 10.43
N CYS A 52 1.50 8.53 9.39
CA CYS A 52 2.31 7.73 8.46
C CYS A 52 3.05 8.64 7.48
N SER A 53 2.32 9.55 6.85
CA SER A 53 2.91 10.46 5.88
C SER A 53 4.12 11.17 6.49
N GLU A 54 3.93 11.74 7.68
CA GLU A 54 5.00 12.45 8.36
C GLU A 54 6.17 11.52 8.66
N ARG A 55 5.85 10.27 8.99
CA ARG A 55 6.87 9.28 9.30
C ARG A 55 7.61 8.83 8.04
N TRP A 56 7.04 9.15 6.88
CA TRP A 56 7.63 8.78 5.61
C TRP A 56 8.67 9.82 5.18
N LYS A 57 8.27 11.09 5.17
CA LYS A 57 9.16 12.17 4.77
C LYS A 57 10.33 12.29 5.75
N THR A 58 10.08 11.94 7.01
CA THR A 58 11.12 12.01 8.03
C THR A 58 12.14 10.90 7.85
N MET A 59 11.68 9.73 7.40
CA MET A 59 12.56 8.59 7.18
C MET A 59 13.71 8.96 6.25
N SER A 60 14.69 8.07 6.14
CA SER A 60 15.85 8.30 5.29
C SER A 60 15.94 7.25 4.19
N GLY A 61 16.38 7.66 3.01
CA GLY A 61 16.50 6.74 1.90
C GLY A 61 16.92 5.35 2.35
N LYS A 62 17.78 5.29 3.36
CA LYS A 62 18.25 4.01 3.89
C LYS A 62 17.10 3.20 4.46
N GLU A 63 16.26 3.84 5.25
CA GLU A 63 15.12 3.17 5.86
C GLU A 63 14.05 2.86 4.83
N LYS A 64 13.89 3.76 3.87
CA LYS A 64 12.89 3.58 2.81
C LYS A 64 13.29 2.43 1.89
N SER A 65 14.58 2.17 1.77
CA SER A 65 15.09 1.10 0.93
C SER A 65 14.22 -0.15 1.07
N LYS A 66 13.86 -0.48 2.30
CA LYS A 66 13.04 -1.65 2.57
C LYS A 66 11.77 -1.63 1.73
N PHE A 67 11.12 -0.47 1.66
CA PHE A 67 9.90 -0.32 0.88
C PHE A 67 10.21 -0.07 -0.59
N ASP A 68 11.46 0.32 -0.86
CA ASP A 68 11.89 0.59 -2.23
C ASP A 68 12.01 -0.72 -3.02
N GLU A 69 12.60 -1.72 -2.40
CA GLU A 69 12.79 -3.02 -3.05
C GLU A 69 11.44 -3.70 -3.29
N MET A 70 10.58 -3.68 -2.28
CA MET A 70 9.26 -4.29 -2.38
C MET A 70 8.46 -3.66 -3.52
N ALA A 71 8.52 -2.33 -3.62
CA ALA A 71 7.81 -1.62 -4.65
C ALA A 71 8.28 -2.03 -6.04
N LYS A 72 9.60 -2.11 -6.21
CA LYS A 72 10.18 -2.51 -7.49
C LYS A 72 9.47 -3.73 -8.06
N ALA A 73 9.30 -4.75 -7.23
CA ALA A 73 8.63 -5.97 -7.65
C ALA A 73 7.18 -5.71 -8.03
N ASP A 74 6.49 -4.92 -7.21
CA ASP A 74 5.10 -4.60 -7.46
C ASP A 74 4.89 -4.20 -8.92
N LYS A 75 5.78 -3.37 -9.43
CA LYS A 75 5.70 -2.91 -10.82
C LYS A 75 5.79 -4.08 -11.79
N VAL A 76 6.78 -4.96 -11.56
CA VAL A 76 6.97 -6.12 -12.41
C VAL A 76 5.69 -6.94 -12.53
N ARG A 77 5.07 -7.22 -11.39
CA ARG A 77 3.84 -8.00 -11.35
C ARG A 77 2.85 -7.48 -12.39
N TYR A 78 2.56 -6.19 -12.33
CA TYR A 78 1.62 -5.57 -13.26
C TYR A 78 2.00 -5.89 -14.71
N ASP A 79 3.24 -5.61 -15.07
CA ASP A 79 3.73 -5.86 -16.41
C ASP A 79 3.40 -7.29 -16.85
N ARG A 80 3.87 -8.27 -16.07
CA ARG A 80 3.62 -9.67 -16.37
C ARG A 80 2.13 -9.93 -16.60
N GLU A 81 1.30 -9.38 -15.72
CA GLU A 81 -0.13 -9.55 -15.83
C GLU A 81 -0.66 -8.98 -17.15
N MET A 82 0.02 -7.95 -17.65
CA MET A 82 -0.37 -7.32 -18.90
C MET A 82 0.07 -8.16 -20.10
N LYS A 83 1.14 -8.93 -19.92
CA LYS A 83 1.66 -9.78 -20.97
C LYS A 83 0.63 -10.83 -21.39
N ASP A 84 -0.12 -11.34 -20.42
CA ASP A 84 -1.14 -12.34 -20.69
C ASP A 84 -2.46 -11.68 -21.07
N TYR A 85 -2.76 -10.56 -20.43
CA TYR A 85 -3.99 -9.82 -20.70
C TYR A 85 -3.98 -9.22 -22.11
N GLY A 86 -2.95 -8.43 -22.38
CA GLY A 86 -2.83 -7.80 -23.68
C GLY A 86 -1.48 -8.02 -24.31
N GLY A 1 -8.52 15.76 -3.90
CA GLY A 1 -9.86 15.52 -3.40
C GLY A 1 -9.91 15.39 -1.90
N SER A 2 -10.38 16.43 -1.23
CA SER A 2 -10.47 16.43 0.23
C SER A 2 -11.41 15.33 0.71
N SER A 3 -12.63 15.32 0.19
CA SER A 3 -13.63 14.33 0.56
C SER A 3 -13.48 13.07 -0.29
N GLY A 4 -13.77 11.92 0.32
CA GLY A 4 -13.67 10.65 -0.38
C GLY A 4 -14.25 9.50 0.40
N SER A 5 -15.57 9.48 0.54
CA SER A 5 -16.25 8.42 1.29
C SER A 5 -15.64 7.06 0.96
N SER A 6 -15.71 6.15 1.92
CA SER A 6 -15.17 4.81 1.75
C SER A 6 -15.95 4.03 0.69
N GLY A 7 -15.22 3.35 -0.19
CA GLY A 7 -15.86 2.58 -1.24
C GLY A 7 -14.97 1.48 -1.77
N MET A 8 -15.23 0.24 -1.33
CA MET A 8 -14.43 -0.89 -1.78
C MET A 8 -15.07 -1.55 -3.00
N ALA A 9 -14.41 -1.40 -4.15
CA ALA A 9 -14.90 -1.98 -5.39
C ALA A 9 -13.96 -3.05 -5.92
N LYS A 10 -14.35 -4.31 -5.76
CA LYS A 10 -13.54 -5.43 -6.22
C LYS A 10 -13.48 -5.48 -7.75
N GLY A 11 -14.65 -5.49 -8.38
CA GLY A 11 -14.71 -5.53 -9.83
C GLY A 11 -14.68 -6.95 -10.37
N ASP A 12 -13.60 -7.32 -11.04
CA ASP A 12 -13.46 -8.64 -11.61
C ASP A 12 -12.46 -9.47 -10.82
N PRO A 13 -12.76 -10.78 -10.67
CA PRO A 13 -11.89 -11.71 -9.93
C PRO A 13 -10.59 -11.98 -10.67
N LYS A 14 -10.61 -11.85 -11.98
CA LYS A 14 -9.43 -12.09 -12.81
C LYS A 14 -8.87 -10.78 -13.34
N LYS A 15 -8.73 -9.80 -12.46
CA LYS A 15 -8.20 -8.49 -12.83
C LYS A 15 -7.01 -8.12 -11.96
N PRO A 16 -5.89 -7.72 -12.61
CA PRO A 16 -4.67 -7.32 -11.90
C PRO A 16 -4.82 -6.00 -11.16
N LYS A 17 -4.55 -6.03 -9.87
CA LYS A 17 -4.66 -4.82 -9.04
C LYS A 17 -3.46 -3.91 -9.24
N GLY A 18 -3.68 -2.60 -9.12
CA GLY A 18 -2.60 -1.65 -9.29
C GLY A 18 -1.38 -1.99 -8.47
N LYS A 19 -0.20 -1.60 -8.95
CA LYS A 19 1.05 -1.88 -8.25
C LYS A 19 1.24 -0.92 -7.07
N MET A 20 1.76 -1.44 -5.98
CA MET A 20 2.00 -0.63 -4.78
C MET A 20 3.39 0.00 -4.81
N SER A 21 3.48 1.26 -4.41
CA SER A 21 4.75 1.97 -4.40
C SER A 21 5.38 1.93 -3.00
N ALA A 22 6.70 2.09 -2.95
CA ALA A 22 7.42 2.08 -1.68
C ALA A 22 6.58 2.68 -0.57
N TYR A 23 6.04 3.88 -0.82
CA TYR A 23 5.22 4.56 0.17
C TYR A 23 4.05 3.69 0.61
N ALA A 24 3.32 3.16 -0.36
CA ALA A 24 2.18 2.31 -0.08
C ALA A 24 2.55 1.19 0.89
N PHE A 25 3.55 0.39 0.50
CA PHE A 25 4.00 -0.71 1.34
C PHE A 25 4.19 -0.27 2.78
N PHE A 26 4.78 0.92 2.96
CA PHE A 26 5.01 1.45 4.29
C PHE A 26 3.69 1.68 5.03
N VAL A 27 2.71 2.24 4.33
CA VAL A 27 1.41 2.50 4.92
C VAL A 27 0.68 1.20 5.27
N GLN A 28 0.59 0.30 4.29
CA GLN A 28 -0.07 -0.98 4.48
C GLN A 28 0.54 -1.73 5.66
N THR A 29 1.87 -1.74 5.72
CA THR A 29 2.58 -2.43 6.78
C THR A 29 2.07 -1.99 8.16
N CYS A 30 2.11 -0.68 8.41
CA CYS A 30 1.65 -0.15 9.68
C CYS A 30 0.20 -0.54 9.95
N ARG A 31 -0.59 -0.63 8.88
CA ARG A 31 -2.00 -0.99 9.01
C ARG A 31 -2.14 -2.42 9.49
N GLU A 32 -1.41 -3.34 8.87
CA GLU A 32 -1.47 -4.74 9.24
C GLU A 32 -0.93 -4.96 10.66
N GLU A 33 0.15 -4.26 10.98
CA GLU A 33 0.76 -4.38 12.30
C GLU A 33 -0.22 -3.91 13.39
N HIS A 34 -0.94 -2.84 13.11
CA HIS A 34 -1.91 -2.29 14.05
C HIS A 34 -3.02 -3.30 14.34
N LYS A 35 -3.55 -3.90 13.28
CA LYS A 35 -4.62 -4.88 13.42
C LYS A 35 -4.10 -6.16 14.10
N LYS A 36 -2.84 -6.50 13.84
CA LYS A 36 -2.23 -7.68 14.43
C LYS A 36 -2.26 -7.61 15.95
N LYS A 37 -2.16 -6.40 16.49
CA LYS A 37 -2.19 -6.19 17.93
C LYS A 37 -3.58 -5.82 18.41
N ASN A 38 -4.17 -4.80 17.79
CA ASN A 38 -5.50 -4.35 18.16
C ASN A 38 -6.50 -4.65 17.05
N PRO A 39 -6.77 -5.95 16.83
CA PRO A 39 -7.72 -6.40 15.80
C PRO A 39 -9.15 -6.06 16.15
N GLU A 40 -9.38 -5.59 17.37
CA GLU A 40 -10.72 -5.23 17.82
C GLU A 40 -10.94 -3.72 17.69
N VAL A 41 -9.84 -2.96 17.73
CA VAL A 41 -9.92 -1.51 17.62
C VAL A 41 -9.81 -1.06 16.17
N PRO A 42 -10.66 -0.10 15.78
CA PRO A 42 -10.68 0.43 14.41
C PRO A 42 -9.44 1.27 14.11
N VAL A 43 -9.33 1.70 12.86
CA VAL A 43 -8.19 2.52 12.43
C VAL A 43 -8.63 3.62 11.47
N ASN A 44 -8.65 4.85 11.96
CA ASN A 44 -9.06 5.99 11.15
C ASN A 44 -8.02 6.29 10.07
N PHE A 45 -8.16 5.64 8.92
CA PHE A 45 -7.24 5.82 7.81
C PHE A 45 -6.80 7.29 7.72
N ALA A 46 -7.77 8.18 7.65
CA ALA A 46 -7.48 9.61 7.56
C ALA A 46 -6.34 10.01 8.49
N GLU A 47 -6.49 9.69 9.77
CA GLU A 47 -5.46 10.01 10.75
C GLU A 47 -4.26 9.07 10.62
N PHE A 48 -4.52 7.78 10.71
CA PHE A 48 -3.46 6.78 10.59
C PHE A 48 -2.49 7.14 9.47
N SER A 49 -3.01 7.78 8.43
CA SER A 49 -2.20 8.17 7.29
C SER A 49 -1.33 9.38 7.63
N LYS A 50 -1.92 10.33 8.36
CA LYS A 50 -1.20 11.54 8.76
C LYS A 50 0.09 11.18 9.50
N LYS A 51 0.07 10.08 10.23
CA LYS A 51 1.23 9.63 10.98
C LYS A 51 2.21 8.89 10.07
N CYS A 52 1.68 8.22 9.06
CA CYS A 52 2.51 7.47 8.11
C CYS A 52 3.19 8.41 7.13
N SER A 53 2.39 9.15 6.38
CA SER A 53 2.91 10.08 5.38
C SER A 53 4.06 10.90 5.97
N GLU A 54 3.87 11.39 7.20
CA GLU A 54 4.89 12.19 7.87
C GLU A 54 6.10 11.33 8.23
N ARG A 55 5.84 10.11 8.69
CA ARG A 55 6.91 9.20 9.07
C ARG A 55 7.81 8.89 7.89
N TRP A 56 7.24 8.88 6.69
CA TRP A 56 8.00 8.60 5.47
C TRP A 56 8.93 9.77 5.14
N LYS A 57 8.34 10.94 4.93
CA LYS A 57 9.12 12.13 4.60
C LYS A 57 10.21 12.37 5.63
N THR A 58 9.96 11.94 6.87
CA THR A 58 10.92 12.11 7.95
C THR A 58 12.10 11.15 7.79
N MET A 59 11.86 10.04 7.10
CA MET A 59 12.89 9.04 6.88
C MET A 59 14.18 9.69 6.38
N SER A 60 15.21 8.88 6.19
CA SER A 60 16.50 9.38 5.72
C SER A 60 16.91 8.68 4.43
N GLY A 61 15.93 8.29 3.63
CA GLY A 61 16.21 7.63 2.37
C GLY A 61 16.70 6.20 2.57
N LYS A 62 17.87 6.07 3.19
CA LYS A 62 18.44 4.74 3.44
C LYS A 62 17.45 3.83 4.14
N GLU A 63 16.46 4.44 4.80
CA GLU A 63 15.44 3.68 5.50
C GLU A 63 14.31 3.29 4.57
N LYS A 64 14.02 4.14 3.59
CA LYS A 64 12.96 3.88 2.62
C LYS A 64 13.25 2.62 1.82
N SER A 65 14.52 2.41 1.49
CA SER A 65 14.93 1.24 0.72
C SER A 65 14.10 0.02 1.11
N LYS A 66 14.02 -0.25 2.40
CA LYS A 66 13.25 -1.38 2.91
C LYS A 66 11.97 -1.58 2.09
N PHE A 67 11.25 -0.48 1.87
CA PHE A 67 10.01 -0.53 1.10
C PHE A 67 10.26 -0.25 -0.38
N ASP A 68 11.31 0.52 -0.65
CA ASP A 68 11.67 0.86 -2.03
C ASP A 68 11.90 -0.39 -2.86
N GLU A 69 12.52 -1.40 -2.24
CA GLU A 69 12.80 -2.65 -2.93
C GLU A 69 11.51 -3.45 -3.16
N MET A 70 10.73 -3.62 -2.09
CA MET A 70 9.48 -4.37 -2.18
C MET A 70 8.61 -3.84 -3.30
N ALA A 71 8.68 -2.53 -3.54
CA ALA A 71 7.89 -1.90 -4.59
C ALA A 71 8.41 -2.29 -5.96
N LYS A 72 9.73 -2.25 -6.14
CA LYS A 72 10.35 -2.61 -7.41
C LYS A 72 9.77 -3.90 -7.96
N ALA A 73 9.65 -4.90 -7.09
CA ALA A 73 9.10 -6.20 -7.49
C ALA A 73 7.63 -6.07 -7.87
N ASP A 74 6.84 -5.54 -6.95
CA ASP A 74 5.41 -5.36 -7.17
C ASP A 74 5.14 -4.75 -8.55
N LYS A 75 5.96 -3.77 -8.92
CA LYS A 75 5.82 -3.10 -10.20
C LYS A 75 6.01 -4.08 -11.35
N VAL A 76 7.04 -4.92 -11.25
CA VAL A 76 7.32 -5.90 -12.29
C VAL A 76 6.11 -6.81 -12.52
N ARG A 77 5.45 -7.19 -11.44
CA ARG A 77 4.28 -8.05 -11.53
C ARG A 77 3.15 -7.37 -12.30
N TYR A 78 2.79 -6.17 -11.87
CA TYR A 78 1.73 -5.40 -12.53
C TYR A 78 2.06 -5.16 -14.00
N ASP A 79 3.34 -4.96 -14.29
CA ASP A 79 3.78 -4.71 -15.65
C ASP A 79 3.37 -5.85 -16.57
N ARG A 80 3.81 -7.06 -16.24
CA ARG A 80 3.49 -8.24 -17.03
C ARG A 80 1.99 -8.50 -17.04
N GLU A 81 1.33 -8.19 -15.92
CA GLU A 81 -0.11 -8.38 -15.79
C GLU A 81 -0.86 -7.55 -16.83
N MET A 82 -0.47 -6.29 -16.96
CA MET A 82 -1.10 -5.37 -17.91
C MET A 82 -1.04 -5.93 -19.33
N LYS A 83 0.09 -6.58 -19.64
CA LYS A 83 0.29 -7.16 -20.97
C LYS A 83 -0.82 -8.15 -21.30
N ASP A 84 -0.92 -9.20 -20.49
CA ASP A 84 -1.94 -10.23 -20.70
C ASP A 84 -3.34 -9.63 -20.60
N TYR A 85 -3.55 -8.82 -19.57
CA TYR A 85 -4.85 -8.20 -19.36
C TYR A 85 -5.21 -7.27 -20.52
N GLY A 86 -4.47 -6.18 -20.65
CA GLY A 86 -4.72 -5.23 -21.72
C GLY A 86 -3.54 -5.09 -22.66
N GLY A 1 -17.93 16.92 -11.85
CA GLY A 1 -19.25 16.38 -12.04
C GLY A 1 -19.69 15.48 -10.90
N SER A 2 -20.73 15.90 -10.19
CA SER A 2 -21.25 15.13 -9.07
C SER A 2 -21.59 13.71 -9.50
N SER A 3 -21.17 12.73 -8.69
CA SER A 3 -21.43 11.33 -8.99
C SER A 3 -21.69 10.54 -7.71
N GLY A 4 -22.81 9.83 -7.67
CA GLY A 4 -23.16 9.05 -6.50
C GLY A 4 -23.40 7.60 -6.83
N SER A 5 -22.36 6.78 -6.71
CA SER A 5 -22.46 5.35 -7.01
C SER A 5 -21.35 4.57 -6.32
N SER A 6 -21.57 3.27 -6.12
CA SER A 6 -20.60 2.42 -5.46
C SER A 6 -19.54 1.94 -6.46
N GLY A 7 -19.99 1.26 -7.51
CA GLY A 7 -19.07 0.75 -8.52
C GLY A 7 -18.83 -0.73 -8.39
N MET A 8 -17.59 -1.14 -8.61
CA MET A 8 -17.22 -2.56 -8.51
C MET A 8 -15.96 -2.74 -7.69
N ALA A 9 -16.08 -3.47 -6.58
CA ALA A 9 -14.93 -3.72 -5.71
C ALA A 9 -14.14 -4.94 -6.18
N LYS A 10 -13.00 -5.18 -5.54
CA LYS A 10 -12.15 -6.31 -5.88
C LYS A 10 -12.82 -7.63 -5.52
N GLY A 11 -12.24 -8.73 -5.97
CA GLY A 11 -12.79 -10.04 -5.68
C GLY A 11 -11.76 -11.14 -5.77
N ASP A 12 -11.72 -11.83 -6.91
CA ASP A 12 -10.77 -12.91 -7.12
C ASP A 12 -9.34 -12.44 -6.87
N PRO A 13 -8.51 -13.34 -6.33
CA PRO A 13 -7.11 -13.03 -6.02
C PRO A 13 -6.26 -12.88 -7.28
N LYS A 14 -6.60 -13.65 -8.31
CA LYS A 14 -5.88 -13.60 -9.58
C LYS A 14 -6.22 -12.35 -10.35
N LYS A 15 -5.89 -11.19 -9.77
CA LYS A 15 -6.17 -9.91 -10.41
C LYS A 15 -5.28 -8.81 -9.83
N PRO A 16 -4.79 -7.92 -10.71
CA PRO A 16 -3.92 -6.81 -10.30
C PRO A 16 -4.67 -5.75 -9.50
N LYS A 17 -3.94 -4.99 -8.69
CA LYS A 17 -4.54 -3.95 -7.88
C LYS A 17 -3.81 -2.61 -8.08
N GLY A 18 -3.19 -2.46 -9.24
CA GLY A 18 -2.47 -1.24 -9.54
C GLY A 18 -1.03 -1.28 -9.05
N LYS A 19 -0.24 -0.29 -9.47
CA LYS A 19 1.15 -0.22 -9.07
C LYS A 19 1.30 0.46 -7.70
N MET A 20 2.15 -0.12 -6.85
CA MET A 20 2.37 0.44 -5.52
C MET A 20 3.72 1.15 -5.44
N SER A 21 3.79 2.19 -4.63
CA SER A 21 5.02 2.96 -4.47
C SER A 21 5.66 2.71 -3.11
N ALA A 22 6.94 2.98 -3.00
CA ALA A 22 7.66 2.79 -1.75
C ALA A 22 6.90 3.41 -0.58
N TYR A 23 6.39 4.61 -0.78
CA TYR A 23 5.63 5.30 0.26
C TYR A 23 4.46 4.45 0.74
N ALA A 24 3.71 3.91 -0.21
CA ALA A 24 2.56 3.08 0.11
C ALA A 24 2.95 1.93 1.03
N PHE A 25 3.87 1.08 0.56
CA PHE A 25 4.33 -0.07 1.33
C PHE A 25 4.49 0.30 2.81
N PHE A 26 5.19 1.40 3.06
CA PHE A 26 5.42 1.87 4.43
C PHE A 26 4.10 1.99 5.18
N VAL A 27 3.09 2.53 4.51
CA VAL A 27 1.78 2.71 5.12
C VAL A 27 1.05 1.38 5.26
N GLN A 28 0.97 0.63 4.16
CA GLN A 28 0.30 -0.66 4.15
C GLN A 28 0.84 -1.55 5.29
N THR A 29 2.16 -1.59 5.42
CA THR A 29 2.80 -2.41 6.44
C THR A 29 2.26 -2.06 7.83
N CYS A 30 2.30 -0.76 8.17
CA CYS A 30 1.83 -0.29 9.45
C CYS A 30 0.39 -0.72 9.70
N ARG A 31 -0.41 -0.69 8.63
CA ARG A 31 -1.82 -1.07 8.73
C ARG A 31 -1.96 -2.53 9.15
N GLU A 32 -1.30 -3.42 8.41
CA GLU A 32 -1.36 -4.84 8.70
C GLU A 32 -0.96 -5.11 10.16
N GLU A 33 0.01 -4.35 10.65
CA GLU A 33 0.48 -4.50 12.02
C GLU A 33 -0.59 -4.07 13.02
N HIS A 34 -1.37 -3.06 12.64
CA HIS A 34 -2.44 -2.54 13.50
C HIS A 34 -3.54 -3.57 13.67
N LYS A 35 -3.94 -4.19 12.57
CA LYS A 35 -5.00 -5.20 12.60
C LYS A 35 -4.52 -6.48 13.29
N LYS A 36 -3.26 -6.83 13.03
CA LYS A 36 -2.67 -8.03 13.62
C LYS A 36 -2.83 -8.02 15.13
N LYS A 37 -2.94 -6.83 15.71
CA LYS A 37 -3.10 -6.67 17.15
C LYS A 37 -4.54 -6.31 17.50
N ASN A 38 -5.03 -5.24 16.91
CA ASN A 38 -6.39 -4.78 17.16
C ASN A 38 -7.25 -4.90 15.91
N PRO A 39 -7.62 -6.14 15.55
CA PRO A 39 -8.44 -6.42 14.37
C PRO A 39 -9.88 -5.94 14.53
N GLU A 40 -10.39 -6.05 15.75
CA GLU A 40 -11.76 -5.62 16.05
C GLU A 40 -11.87 -4.10 16.01
N VAL A 41 -10.80 -3.42 16.41
CA VAL A 41 -10.77 -1.96 16.42
C VAL A 41 -10.44 -1.40 15.04
N PRO A 42 -11.22 -0.40 14.61
CA PRO A 42 -11.02 0.25 13.31
C PRO A 42 -9.75 1.08 13.27
N VAL A 43 -9.39 1.55 12.06
CA VAL A 43 -8.20 2.37 11.89
C VAL A 43 -8.53 3.66 11.14
N ASN A 44 -8.63 4.76 11.88
CA ASN A 44 -8.93 6.06 11.29
C ASN A 44 -7.86 6.46 10.28
N PHE A 45 -7.97 5.95 9.07
CA PHE A 45 -7.01 6.25 8.01
C PHE A 45 -6.51 7.69 8.14
N ALA A 46 -7.44 8.63 8.19
CA ALA A 46 -7.10 10.04 8.31
C ALA A 46 -6.03 10.26 9.38
N GLU A 47 -6.20 9.60 10.52
CA GLU A 47 -5.24 9.72 11.61
C GLU A 47 -4.08 8.75 11.43
N PHE A 48 -4.39 7.47 11.37
CA PHE A 48 -3.37 6.44 11.20
C PHE A 48 -2.28 6.90 10.24
N SER A 49 -2.68 7.66 9.22
CA SER A 49 -1.75 8.17 8.23
C SER A 49 -0.86 9.25 8.83
N LYS A 50 -1.47 10.15 9.59
CA LYS A 50 -0.74 11.24 10.23
C LYS A 50 0.52 10.73 10.91
N LYS A 51 0.42 9.54 11.49
CA LYS A 51 1.56 8.93 12.17
C LYS A 51 2.48 8.23 11.19
N CYS A 52 1.93 7.75 10.08
CA CYS A 52 2.70 7.07 9.06
C CYS A 52 3.23 8.06 8.02
N SER A 53 2.30 8.64 7.25
CA SER A 53 2.67 9.60 6.22
C SER A 53 3.81 10.51 6.69
N GLU A 54 3.60 11.15 7.84
CA GLU A 54 4.61 12.04 8.40
C GLU A 54 5.92 11.31 8.62
N ARG A 55 5.83 10.06 9.06
CA ARG A 55 7.02 9.25 9.32
C ARG A 55 7.75 8.93 8.02
N TRP A 56 7.05 9.10 6.90
CA TRP A 56 7.63 8.82 5.59
C TRP A 56 8.49 9.99 5.12
N LYS A 57 7.90 11.18 5.08
CA LYS A 57 8.62 12.38 4.67
C LYS A 57 9.85 12.61 5.52
N THR A 58 9.79 12.16 6.77
CA THR A 58 10.91 12.32 7.70
C THR A 58 12.00 11.28 7.43
N MET A 59 11.59 10.11 6.95
CA MET A 59 12.54 9.04 6.65
C MET A 59 13.52 9.48 5.57
N SER A 60 14.69 8.84 5.54
CA SER A 60 15.72 9.16 4.56
C SER A 60 15.83 8.06 3.51
N GLY A 61 16.36 8.42 2.34
CA GLY A 61 16.52 7.45 1.28
C GLY A 61 17.10 6.13 1.77
N LYS A 62 18.07 6.20 2.67
CA LYS A 62 18.69 5.02 3.22
C LYS A 62 17.66 4.10 3.88
N GLU A 63 16.80 4.70 4.70
CA GLU A 63 15.76 3.94 5.39
C GLU A 63 14.69 3.48 4.41
N LYS A 64 14.17 4.41 3.62
CA LYS A 64 13.14 4.09 2.64
C LYS A 64 13.60 2.98 1.70
N SER A 65 14.91 2.78 1.63
CA SER A 65 15.47 1.74 0.78
C SER A 65 14.74 0.42 0.96
N LYS A 66 14.55 0.02 2.21
CA LYS A 66 13.87 -1.22 2.53
C LYS A 66 12.58 -1.35 1.71
N PHE A 67 11.82 -0.26 1.65
CA PHE A 67 10.56 -0.25 0.91
C PHE A 67 10.80 0.04 -0.58
N ASP A 68 12.03 0.44 -0.89
CA ASP A 68 12.39 0.76 -2.28
C ASP A 68 12.55 -0.52 -3.10
N GLU A 69 13.37 -1.44 -2.60
CA GLU A 69 13.60 -2.70 -3.30
C GLU A 69 12.30 -3.45 -3.51
N MET A 70 11.43 -3.41 -2.51
CA MET A 70 10.14 -4.10 -2.60
C MET A 70 9.30 -3.54 -3.74
N ALA A 71 9.12 -2.22 -3.75
CA ALA A 71 8.35 -1.57 -4.79
C ALA A 71 8.86 -1.93 -6.18
N LYS A 72 10.18 -1.97 -6.32
CA LYS A 72 10.79 -2.31 -7.60
C LYS A 72 10.15 -3.56 -8.20
N ALA A 73 9.99 -4.59 -7.38
CA ALA A 73 9.37 -5.83 -7.83
C ALA A 73 7.88 -5.65 -8.09
N ASP A 74 7.22 -4.90 -7.21
CA ASP A 74 5.79 -4.66 -7.34
C ASP A 74 5.45 -4.14 -8.74
N LYS A 75 6.39 -3.39 -9.33
CA LYS A 75 6.18 -2.83 -10.66
C LYS A 75 6.13 -3.94 -11.71
N VAL A 76 6.93 -4.98 -11.50
CA VAL A 76 6.98 -6.10 -12.43
C VAL A 76 5.70 -6.92 -12.37
N ARG A 77 5.28 -7.26 -11.15
CA ARG A 77 4.06 -8.03 -10.96
C ARG A 77 2.89 -7.43 -11.73
N TYR A 78 2.57 -6.18 -11.43
CA TYR A 78 1.48 -5.48 -12.10
C TYR A 78 1.58 -5.64 -13.61
N ASP A 79 2.77 -5.41 -14.15
CA ASP A 79 3.01 -5.53 -15.58
C ASP A 79 2.65 -6.93 -16.07
N ARG A 80 3.08 -7.94 -15.34
CA ARG A 80 2.81 -9.33 -15.70
C ARG A 80 1.31 -9.62 -15.65
N GLU A 81 0.64 -9.08 -14.64
CA GLU A 81 -0.79 -9.29 -14.48
C GLU A 81 -1.57 -8.59 -15.59
N MET A 82 -1.09 -7.41 -15.99
CA MET A 82 -1.74 -6.65 -17.05
C MET A 82 -1.73 -7.41 -18.36
N LYS A 83 -0.72 -8.25 -18.55
CA LYS A 83 -0.59 -9.05 -19.77
C LYS A 83 -1.72 -10.07 -19.87
N ASP A 84 -1.88 -10.87 -18.82
CA ASP A 84 -2.93 -11.89 -18.79
C ASP A 84 -4.31 -11.24 -18.73
N TYR A 85 -4.47 -10.25 -17.85
CA TYR A 85 -5.74 -9.56 -17.71
C TYR A 85 -6.20 -8.96 -19.03
N GLY A 86 -5.28 -8.27 -19.71
CA GLY A 86 -5.60 -7.67 -20.99
C GLY A 86 -4.47 -7.78 -21.98
N GLY A 1 -4.50 12.23 -8.09
CA GLY A 1 -4.79 10.95 -7.47
C GLY A 1 -5.68 11.09 -6.25
N SER A 2 -6.56 10.11 -6.04
CA SER A 2 -7.48 10.13 -4.91
C SER A 2 -6.73 9.91 -3.60
N SER A 3 -7.43 10.13 -2.49
CA SER A 3 -6.82 9.96 -1.17
C SER A 3 -7.18 8.59 -0.58
N GLY A 4 -6.31 7.61 -0.81
CA GLY A 4 -6.55 6.27 -0.31
C GLY A 4 -5.82 5.21 -1.10
N SER A 5 -5.05 4.38 -0.40
CA SER A 5 -4.29 3.31 -1.05
C SER A 5 -5.10 2.02 -1.11
N SER A 6 -5.67 1.63 0.02
CA SER A 6 -6.46 0.41 0.10
C SER A 6 -7.70 0.63 0.96
N GLY A 7 -8.73 -0.18 0.73
CA GLY A 7 -9.96 -0.06 1.50
C GLY A 7 -11.07 -0.92 0.94
N MET A 8 -11.99 -0.27 0.21
CA MET A 8 -13.12 -0.99 -0.38
C MET A 8 -12.65 -1.91 -1.50
N ALA A 9 -12.92 -3.20 -1.35
CA ALA A 9 -12.54 -4.19 -2.34
C ALA A 9 -13.76 -4.79 -3.03
N LYS A 10 -13.99 -4.40 -4.27
CA LYS A 10 -15.12 -4.89 -5.04
C LYS A 10 -14.71 -5.23 -6.47
N GLY A 11 -15.65 -5.76 -7.24
CA GLY A 11 -15.36 -6.12 -8.62
C GLY A 11 -15.08 -7.60 -8.79
N ASP A 12 -13.93 -7.91 -9.38
CA ASP A 12 -13.54 -9.30 -9.60
C ASP A 12 -12.15 -9.57 -9.05
N PRO A 13 -11.97 -10.75 -8.43
CA PRO A 13 -10.68 -11.15 -7.85
C PRO A 13 -9.63 -11.43 -8.92
N LYS A 14 -10.06 -11.99 -10.03
CA LYS A 14 -9.15 -12.32 -11.13
C LYS A 14 -8.19 -11.17 -11.39
N LYS A 15 -8.71 -9.95 -11.37
CA LYS A 15 -7.90 -8.76 -11.60
C LYS A 15 -6.77 -8.67 -10.58
N PRO A 16 -5.57 -8.31 -11.05
CA PRO A 16 -4.40 -8.17 -10.17
C PRO A 16 -4.50 -6.96 -9.26
N LYS A 17 -3.56 -6.85 -8.31
CA LYS A 17 -3.55 -5.74 -7.37
C LYS A 17 -2.91 -4.51 -8.00
N GLY A 18 -3.65 -3.41 -8.00
CA GLY A 18 -3.14 -2.17 -8.57
C GLY A 18 -1.70 -1.92 -8.20
N LYS A 19 -1.05 -1.00 -8.92
CA LYS A 19 0.34 -0.66 -8.66
C LYS A 19 0.46 0.27 -7.46
N MET A 20 1.40 -0.05 -6.56
CA MET A 20 1.62 0.76 -5.37
C MET A 20 3.02 1.35 -5.37
N SER A 21 3.17 2.50 -4.72
CA SER A 21 4.46 3.17 -4.63
C SER A 21 5.15 2.87 -3.31
N ALA A 22 6.48 2.93 -3.31
CA ALA A 22 7.26 2.66 -2.12
C ALA A 22 6.57 3.23 -0.88
N TYR A 23 5.97 4.41 -1.02
CA TYR A 23 5.28 5.05 0.08
C TYR A 23 4.08 4.22 0.55
N ALA A 24 3.19 3.91 -0.39
CA ALA A 24 2.00 3.11 -0.09
C ALA A 24 2.36 1.88 0.72
N PHE A 25 3.34 1.12 0.22
CA PHE A 25 3.78 -0.10 0.89
C PHE A 25 3.97 0.15 2.39
N PHE A 26 4.61 1.27 2.71
CA PHE A 26 4.85 1.63 4.11
C PHE A 26 3.54 1.78 4.87
N VAL A 27 2.61 2.54 4.29
CA VAL A 27 1.31 2.76 4.93
C VAL A 27 0.55 1.46 5.11
N GLN A 28 0.59 0.61 4.08
CA GLN A 28 -0.09 -0.68 4.13
C GLN A 28 0.52 -1.58 5.20
N THR A 29 1.85 -1.67 5.19
CA THR A 29 2.57 -2.50 6.15
C THR A 29 2.23 -2.11 7.58
N CYS A 30 2.40 -0.83 7.88
CA CYS A 30 2.11 -0.33 9.22
C CYS A 30 0.69 -0.67 9.65
N ARG A 31 -0.24 -0.63 8.68
CA ARG A 31 -1.64 -0.94 8.95
C ARG A 31 -1.80 -2.40 9.37
N GLU A 32 -1.30 -3.30 8.53
CA GLU A 32 -1.39 -4.73 8.81
C GLU A 32 -0.90 -5.05 10.22
N GLU A 33 0.12 -4.32 10.65
CA GLU A 33 0.69 -4.52 11.98
C GLU A 33 -0.29 -4.09 13.07
N HIS A 34 -1.00 -2.99 12.83
CA HIS A 34 -1.97 -2.48 13.78
C HIS A 34 -3.10 -3.49 14.00
N LYS A 35 -3.67 -3.97 12.91
CA LYS A 35 -4.76 -4.94 12.97
C LYS A 35 -4.27 -6.25 13.56
N LYS A 36 -3.29 -6.86 12.90
CA LYS A 36 -2.73 -8.13 13.35
C LYS A 36 -2.72 -8.20 14.89
N LYS A 37 -2.52 -7.05 15.52
CA LYS A 37 -2.49 -6.99 16.98
C LYS A 37 -3.85 -6.61 17.54
N ASN A 38 -4.32 -5.42 17.18
CA ASN A 38 -5.62 -4.95 17.64
C ASN A 38 -6.65 -4.96 16.50
N PRO A 39 -7.15 -6.16 16.19
CA PRO A 39 -8.15 -6.34 15.12
C PRO A 39 -9.51 -5.75 15.50
N GLU A 40 -9.83 -5.79 16.78
CA GLU A 40 -11.10 -5.27 17.26
C GLU A 40 -11.10 -3.74 17.24
N VAL A 41 -9.93 -3.15 17.45
CA VAL A 41 -9.80 -1.69 17.44
C VAL A 41 -9.57 -1.16 16.03
N PRO A 42 -10.46 -0.27 15.59
CA PRO A 42 -10.38 0.33 14.26
C PRO A 42 -9.21 1.29 14.12
N VAL A 43 -8.87 1.65 12.88
CA VAL A 43 -7.77 2.56 12.62
C VAL A 43 -8.24 3.79 11.86
N ASN A 44 -8.29 4.93 12.54
CA ASN A 44 -8.73 6.18 11.94
C ASN A 44 -7.82 6.56 10.77
N PHE A 45 -7.99 5.87 9.64
CA PHE A 45 -7.19 6.14 8.46
C PHE A 45 -6.88 7.63 8.33
N ALA A 46 -7.92 8.45 8.31
CA ALA A 46 -7.75 9.89 8.20
C ALA A 46 -6.56 10.37 9.03
N GLU A 47 -6.47 9.91 10.26
CA GLU A 47 -5.38 10.28 11.16
C GLU A 47 -4.16 9.38 10.94
N PHE A 48 -4.37 8.08 11.12
CA PHE A 48 -3.30 7.10 10.96
C PHE A 48 -2.43 7.45 9.75
N SER A 49 -3.02 8.17 8.80
CA SER A 49 -2.30 8.56 7.59
C SER A 49 -1.44 9.79 7.84
N LYS A 50 -1.99 10.76 8.57
CA LYS A 50 -1.27 11.98 8.90
C LYS A 50 0.03 11.68 9.63
N LYS A 51 0.06 10.55 10.33
CA LYS A 51 1.24 10.15 11.07
C LYS A 51 2.17 9.29 10.20
N CYS A 52 1.57 8.51 9.31
CA CYS A 52 2.34 7.65 8.42
C CYS A 52 3.07 8.47 7.37
N SER A 53 2.36 9.39 6.72
CA SER A 53 2.94 10.23 5.70
C SER A 53 4.18 10.95 6.22
N GLU A 54 4.01 11.70 7.31
CA GLU A 54 5.10 12.44 7.91
C GLU A 54 6.29 11.53 8.19
N ARG A 55 6.00 10.32 8.69
CA ARG A 55 7.05 9.35 9.00
C ARG A 55 7.81 8.96 7.74
N TRP A 56 7.16 9.08 6.59
CA TRP A 56 7.80 8.74 5.32
C TRP A 56 8.85 9.78 4.94
N LYS A 57 8.51 11.05 5.10
CA LYS A 57 9.44 12.13 4.78
C LYS A 57 10.56 12.22 5.81
N THR A 58 10.24 11.84 7.04
CA THR A 58 11.22 11.87 8.13
C THR A 58 12.19 10.70 8.02
N MET A 59 11.73 9.59 7.47
CA MET A 59 12.57 8.41 7.32
C MET A 59 13.78 8.72 6.45
N SER A 60 14.74 7.79 6.44
CA SER A 60 15.96 7.98 5.66
C SER A 60 16.08 6.89 4.59
N GLY A 61 16.72 7.25 3.48
CA GLY A 61 16.90 6.29 2.39
C GLY A 61 17.08 4.87 2.89
N LYS A 62 17.79 4.72 4.00
CA LYS A 62 18.03 3.41 4.58
C LYS A 62 16.72 2.72 4.96
N GLU A 63 15.94 3.38 5.80
CA GLU A 63 14.67 2.84 6.24
C GLU A 63 13.70 2.68 5.07
N LYS A 64 13.79 3.61 4.12
CA LYS A 64 12.93 3.58 2.94
C LYS A 64 13.27 2.39 2.05
N SER A 65 14.57 2.15 1.86
CA SER A 65 15.03 1.04 1.02
C SER A 65 14.10 -0.16 1.17
N LYS A 66 13.76 -0.49 2.41
CA LYS A 66 12.88 -1.62 2.68
C LYS A 66 11.75 -1.70 1.65
N PHE A 67 11.07 -0.57 1.45
CA PHE A 67 9.97 -0.50 0.50
C PHE A 67 10.47 -0.06 -0.88
N ASP A 68 11.54 0.72 -0.89
CA ASP A 68 12.12 1.21 -2.15
C ASP A 68 12.40 0.05 -3.10
N GLU A 69 12.65 -1.12 -2.53
CA GLU A 69 12.95 -2.31 -3.33
C GLU A 69 11.66 -3.00 -3.76
N MET A 70 10.69 -3.07 -2.85
CA MET A 70 9.42 -3.72 -3.14
C MET A 70 8.69 -3.01 -4.27
N ALA A 71 8.66 -1.68 -4.21
CA ALA A 71 8.01 -0.89 -5.25
C ALA A 71 8.68 -1.07 -6.60
N LYS A 72 10.00 -1.13 -6.60
CA LYS A 72 10.77 -1.29 -7.82
C LYS A 72 10.27 -2.52 -8.60
N ALA A 73 9.86 -3.55 -7.87
CA ALA A 73 9.36 -4.77 -8.49
C ALA A 73 7.87 -4.66 -8.80
N ASP A 74 7.12 -4.10 -7.86
CA ASP A 74 5.67 -3.94 -8.03
C ASP A 74 5.34 -3.59 -9.48
N LYS A 75 6.28 -2.93 -10.15
CA LYS A 75 6.08 -2.53 -11.54
C LYS A 75 6.14 -3.74 -12.47
N VAL A 76 7.21 -4.52 -12.35
CA VAL A 76 7.38 -5.71 -13.17
C VAL A 76 6.33 -6.77 -12.84
N ARG A 77 5.99 -6.87 -11.55
CA ARG A 77 5.00 -7.84 -11.10
C ARG A 77 3.64 -7.54 -11.71
N TYR A 78 3.14 -6.33 -11.48
CA TYR A 78 1.84 -5.92 -12.00
C TYR A 78 1.83 -5.94 -13.53
N ASP A 79 2.85 -5.33 -14.12
CA ASP A 79 2.97 -5.28 -15.58
C ASP A 79 2.90 -6.68 -16.17
N ARG A 80 3.70 -7.59 -15.65
CA ARG A 80 3.73 -8.97 -16.13
C ARG A 80 2.37 -9.63 -15.95
N GLU A 81 1.53 -9.04 -15.09
CA GLU A 81 0.21 -9.57 -14.83
C GLU A 81 -0.84 -8.91 -15.72
N MET A 82 -0.61 -7.65 -16.05
CA MET A 82 -1.53 -6.89 -16.89
C MET A 82 -1.32 -7.23 -18.37
N LYS A 83 -0.09 -7.62 -18.71
CA LYS A 83 0.24 -7.96 -20.09
C LYS A 83 -0.45 -9.25 -20.50
N ASP A 84 -0.76 -10.10 -19.53
CA ASP A 84 -1.43 -11.36 -19.80
C ASP A 84 -2.94 -11.24 -19.57
N TYR A 85 -3.32 -10.33 -18.69
CA TYR A 85 -4.73 -10.11 -18.38
C TYR A 85 -5.43 -9.36 -19.51
N GLY A 86 -4.77 -8.33 -20.02
CA GLY A 86 -5.33 -7.54 -21.09
C GLY A 86 -4.44 -7.48 -22.31
N GLY A 1 -2.06 9.93 -18.35
CA GLY A 1 -2.12 9.64 -16.93
C GLY A 1 -3.04 8.48 -16.62
N SER A 2 -2.55 7.53 -15.84
CA SER A 2 -3.33 6.36 -15.47
C SER A 2 -3.43 6.23 -13.96
N SER A 3 -4.63 6.44 -13.43
CA SER A 3 -4.86 6.35 -12.00
C SER A 3 -5.90 5.28 -11.68
N GLY A 4 -6.11 5.04 -10.39
CA GLY A 4 -7.08 4.03 -9.98
C GLY A 4 -7.72 4.37 -8.64
N SER A 5 -8.73 3.59 -8.27
CA SER A 5 -9.44 3.81 -7.01
C SER A 5 -9.96 2.49 -6.44
N SER A 6 -10.32 2.51 -5.16
CA SER A 6 -10.83 1.32 -4.50
C SER A 6 -12.30 1.48 -4.15
N GLY A 7 -12.97 0.36 -3.89
CA GLY A 7 -14.38 0.40 -3.55
C GLY A 7 -14.88 -0.91 -2.96
N MET A 8 -14.64 -2.00 -3.68
CA MET A 8 -15.06 -3.32 -3.23
C MET A 8 -13.86 -4.17 -2.84
N ALA A 9 -14.10 -5.18 -2.00
CA ALA A 9 -13.03 -6.07 -1.55
C ALA A 9 -13.02 -7.36 -2.37
N LYS A 10 -12.34 -7.33 -3.51
CA LYS A 10 -12.24 -8.50 -4.38
C LYS A 10 -10.96 -8.46 -5.20
N GLY A 11 -10.43 -9.63 -5.52
CA GLY A 11 -9.21 -9.72 -6.31
C GLY A 11 -8.84 -11.14 -6.65
N ASP A 12 -8.74 -11.43 -7.95
CA ASP A 12 -8.38 -12.76 -8.41
C ASP A 12 -6.89 -12.87 -8.69
N PRO A 13 -6.35 -14.08 -8.59
CA PRO A 13 -4.93 -14.34 -8.83
C PRO A 13 -4.55 -14.20 -10.30
N LYS A 14 -5.56 -14.12 -11.17
CA LYS A 14 -5.35 -13.98 -12.59
C LYS A 14 -5.37 -12.52 -13.01
N LYS A 15 -6.32 -11.77 -12.44
CA LYS A 15 -6.45 -10.35 -12.75
C LYS A 15 -5.70 -9.50 -11.73
N PRO A 16 -4.99 -8.47 -12.23
CA PRO A 16 -4.21 -7.56 -11.38
C PRO A 16 -5.10 -6.67 -10.52
N LYS A 17 -4.54 -6.14 -9.44
CA LYS A 17 -5.28 -5.27 -8.53
C LYS A 17 -4.50 -3.99 -8.26
N GLY A 18 -3.60 -3.64 -9.17
CA GLY A 18 -2.81 -2.43 -9.01
C GLY A 18 -1.46 -2.70 -8.39
N LYS A 19 -0.49 -1.83 -8.65
CA LYS A 19 0.84 -1.98 -8.11
C LYS A 19 1.14 -0.90 -7.07
N MET A 20 1.52 -1.33 -5.88
CA MET A 20 1.82 -0.39 -4.80
C MET A 20 3.26 0.10 -4.91
N SER A 21 3.51 1.29 -4.35
CA SER A 21 4.85 1.88 -4.40
C SER A 21 5.48 1.89 -3.01
N ALA A 22 6.72 2.38 -2.92
CA ALA A 22 7.43 2.45 -1.66
C ALA A 22 6.57 3.10 -0.57
N TYR A 23 5.82 4.13 -0.96
CA TYR A 23 4.95 4.83 -0.02
C TYR A 23 3.81 3.94 0.44
N ALA A 24 3.11 3.32 -0.51
CA ALA A 24 1.99 2.43 -0.19
C ALA A 24 2.44 1.31 0.72
N PHE A 25 3.48 0.59 0.31
CA PHE A 25 4.01 -0.52 1.09
C PHE A 25 4.18 -0.13 2.55
N PHE A 26 4.67 1.09 2.78
CA PHE A 26 4.89 1.59 4.13
C PHE A 26 3.57 1.70 4.89
N VAL A 27 2.60 2.36 4.28
CA VAL A 27 1.30 2.55 4.90
C VAL A 27 0.66 1.20 5.23
N GLN A 28 0.70 0.28 4.28
CA GLN A 28 0.13 -1.05 4.46
C GLN A 28 0.80 -1.76 5.63
N THR A 29 2.09 -2.03 5.50
CA THR A 29 2.84 -2.71 6.54
C THR A 29 2.46 -2.19 7.93
N CYS A 30 2.37 -0.88 8.05
CA CYS A 30 2.00 -0.25 9.32
C CYS A 30 0.61 -0.67 9.76
N ARG A 31 -0.34 -0.59 8.83
CA ARG A 31 -1.73 -0.96 9.13
C ARG A 31 -1.80 -2.35 9.73
N GLU A 32 -1.13 -3.31 9.08
CA GLU A 32 -1.12 -4.69 9.54
C GLU A 32 -0.50 -4.79 10.93
N GLU A 33 0.60 -4.08 11.14
CA GLU A 33 1.29 -4.09 12.42
C GLU A 33 0.40 -3.53 13.52
N HIS A 34 -0.67 -2.83 13.12
CA HIS A 34 -1.60 -2.24 14.07
C HIS A 34 -2.74 -3.22 14.40
N LYS A 35 -3.34 -3.78 13.35
CA LYS A 35 -4.44 -4.72 13.52
C LYS A 35 -3.94 -6.03 14.15
N LYS A 36 -2.93 -6.63 13.53
CA LYS A 36 -2.35 -7.87 14.02
C LYS A 36 -2.29 -7.87 15.54
N LYS A 37 -2.00 -6.71 16.12
CA LYS A 37 -1.91 -6.57 17.57
C LYS A 37 -3.26 -6.15 18.16
N ASN A 38 -3.77 -5.02 17.69
CA ASN A 38 -5.05 -4.50 18.17
C ASN A 38 -6.14 -4.65 17.11
N PRO A 39 -6.53 -5.91 16.83
CA PRO A 39 -7.56 -6.21 15.83
C PRO A 39 -8.95 -5.76 16.29
N GLU A 40 -9.08 -5.47 17.57
CA GLU A 40 -10.35 -5.03 18.13
C GLU A 40 -10.50 -3.51 18.04
N VAL A 41 -9.37 -2.82 17.94
CA VAL A 41 -9.37 -1.36 17.85
C VAL A 41 -9.28 -0.91 16.40
N PRO A 42 -10.17 0.01 16.01
CA PRO A 42 -10.21 0.55 14.65
C PRO A 42 -9.01 1.44 14.34
N VAL A 43 -8.91 1.86 13.08
CA VAL A 43 -7.80 2.72 12.65
C VAL A 43 -8.31 3.87 11.80
N ASN A 44 -8.49 5.03 12.43
CA ASN A 44 -8.97 6.21 11.71
C ASN A 44 -8.09 6.52 10.50
N PHE A 45 -8.36 5.84 9.39
CA PHE A 45 -7.60 6.04 8.18
C PHE A 45 -7.27 7.52 7.97
N ALA A 46 -8.30 8.35 7.96
CA ALA A 46 -8.12 9.79 7.78
C ALA A 46 -6.91 10.30 8.55
N GLU A 47 -6.74 9.81 9.77
CA GLU A 47 -5.61 10.21 10.60
C GLU A 47 -4.41 9.30 10.38
N PHE A 48 -4.59 8.01 10.66
CA PHE A 48 -3.51 7.04 10.49
C PHE A 48 -2.72 7.32 9.22
N SER A 49 -3.41 7.84 8.21
CA SER A 49 -2.77 8.16 6.93
C SER A 49 -1.94 9.43 7.04
N LYS A 50 -2.52 10.47 7.64
CA LYS A 50 -1.83 11.74 7.80
C LYS A 50 -0.53 11.56 8.57
N LYS A 51 -0.52 10.62 9.50
CA LYS A 51 0.66 10.34 10.30
C LYS A 51 1.65 9.46 9.53
N CYS A 52 1.11 8.58 8.69
CA CYS A 52 1.95 7.69 7.88
C CYS A 52 2.75 8.47 6.85
N SER A 53 2.10 9.43 6.21
CA SER A 53 2.75 10.25 5.19
C SER A 53 3.93 11.01 5.79
N GLU A 54 3.64 11.85 6.77
CA GLU A 54 4.68 12.65 7.43
C GLU A 54 5.84 11.76 7.88
N ARG A 55 5.52 10.52 8.24
CA ARG A 55 6.53 9.57 8.69
C ARG A 55 7.41 9.12 7.54
N TRP A 56 6.85 9.13 6.33
CA TRP A 56 7.59 8.73 5.14
C TRP A 56 8.66 9.74 4.79
N LYS A 57 8.29 11.02 4.80
CA LYS A 57 9.23 12.09 4.49
C LYS A 57 10.32 12.19 5.55
N THR A 58 9.97 11.84 6.79
CA THR A 58 10.92 11.89 7.89
C THR A 58 11.88 10.70 7.85
N MET A 59 11.39 9.58 7.32
CA MET A 59 12.21 8.38 7.22
C MET A 59 13.50 8.65 6.45
N SER A 60 14.50 7.81 6.67
CA SER A 60 15.78 7.96 5.99
C SER A 60 15.94 6.94 4.87
N GLY A 61 16.71 7.30 3.85
CA GLY A 61 16.93 6.40 2.73
C GLY A 61 17.08 4.96 3.16
N LYS A 62 17.62 4.75 4.36
CA LYS A 62 17.82 3.42 4.89
C LYS A 62 16.48 2.77 5.25
N GLU A 63 15.73 3.42 6.12
CA GLU A 63 14.43 2.91 6.54
C GLU A 63 13.50 2.74 5.35
N LYS A 64 13.71 3.54 4.31
CA LYS A 64 12.89 3.47 3.11
C LYS A 64 13.30 2.29 2.24
N SER A 65 14.61 2.09 2.09
CA SER A 65 15.13 0.99 1.28
C SER A 65 14.23 -0.24 1.40
N LYS A 66 13.90 -0.61 2.64
CA LYS A 66 13.05 -1.77 2.90
C LYS A 66 11.95 -1.88 1.84
N PHE A 67 11.24 -0.78 1.63
CA PHE A 67 10.16 -0.76 0.65
C PHE A 67 10.68 -0.34 -0.73
N ASP A 68 11.56 0.65 -0.74
CA ASP A 68 12.14 1.15 -1.98
C ASP A 68 12.49 0.00 -2.92
N GLU A 69 12.83 -1.15 -2.34
CA GLU A 69 13.20 -2.33 -3.12
C GLU A 69 11.95 -3.16 -3.45
N MET A 70 11.07 -3.31 -2.45
CA MET A 70 9.85 -4.08 -2.64
C MET A 70 8.97 -3.47 -3.74
N ALA A 71 9.18 -2.18 -3.99
CA ALA A 71 8.41 -1.48 -5.01
C ALA A 71 8.88 -1.87 -6.42
N LYS A 72 10.18 -1.79 -6.63
CA LYS A 72 10.76 -2.13 -7.93
C LYS A 72 10.25 -3.48 -8.42
N ALA A 73 10.12 -4.43 -7.50
CA ALA A 73 9.63 -5.76 -7.83
C ALA A 73 8.14 -5.74 -8.14
N ASP A 74 7.36 -5.19 -7.23
CA ASP A 74 5.91 -5.11 -7.41
C ASP A 74 5.57 -4.58 -8.79
N LYS A 75 6.31 -3.58 -9.24
CA LYS A 75 6.08 -2.97 -10.55
C LYS A 75 6.15 -4.03 -11.64
N VAL A 76 7.17 -4.88 -11.58
CA VAL A 76 7.35 -5.94 -12.57
C VAL A 76 6.07 -6.75 -12.74
N ARG A 77 5.63 -7.38 -11.66
CA ARG A 77 4.42 -8.20 -11.69
C ARG A 77 3.29 -7.46 -12.41
N TYR A 78 2.90 -6.32 -11.86
CA TYR A 78 1.82 -5.52 -12.45
C TYR A 78 2.07 -5.30 -13.94
N ASP A 79 3.21 -4.74 -14.27
CA ASP A 79 3.57 -4.47 -15.65
C ASP A 79 3.13 -5.62 -16.56
N ARG A 80 3.67 -6.81 -16.29
CA ARG A 80 3.33 -7.99 -17.09
C ARG A 80 1.82 -8.24 -17.07
N GLU A 81 1.21 -8.07 -15.90
CA GLU A 81 -0.22 -8.29 -15.75
C GLU A 81 -1.01 -7.36 -16.67
N MET A 82 -0.53 -6.12 -16.79
CA MET A 82 -1.19 -5.14 -17.64
C MET A 82 -1.13 -5.55 -19.11
N LYS A 83 -0.05 -6.24 -19.48
CA LYS A 83 0.13 -6.69 -20.85
C LYS A 83 -0.83 -7.83 -21.18
N ASP A 84 -0.99 -8.75 -20.23
CA ASP A 84 -1.87 -9.89 -20.41
C ASP A 84 -3.34 -9.48 -20.29
N TYR A 85 -3.63 -8.64 -19.29
CA TYR A 85 -4.98 -8.16 -19.07
C TYR A 85 -5.39 -7.14 -20.12
N GLY A 86 -4.59 -6.09 -20.25
CA GLY A 86 -4.88 -5.05 -21.23
C GLY A 86 -3.75 -4.87 -22.23
N GLY A 1 -16.62 8.44 -4.86
CA GLY A 1 -17.96 8.60 -4.34
C GLY A 1 -18.78 7.33 -4.44
N SER A 2 -18.44 6.35 -3.60
CA SER A 2 -19.15 5.08 -3.61
C SER A 2 -19.96 4.90 -2.33
N SER A 3 -20.76 3.85 -2.29
CA SER A 3 -21.61 3.57 -1.12
C SER A 3 -20.79 2.94 -0.01
N GLY A 4 -19.95 1.96 -0.37
CA GLY A 4 -19.12 1.29 0.61
C GLY A 4 -19.69 -0.06 1.01
N SER A 5 -18.98 -1.13 0.65
CA SER A 5 -19.41 -2.48 0.97
C SER A 5 -19.56 -2.65 2.48
N SER A 6 -20.20 -3.75 2.88
CA SER A 6 -20.42 -4.04 4.30
C SER A 6 -20.46 -5.54 4.55
N GLY A 7 -19.68 -6.00 5.51
CA GLY A 7 -19.65 -7.42 5.83
C GLY A 7 -18.31 -8.06 5.51
N MET A 8 -18.35 -9.31 5.05
CA MET A 8 -17.14 -10.03 4.70
C MET A 8 -16.70 -9.69 3.27
N ALA A 9 -15.51 -10.19 2.89
CA ALA A 9 -14.99 -9.95 1.56
C ALA A 9 -14.29 -11.19 1.01
N LYS A 10 -14.91 -11.82 0.02
CA LYS A 10 -14.36 -13.02 -0.60
C LYS A 10 -13.11 -12.69 -1.42
N GLY A 11 -12.34 -13.71 -1.75
CA GLY A 11 -11.14 -13.50 -2.53
C GLY A 11 -11.38 -12.66 -3.77
N ASP A 12 -10.32 -12.05 -4.28
CA ASP A 12 -10.44 -11.20 -5.47
C ASP A 12 -10.14 -12.01 -6.73
N PRO A 13 -10.58 -11.47 -7.89
CA PRO A 13 -10.37 -12.13 -9.19
C PRO A 13 -8.91 -12.10 -9.61
N LYS A 14 -8.04 -11.66 -8.72
CA LYS A 14 -6.61 -11.59 -9.01
C LYS A 14 -6.34 -10.62 -10.16
N LYS A 15 -6.93 -9.44 -10.09
CA LYS A 15 -6.76 -8.43 -11.12
C LYS A 15 -5.63 -7.46 -10.74
N PRO A 16 -4.81 -7.08 -11.75
CA PRO A 16 -3.69 -6.16 -11.54
C PRO A 16 -4.16 -4.74 -11.23
N LYS A 17 -3.89 -4.27 -10.01
CA LYS A 17 -4.28 -2.94 -9.60
C LYS A 17 -3.08 -1.99 -9.64
N GLY A 18 -2.83 -1.40 -10.80
CA GLY A 18 -1.72 -0.47 -10.94
C GLY A 18 -0.47 -0.96 -10.23
N LYS A 19 0.48 -0.05 -10.01
CA LYS A 19 1.73 -0.40 -9.34
C LYS A 19 1.83 0.31 -7.99
N MET A 20 2.24 -0.43 -6.97
CA MET A 20 2.39 0.14 -5.64
C MET A 20 3.76 0.78 -5.46
N SER A 21 3.79 1.97 -4.86
CA SER A 21 5.04 2.68 -4.64
C SER A 21 5.53 2.49 -3.21
N ALA A 22 6.84 2.58 -3.02
CA ALA A 22 7.44 2.42 -1.70
C ALA A 22 6.58 3.06 -0.62
N TYR A 23 6.15 4.29 -0.88
CA TYR A 23 5.32 5.03 0.07
C TYR A 23 4.14 4.17 0.53
N ALA A 24 3.33 3.72 -0.43
CA ALA A 24 2.17 2.89 -0.12
C ALA A 24 2.54 1.78 0.87
N PHE A 25 3.51 0.96 0.48
CA PHE A 25 3.96 -0.14 1.32
C PHE A 25 4.02 0.28 2.79
N PHE A 26 4.66 1.42 3.03
CA PHE A 26 4.80 1.94 4.39
C PHE A 26 3.43 2.06 5.07
N VAL A 27 2.45 2.56 4.32
CA VAL A 27 1.11 2.73 4.85
C VAL A 27 0.42 1.39 5.04
N GLN A 28 0.41 0.58 3.98
CA GLN A 28 -0.22 -0.73 4.03
C GLN A 28 0.36 -1.57 5.16
N THR A 29 1.66 -1.83 5.08
CA THR A 29 2.34 -2.63 6.10
C THR A 29 2.01 -2.13 7.50
N CYS A 30 2.15 -0.83 7.71
CA CYS A 30 1.88 -0.22 9.01
C CYS A 30 0.47 -0.58 9.47
N ARG A 31 -0.48 -0.57 8.55
CA ARG A 31 -1.87 -0.90 8.87
C ARG A 31 -1.99 -2.33 9.40
N GLU A 32 -1.44 -3.28 8.64
CA GLU A 32 -1.49 -4.68 9.02
C GLU A 32 -0.79 -4.90 10.37
N GLU A 33 0.20 -4.06 10.66
CA GLU A 33 0.94 -4.17 11.92
C GLU A 33 0.06 -3.75 13.09
N HIS A 34 -0.66 -2.65 12.94
CA HIS A 34 -1.53 -2.15 13.99
C HIS A 34 -2.63 -3.16 14.31
N LYS A 35 -3.22 -3.73 13.26
CA LYS A 35 -4.29 -4.71 13.42
C LYS A 35 -3.73 -6.05 13.92
N LYS A 36 -2.62 -6.47 13.34
CA LYS A 36 -1.98 -7.72 13.72
C LYS A 36 -1.82 -7.81 15.24
N LYS A 37 -1.66 -6.66 15.88
CA LYS A 37 -1.51 -6.60 17.33
C LYS A 37 -2.83 -6.23 18.01
N ASN A 38 -3.48 -5.19 17.49
CA ASN A 38 -4.75 -4.75 18.04
C ASN A 38 -5.88 -4.93 17.04
N PRO A 39 -6.19 -6.20 16.73
CA PRO A 39 -7.25 -6.55 15.77
C PRO A 39 -8.64 -6.24 16.32
N GLU A 40 -8.69 -5.83 17.58
CA GLU A 40 -9.97 -5.49 18.23
C GLU A 40 -10.17 -3.99 18.30
N VAL A 41 -9.07 -3.25 18.22
CA VAL A 41 -9.12 -1.79 18.27
C VAL A 41 -9.18 -1.19 16.87
N PRO A 42 -10.05 -0.18 16.70
CA PRO A 42 -10.22 0.50 15.41
C PRO A 42 -9.01 1.36 15.04
N VAL A 43 -9.01 1.85 13.81
CA VAL A 43 -7.91 2.69 13.34
C VAL A 43 -8.43 3.84 12.46
N ASN A 44 -8.41 5.04 13.02
CA ASN A 44 -8.87 6.22 12.29
C ASN A 44 -8.07 6.43 11.01
N PHE A 45 -8.41 5.67 9.97
CA PHE A 45 -7.72 5.76 8.70
C PHE A 45 -7.31 7.21 8.41
N ALA A 46 -8.28 8.11 8.46
CA ALA A 46 -8.02 9.53 8.21
C ALA A 46 -6.78 10.00 8.96
N GLU A 47 -6.68 9.62 10.23
CA GLU A 47 -5.55 10.00 11.06
C GLU A 47 -4.34 9.11 10.78
N PHE A 48 -4.52 7.81 10.98
CA PHE A 48 -3.44 6.84 10.75
C PHE A 48 -2.66 7.19 9.49
N SER A 49 -3.35 7.78 8.52
CA SER A 49 -2.72 8.15 7.25
C SER A 49 -1.94 9.45 7.40
N LYS A 50 -2.55 10.42 8.09
CA LYS A 50 -1.92 11.71 8.31
C LYS A 50 -0.57 11.55 9.01
N LYS A 51 -0.45 10.49 9.81
CA LYS A 51 0.78 10.23 10.54
C LYS A 51 1.79 9.49 9.66
N CYS A 52 1.26 8.67 8.75
CA CYS A 52 2.11 7.90 7.84
C CYS A 52 2.88 8.83 6.89
N SER A 53 2.15 9.49 6.01
CA SER A 53 2.76 10.40 5.05
C SER A 53 3.83 11.26 5.72
N GLU A 54 3.50 11.78 6.90
CA GLU A 54 4.43 12.63 7.65
C GLU A 54 5.64 11.81 8.13
N ARG A 55 5.41 10.52 8.37
CA ARG A 55 6.47 9.64 8.85
C ARG A 55 7.31 9.14 7.68
N TRP A 56 6.77 9.23 6.47
CA TRP A 56 7.47 8.78 5.28
C TRP A 56 8.54 9.79 4.87
N LYS A 57 8.12 11.04 4.67
CA LYS A 57 9.02 12.11 4.27
C LYS A 57 10.14 12.29 5.30
N THR A 58 9.81 12.02 6.57
CA THR A 58 10.77 12.15 7.66
C THR A 58 11.75 10.98 7.66
N MET A 59 11.27 9.81 7.23
CA MET A 59 12.11 8.62 7.19
C MET A 59 13.37 8.86 6.37
N SER A 60 14.34 7.98 6.52
CA SER A 60 15.61 8.10 5.79
C SER A 60 15.69 7.07 4.67
N GLY A 61 16.38 7.43 3.59
CA GLY A 61 16.52 6.52 2.46
C GLY A 61 16.70 5.08 2.89
N LYS A 62 17.47 4.87 3.94
CA LYS A 62 17.73 3.53 4.46
C LYS A 62 16.43 2.87 4.92
N GLU A 63 15.65 3.60 5.72
CA GLU A 63 14.40 3.08 6.23
C GLU A 63 13.44 2.74 5.08
N LYS A 64 13.47 3.55 4.03
CA LYS A 64 12.62 3.34 2.87
C LYS A 64 13.13 2.16 2.03
N SER A 65 14.45 1.99 2.02
CA SER A 65 15.06 0.91 1.24
C SER A 65 14.23 -0.36 1.35
N LYS A 66 14.03 -0.83 2.58
CA LYS A 66 13.25 -2.05 2.82
C LYS A 66 11.96 -2.04 2.01
N PHE A 67 11.31 -0.88 1.96
CA PHE A 67 10.06 -0.75 1.21
C PHE A 67 10.34 -0.49 -0.26
N ASP A 68 11.56 -0.08 -0.57
CA ASP A 68 11.95 0.20 -1.95
C ASP A 68 12.00 -1.09 -2.77
N GLU A 69 12.74 -2.07 -2.28
CA GLU A 69 12.86 -3.36 -2.96
C GLU A 69 11.50 -4.01 -3.14
N MET A 70 10.69 -3.98 -2.09
CA MET A 70 9.37 -4.57 -2.13
C MET A 70 8.53 -3.96 -3.24
N ALA A 71 8.57 -2.63 -3.35
CA ALA A 71 7.82 -1.93 -4.39
C ALA A 71 8.28 -2.34 -5.78
N LYS A 72 9.59 -2.48 -5.95
CA LYS A 72 10.15 -2.86 -7.24
C LYS A 72 9.45 -4.09 -7.79
N ALA A 73 9.22 -5.07 -6.93
CA ALA A 73 8.55 -6.31 -7.34
C ALA A 73 7.10 -6.03 -7.74
N ASP A 74 6.42 -5.21 -6.96
CA ASP A 74 5.03 -4.88 -7.22
C ASP A 74 4.91 -4.12 -8.54
N LYS A 75 6.00 -3.52 -8.98
CA LYS A 75 6.02 -2.76 -10.23
C LYS A 75 6.21 -3.69 -11.43
N VAL A 76 6.89 -4.82 -11.19
CA VAL A 76 7.13 -5.79 -12.26
C VAL A 76 5.96 -6.74 -12.42
N ARG A 77 5.39 -7.18 -11.29
CA ARG A 77 4.26 -8.09 -11.32
C ARG A 77 3.08 -7.48 -12.07
N TYR A 78 2.99 -6.16 -12.03
CA TYR A 78 1.91 -5.45 -12.72
C TYR A 78 2.16 -5.38 -14.22
N ASP A 79 3.35 -4.90 -14.59
CA ASP A 79 3.72 -4.77 -15.99
C ASP A 79 3.42 -6.07 -16.74
N ARG A 80 3.71 -7.20 -16.10
CA ARG A 80 3.47 -8.50 -16.72
C ARG A 80 1.98 -8.84 -16.72
N GLU A 81 1.35 -8.72 -15.55
CA GLU A 81 -0.07 -9.01 -15.43
C GLU A 81 -0.87 -8.33 -16.52
N MET A 82 -0.48 -7.12 -16.87
CA MET A 82 -1.16 -6.35 -17.91
C MET A 82 -0.96 -7.00 -19.27
N LYS A 83 0.22 -7.56 -19.50
CA LYS A 83 0.54 -8.22 -20.76
C LYS A 83 -0.38 -9.42 -20.99
N ASP A 84 -0.63 -10.18 -19.93
CA ASP A 84 -1.50 -11.35 -20.01
C ASP A 84 -2.97 -10.95 -19.96
N TYR A 85 -3.28 -9.98 -19.10
CA TYR A 85 -4.66 -9.51 -18.95
C TYR A 85 -5.15 -8.83 -20.23
N GLY A 86 -4.40 -7.82 -20.66
CA GLY A 86 -4.76 -7.10 -21.87
C GLY A 86 -3.63 -7.02 -22.87
N GLY A 1 -2.71 9.35 -10.68
CA GLY A 1 -4.12 9.06 -10.57
C GLY A 1 -4.67 8.35 -11.80
N SER A 2 -4.39 7.06 -11.90
CA SER A 2 -4.86 6.27 -13.05
C SER A 2 -6.28 5.78 -12.82
N SER A 3 -7.13 6.65 -12.30
CA SER A 3 -8.52 6.30 -12.03
C SER A 3 -8.62 4.94 -11.35
N GLY A 4 -7.73 4.70 -10.40
CA GLY A 4 -7.73 3.43 -9.69
C GLY A 4 -8.21 3.57 -8.26
N SER A 5 -8.32 2.44 -7.56
CA SER A 5 -8.78 2.43 -6.18
C SER A 5 -8.31 1.18 -5.45
N SER A 6 -8.23 1.26 -4.13
CA SER A 6 -7.79 0.14 -3.31
C SER A 6 -8.51 0.12 -1.97
N GLY A 7 -8.57 -1.05 -1.34
CA GLY A 7 -9.23 -1.17 -0.06
C GLY A 7 -10.64 -1.70 -0.18
N MET A 8 -11.36 -1.24 -1.20
CA MET A 8 -12.74 -1.67 -1.42
C MET A 8 -12.78 -3.03 -2.10
N ALA A 9 -13.91 -3.72 -1.97
CA ALA A 9 -14.07 -5.04 -2.58
C ALA A 9 -13.59 -5.03 -4.03
N LYS A 10 -12.62 -5.88 -4.33
CA LYS A 10 -12.07 -5.98 -5.68
C LYS A 10 -12.85 -6.99 -6.50
N GLY A 11 -12.58 -7.00 -7.81
CA GLY A 11 -13.27 -7.92 -8.69
C GLY A 11 -12.79 -9.35 -8.54
N ASP A 12 -11.84 -9.75 -9.38
CA ASP A 12 -11.28 -11.10 -9.33
C ASP A 12 -10.04 -11.14 -8.44
N PRO A 13 -9.86 -12.28 -7.75
CA PRO A 13 -8.71 -12.47 -6.86
C PRO A 13 -7.39 -12.59 -7.61
N LYS A 14 -7.42 -13.31 -8.72
CA LYS A 14 -6.23 -13.50 -9.54
C LYS A 14 -5.76 -12.17 -10.14
N LYS A 15 -6.71 -11.33 -10.52
CA LYS A 15 -6.40 -10.03 -11.10
C LYS A 15 -5.34 -9.32 -10.28
N PRO A 16 -4.38 -8.68 -10.98
CA PRO A 16 -3.29 -7.95 -10.33
C PRO A 16 -3.77 -6.66 -9.65
N LYS A 17 -3.11 -6.30 -8.55
CA LYS A 17 -3.48 -5.10 -7.82
C LYS A 17 -2.66 -3.90 -8.29
N GLY A 18 -3.34 -2.78 -8.53
CA GLY A 18 -2.66 -1.58 -8.99
C GLY A 18 -1.29 -1.42 -8.37
N LYS A 19 -0.34 -0.94 -9.16
CA LYS A 19 1.02 -0.75 -8.69
C LYS A 19 1.06 0.34 -7.61
N MET A 20 1.82 0.09 -6.55
CA MET A 20 1.96 1.06 -5.46
C MET A 20 3.37 1.61 -5.40
N SER A 21 3.53 2.76 -4.73
CA SER A 21 4.83 3.41 -4.61
C SER A 21 5.45 3.10 -3.25
N ALA A 22 6.77 3.09 -3.20
CA ALA A 22 7.50 2.80 -1.97
C ALA A 22 6.75 3.35 -0.76
N TYR A 23 6.21 4.56 -0.90
CA TYR A 23 5.47 5.20 0.17
C TYR A 23 4.30 4.34 0.62
N ALA A 24 3.36 4.13 -0.30
CA ALA A 24 2.18 3.31 0.00
C ALA A 24 2.54 2.10 0.85
N PHE A 25 3.45 1.28 0.34
CA PHE A 25 3.88 0.08 1.05
C PHE A 25 4.07 0.37 2.53
N PHE A 26 4.86 1.40 2.84
CA PHE A 26 5.11 1.78 4.23
C PHE A 26 3.80 1.92 5.01
N VAL A 27 2.85 2.64 4.42
CA VAL A 27 1.56 2.87 5.06
C VAL A 27 0.84 1.54 5.30
N GLN A 28 0.69 0.76 4.24
CA GLN A 28 0.01 -0.54 4.33
C GLN A 28 0.60 -1.38 5.47
N THR A 29 1.91 -1.57 5.44
CA THR A 29 2.59 -2.35 6.46
C THR A 29 2.17 -1.91 7.86
N CYS A 30 2.20 -0.61 8.10
CA CYS A 30 1.82 -0.06 9.39
C CYS A 30 0.42 -0.52 9.78
N ARG A 31 -0.53 -0.39 8.86
CA ARG A 31 -1.90 -0.79 9.10
C ARG A 31 -1.98 -2.24 9.58
N GLU A 32 -1.30 -3.12 8.85
CA GLU A 32 -1.29 -4.55 9.20
C GLU A 32 -0.71 -4.76 10.58
N GLU A 33 0.36 -4.05 10.89
CA GLU A 33 1.02 -4.16 12.20
C GLU A 33 0.04 -3.83 13.32
N HIS A 34 -0.99 -3.06 13.00
CA HIS A 34 -1.99 -2.67 13.98
C HIS A 34 -3.07 -3.73 14.11
N LYS A 35 -3.72 -4.04 12.98
CA LYS A 35 -4.78 -5.04 12.96
C LYS A 35 -4.28 -6.37 13.54
N LYS A 36 -3.09 -6.79 13.11
CA LYS A 36 -2.51 -8.03 13.58
C LYS A 36 -2.66 -8.17 15.10
N LYS A 37 -2.52 -7.05 15.80
CA LYS A 37 -2.66 -7.05 17.26
C LYS A 37 -4.09 -6.72 17.67
N ASN A 38 -4.57 -5.56 17.25
CA ASN A 38 -5.92 -5.12 17.57
C ASN A 38 -6.82 -5.17 16.35
N PRO A 39 -7.13 -6.39 15.89
CA PRO A 39 -7.99 -6.60 14.72
C PRO A 39 -9.44 -6.23 15.00
N GLU A 40 -9.75 -5.97 16.25
CA GLU A 40 -11.11 -5.59 16.65
C GLU A 40 -11.16 -4.15 17.14
N VAL A 41 -10.27 -3.32 16.60
CA VAL A 41 -10.20 -1.91 16.98
C VAL A 41 -10.21 -1.00 15.75
N PRO A 42 -10.97 0.10 15.83
CA PRO A 42 -11.07 1.07 14.73
C PRO A 42 -9.78 1.84 14.51
N VAL A 43 -9.47 2.12 13.25
CA VAL A 43 -8.26 2.87 12.91
C VAL A 43 -8.57 4.00 11.93
N ASN A 44 -8.84 5.17 12.49
CA ASN A 44 -9.16 6.34 11.66
C ASN A 44 -8.05 6.60 10.64
N PHE A 45 -8.13 5.92 9.51
CA PHE A 45 -7.14 6.07 8.45
C PHE A 45 -6.66 7.51 8.36
N ALA A 46 -7.61 8.44 8.35
CA ALA A 46 -7.28 9.87 8.26
C ALA A 46 -6.17 10.23 9.24
N GLU A 47 -6.36 9.87 10.50
CA GLU A 47 -5.38 10.17 11.54
C GLU A 47 -4.18 9.23 11.44
N PHE A 48 -4.47 7.94 11.33
CA PHE A 48 -3.42 6.93 11.23
C PHE A 48 -2.43 7.28 10.11
N SER A 49 -2.93 7.97 9.10
CA SER A 49 -2.10 8.37 7.96
C SER A 49 -1.22 9.56 8.32
N LYS A 50 -1.80 10.55 8.97
CA LYS A 50 -1.06 11.74 9.39
C LYS A 50 0.23 11.36 10.10
N LYS A 51 0.20 10.24 10.81
CA LYS A 51 1.37 9.75 11.53
C LYS A 51 2.30 8.98 10.61
N CYS A 52 1.72 8.30 9.63
CA CYS A 52 2.52 7.52 8.68
C CYS A 52 3.13 8.42 7.61
N SER A 53 2.27 9.07 6.83
CA SER A 53 2.73 9.96 5.76
C SER A 53 3.91 10.80 6.23
N GLU A 54 3.73 11.50 7.35
CA GLU A 54 4.78 12.35 7.90
C GLU A 54 6.03 11.52 8.23
N ARG A 55 5.82 10.29 8.66
CA ARG A 55 6.93 9.40 8.99
C ARG A 55 7.66 8.94 7.73
N TRP A 56 7.02 9.13 6.58
CA TRP A 56 7.61 8.74 5.31
C TRP A 56 8.66 9.75 4.85
N LYS A 57 8.39 11.03 5.10
CA LYS A 57 9.30 12.10 4.72
C LYS A 57 10.47 12.19 5.69
N THR A 58 10.21 11.88 6.96
CA THR A 58 11.24 11.92 7.99
C THR A 58 12.22 10.77 7.83
N MET A 59 11.72 9.63 7.36
CA MET A 59 12.57 8.46 7.15
C MET A 59 13.77 8.80 6.28
N SER A 60 14.73 7.88 6.21
CA SER A 60 15.92 8.08 5.40
C SER A 60 16.01 7.05 4.29
N GLY A 61 16.59 7.43 3.16
CA GLY A 61 16.73 6.53 2.04
C GLY A 61 17.00 5.09 2.48
N LYS A 62 17.81 4.95 3.53
CA LYS A 62 18.15 3.63 4.04
C LYS A 62 16.90 2.88 4.49
N GLU A 63 16.19 3.45 5.46
CA GLU A 63 14.98 2.83 5.97
C GLU A 63 13.94 2.67 4.86
N LYS A 64 13.90 3.63 3.95
CA LYS A 64 12.96 3.59 2.84
C LYS A 64 13.26 2.42 1.91
N SER A 65 14.53 2.23 1.60
CA SER A 65 14.96 1.15 0.72
C SER A 65 14.08 -0.09 0.92
N LYS A 66 13.86 -0.45 2.18
CA LYS A 66 13.04 -1.61 2.52
C LYS A 66 11.82 -1.70 1.60
N PHE A 67 11.11 -0.59 1.44
CA PHE A 67 9.93 -0.55 0.59
C PHE A 67 10.30 -0.10 -0.82
N ASP A 68 11.34 0.73 -0.92
CA ASP A 68 11.79 1.23 -2.21
C ASP A 68 12.05 0.07 -3.19
N GLU A 69 12.60 -1.01 -2.67
CA GLU A 69 12.90 -2.19 -3.49
C GLU A 69 11.62 -2.96 -3.81
N MET A 70 10.78 -3.14 -2.80
CA MET A 70 9.52 -3.86 -2.98
C MET A 70 8.67 -3.21 -4.07
N ALA A 71 8.53 -1.89 -4.00
CA ALA A 71 7.74 -1.15 -4.97
C ALA A 71 8.29 -1.35 -6.38
N LYS A 72 9.59 -1.11 -6.54
CA LYS A 72 10.23 -1.26 -7.84
C LYS A 72 9.82 -2.56 -8.51
N ALA A 73 9.67 -3.62 -7.72
CA ALA A 73 9.27 -4.92 -8.23
C ALA A 73 7.79 -4.94 -8.58
N ASP A 74 6.97 -4.46 -7.66
CA ASP A 74 5.52 -4.41 -7.88
C ASP A 74 5.19 -4.04 -9.32
N LYS A 75 5.92 -3.07 -9.85
CA LYS A 75 5.71 -2.62 -11.22
C LYS A 75 5.89 -3.77 -12.20
N VAL A 76 7.03 -4.45 -12.11
CA VAL A 76 7.33 -5.57 -12.99
C VAL A 76 6.26 -6.65 -12.89
N ARG A 77 5.98 -7.08 -11.66
CA ARG A 77 4.98 -8.10 -11.42
C ARG A 77 3.63 -7.71 -12.03
N TYR A 78 3.20 -6.49 -11.74
CA TYR A 78 1.92 -5.98 -12.25
C TYR A 78 1.96 -5.89 -13.78
N ASP A 79 3.12 -5.49 -14.31
CA ASP A 79 3.28 -5.35 -15.75
C ASP A 79 3.14 -6.71 -16.45
N ARG A 80 3.67 -7.75 -15.82
CA ARG A 80 3.59 -9.09 -16.38
C ARG A 80 2.20 -9.68 -16.19
N GLU A 81 1.47 -9.16 -15.23
CA GLU A 81 0.12 -9.64 -14.94
C GLU A 81 -0.91 -8.95 -15.84
N MET A 82 -0.47 -7.91 -16.55
CA MET A 82 -1.35 -7.16 -17.43
C MET A 82 -1.28 -7.72 -18.85
N LYS A 83 -0.15 -8.34 -19.18
CA LYS A 83 0.05 -8.92 -20.52
C LYS A 83 -0.95 -10.06 -20.76
N ASP A 84 -1.47 -10.62 -19.68
CA ASP A 84 -2.43 -11.71 -19.78
C ASP A 84 -3.85 -11.22 -19.54
N TYR A 85 -3.99 -10.25 -18.64
CA TYR A 85 -5.30 -9.70 -18.31
C TYR A 85 -5.80 -8.80 -19.45
N GLY A 86 -4.89 -8.02 -20.03
CA GLY A 86 -5.26 -7.14 -21.11
C GLY A 86 -4.30 -7.22 -22.28
N GLY A 1 -0.51 10.86 -6.05
CA GLY A 1 -1.88 11.34 -6.00
C GLY A 1 -2.75 10.74 -7.08
N SER A 2 -2.78 9.41 -7.14
CA SER A 2 -3.58 8.72 -8.14
C SER A 2 -5.06 9.03 -7.97
N SER A 3 -5.72 9.36 -9.08
CA SER A 3 -7.14 9.69 -9.06
C SER A 3 -8.00 8.43 -9.19
N GLY A 4 -8.42 7.88 -8.06
CA GLY A 4 -9.24 6.68 -8.07
C GLY A 4 -10.23 6.65 -6.92
N SER A 5 -10.81 5.48 -6.67
CA SER A 5 -11.78 5.31 -5.60
C SER A 5 -11.12 5.47 -4.24
N SER A 6 -11.94 5.50 -3.19
CA SER A 6 -11.43 5.65 -1.83
C SER A 6 -11.30 4.29 -1.16
N GLY A 7 -12.37 3.51 -1.17
CA GLY A 7 -12.35 2.20 -0.57
C GLY A 7 -13.51 1.32 -1.02
N MET A 8 -13.74 1.30 -2.33
CA MET A 8 -14.82 0.50 -2.90
C MET A 8 -14.32 -0.33 -4.07
N ALA A 9 -14.64 -1.63 -4.06
CA ALA A 9 -14.23 -2.52 -5.14
C ALA A 9 -14.62 -1.97 -6.50
N LYS A 10 -13.69 -1.98 -7.43
CA LYS A 10 -13.93 -1.48 -8.78
C LYS A 10 -14.30 -2.62 -9.73
N GLY A 11 -13.52 -3.69 -9.68
CA GLY A 11 -13.78 -4.83 -10.54
C GLY A 11 -13.51 -6.16 -9.84
N ASP A 12 -13.56 -7.24 -10.61
CA ASP A 12 -13.32 -8.57 -10.05
C ASP A 12 -11.95 -8.64 -9.37
N PRO A 13 -11.87 -9.42 -8.29
CA PRO A 13 -10.62 -9.59 -7.53
C PRO A 13 -9.59 -10.40 -8.31
N LYS A 14 -9.95 -10.83 -9.51
CA LYS A 14 -9.05 -11.61 -10.35
C LYS A 14 -8.10 -10.69 -11.11
N LYS A 15 -8.52 -9.45 -11.34
CA LYS A 15 -7.70 -8.48 -12.05
C LYS A 15 -6.57 -7.97 -11.16
N PRO A 16 -5.51 -7.44 -11.81
CA PRO A 16 -4.35 -6.90 -11.09
C PRO A 16 -4.67 -5.61 -10.35
N LYS A 17 -4.11 -5.46 -9.16
CA LYS A 17 -4.33 -4.27 -8.35
C LYS A 17 -3.39 -3.15 -8.77
N GLY A 18 -3.87 -1.91 -8.71
CA GLY A 18 -3.06 -0.77 -9.08
C GLY A 18 -1.69 -0.81 -8.44
N LYS A 19 -0.67 -0.41 -9.20
CA LYS A 19 0.70 -0.41 -8.71
C LYS A 19 0.86 0.58 -7.56
N MET A 20 1.56 0.16 -6.52
CA MET A 20 1.78 1.00 -5.35
C MET A 20 3.22 1.51 -5.31
N SER A 21 3.45 2.59 -4.57
CA SER A 21 4.78 3.17 -4.45
C SER A 21 5.33 2.98 -3.04
N ALA A 22 6.64 3.17 -2.90
CA ALA A 22 7.30 3.01 -1.61
C ALA A 22 6.42 3.55 -0.49
N TYR A 23 5.99 4.80 -0.61
CA TYR A 23 5.15 5.42 0.40
C TYR A 23 3.96 4.54 0.74
N ALA A 24 3.30 4.02 -0.29
CA ALA A 24 2.14 3.15 -0.11
C ALA A 24 2.50 1.93 0.74
N PHE A 25 3.48 1.16 0.28
CA PHE A 25 3.90 -0.04 0.99
C PHE A 25 4.13 0.26 2.47
N PHE A 26 4.76 1.41 2.74
CA PHE A 26 5.03 1.81 4.12
C PHE A 26 3.74 1.98 4.91
N VAL A 27 2.66 2.28 4.20
CA VAL A 27 1.36 2.46 4.84
C VAL A 27 0.65 1.12 5.05
N GLN A 28 0.50 0.37 3.96
CA GLN A 28 -0.16 -0.93 4.03
C GLN A 28 0.51 -1.83 5.07
N THR A 29 1.83 -2.02 4.93
CA THR A 29 2.58 -2.85 5.86
C THR A 29 2.24 -2.52 7.30
N CYS A 30 2.43 -1.26 7.68
CA CYS A 30 2.15 -0.81 9.03
C CYS A 30 0.70 -1.11 9.40
N ARG A 31 -0.22 -0.87 8.47
CA ARG A 31 -1.63 -1.11 8.71
C ARG A 31 -1.87 -2.57 9.09
N GLU A 32 -1.36 -3.49 8.27
CA GLU A 32 -1.52 -4.92 8.52
C GLU A 32 -1.07 -5.27 9.94
N GLU A 33 0.04 -4.66 10.36
CA GLU A 33 0.58 -4.93 11.70
C GLU A 33 -0.36 -4.40 12.78
N HIS A 34 -1.02 -3.28 12.49
CA HIS A 34 -1.95 -2.68 13.44
C HIS A 34 -3.11 -3.62 13.74
N LYS A 35 -3.60 -4.29 12.71
CA LYS A 35 -4.71 -5.22 12.86
C LYS A 35 -4.25 -6.51 13.53
N LYS A 36 -3.11 -7.02 13.09
CA LYS A 36 -2.55 -8.25 13.65
C LYS A 36 -2.51 -8.19 15.17
N LYS A 37 -2.22 -6.99 15.69
CA LYS A 37 -2.14 -6.80 17.14
C LYS A 37 -3.48 -6.28 17.68
N ASN A 38 -3.94 -5.17 17.14
CA ASN A 38 -5.20 -4.57 17.57
C ASN A 38 -6.27 -4.71 16.49
N PRO A 39 -6.69 -5.94 16.23
CA PRO A 39 -7.72 -6.23 15.23
C PRO A 39 -9.10 -5.72 15.64
N GLU A 40 -9.27 -5.46 16.92
CA GLU A 40 -10.53 -4.98 17.44
C GLU A 40 -10.69 -3.47 17.20
N VAL A 41 -9.58 -2.74 17.35
CA VAL A 41 -9.59 -1.30 17.15
C VAL A 41 -9.45 -0.95 15.67
N PRO A 42 -10.37 -0.12 15.17
CA PRO A 42 -10.36 0.32 13.77
C PRO A 42 -9.20 1.25 13.45
N VAL A 43 -8.84 1.33 12.17
CA VAL A 43 -7.74 2.17 11.74
C VAL A 43 -8.25 3.35 10.91
N ASN A 44 -8.29 4.53 11.52
CA ASN A 44 -8.75 5.73 10.83
C ASN A 44 -7.76 6.17 9.77
N PHE A 45 -7.92 5.65 8.56
CA PHE A 45 -7.03 5.98 7.45
C PHE A 45 -6.61 7.45 7.53
N ALA A 46 -7.58 8.33 7.78
CA ALA A 46 -7.30 9.76 7.88
C ALA A 46 -6.15 10.04 8.84
N GLU A 47 -6.20 9.40 10.01
CA GLU A 47 -5.16 9.58 11.02
C GLU A 47 -3.94 8.72 10.71
N PHE A 48 -4.18 7.42 10.49
CA PHE A 48 -3.10 6.49 10.19
C PHE A 48 -2.21 7.04 9.08
N SER A 49 -2.82 7.70 8.11
CA SER A 49 -2.09 8.28 6.99
C SER A 49 -1.35 9.55 7.41
N LYS A 50 -2.04 10.42 8.14
CA LYS A 50 -1.47 11.66 8.60
C LYS A 50 -0.21 11.41 9.42
N LYS A 51 -0.19 10.27 10.12
CA LYS A 51 0.95 9.90 10.95
C LYS A 51 2.08 9.31 10.09
N CYS A 52 1.71 8.78 8.93
CA CYS A 52 2.69 8.18 8.03
C CYS A 52 3.60 9.25 7.45
N SER A 53 3.02 10.19 6.70
CA SER A 53 3.78 11.27 6.08
C SER A 53 4.90 11.75 7.00
N GLU A 54 4.53 12.11 8.22
CA GLU A 54 5.51 12.58 9.20
C GLU A 54 6.50 11.47 9.57
N ARG A 55 6.02 10.23 9.54
CA ARG A 55 6.86 9.08 9.88
C ARG A 55 7.79 8.75 8.72
N TRP A 56 7.47 9.24 7.53
CA TRP A 56 8.29 8.99 6.35
C TRP A 56 9.42 10.00 6.25
N LYS A 57 9.07 11.29 6.26
CA LYS A 57 10.06 12.36 6.17
C LYS A 57 11.07 12.25 7.30
N THR A 58 10.64 11.69 8.43
CA THR A 58 11.52 11.52 9.58
C THR A 58 12.50 10.38 9.36
N MET A 59 12.17 9.47 8.45
CA MET A 59 13.02 8.34 8.15
C MET A 59 14.46 8.78 7.94
N SER A 60 15.35 7.81 7.72
CA SER A 60 16.76 8.09 7.51
C SER A 60 17.21 7.63 6.13
N GLY A 61 16.27 7.56 5.20
CA GLY A 61 16.58 7.13 3.85
C GLY A 61 16.80 5.64 3.76
N LYS A 62 17.75 5.13 4.54
CA LYS A 62 18.05 3.70 4.54
C LYS A 62 16.83 2.88 4.92
N GLU A 63 15.90 3.51 5.64
CA GLU A 63 14.68 2.83 6.07
C GLU A 63 13.65 2.81 4.94
N LYS A 64 13.68 3.84 4.11
CA LYS A 64 12.75 3.94 2.98
C LYS A 64 13.02 2.86 1.94
N SER A 65 14.30 2.69 1.60
CA SER A 65 14.70 1.69 0.62
C SER A 65 13.86 0.42 0.77
N LYS A 66 13.72 -0.05 2.01
CA LYS A 66 12.95 -1.25 2.29
C LYS A 66 11.72 -1.33 1.39
N PHE A 67 10.97 -0.24 1.32
CA PHE A 67 9.77 -0.19 0.50
C PHE A 67 10.08 0.32 -0.90
N ASP A 68 10.96 1.33 -0.97
CA ASP A 68 11.34 1.91 -2.24
C ASP A 68 11.68 0.82 -3.26
N GLU A 69 12.32 -0.25 -2.79
CA GLU A 69 12.69 -1.36 -3.66
C GLU A 69 11.47 -2.22 -3.98
N MET A 70 10.72 -2.59 -2.94
CA MET A 70 9.54 -3.42 -3.10
C MET A 70 8.62 -2.87 -4.20
N ALA A 71 8.48 -1.54 -4.22
CA ALA A 71 7.65 -0.89 -5.22
C ALA A 71 8.20 -1.11 -6.63
N LYS A 72 9.47 -0.78 -6.82
CA LYS A 72 10.12 -0.93 -8.12
C LYS A 72 9.72 -2.26 -8.76
N ALA A 73 9.62 -3.30 -7.95
CA ALA A 73 9.24 -4.62 -8.44
C ALA A 73 7.75 -4.71 -8.70
N ASP A 74 6.96 -4.28 -7.73
CA ASP A 74 5.51 -4.30 -7.85
C ASP A 74 5.07 -3.94 -9.27
N LYS A 75 5.71 -2.92 -9.83
CA LYS A 75 5.39 -2.48 -11.18
C LYS A 75 5.54 -3.62 -12.18
N VAL A 76 6.69 -4.27 -12.16
CA VAL A 76 6.96 -5.39 -13.06
C VAL A 76 5.91 -6.48 -12.91
N ARG A 77 5.53 -6.77 -11.67
CA ARG A 77 4.53 -7.79 -11.38
C ARG A 77 3.24 -7.52 -12.16
N TYR A 78 2.79 -6.27 -12.12
CA TYR A 78 1.57 -5.88 -12.82
C TYR A 78 1.67 -6.20 -14.30
N ASP A 79 2.72 -5.71 -14.94
CA ASP A 79 2.93 -5.94 -16.37
C ASP A 79 2.68 -7.40 -16.72
N ARG A 80 3.22 -8.30 -15.91
CA ARG A 80 3.05 -9.73 -16.14
C ARG A 80 1.60 -10.14 -16.01
N GLU A 81 0.97 -9.76 -14.90
CA GLU A 81 -0.42 -10.09 -14.65
C GLU A 81 -1.29 -9.71 -15.85
N MET A 82 -1.00 -8.57 -16.45
CA MET A 82 -1.76 -8.09 -17.60
C MET A 82 -1.63 -9.06 -18.77
N LYS A 83 -0.44 -9.63 -18.93
CA LYS A 83 -0.18 -10.59 -20.00
C LYS A 83 -0.93 -11.89 -19.76
N ASP A 84 -1.13 -12.23 -18.49
CA ASP A 84 -1.83 -13.45 -18.13
C ASP A 84 -3.34 -13.26 -18.23
N TYR A 85 -3.84 -12.17 -17.67
CA TYR A 85 -5.27 -11.87 -17.69
C TYR A 85 -5.72 -11.55 -19.12
N GLY A 86 -5.01 -10.65 -19.77
CA GLY A 86 -5.36 -10.26 -21.12
C GLY A 86 -4.20 -10.40 -22.08
N GLY A 1 -16.27 13.04 1.26
CA GLY A 1 -16.36 12.03 0.21
C GLY A 1 -17.76 11.46 0.08
N SER A 2 -18.34 11.60 -1.10
CA SER A 2 -19.69 11.09 -1.35
C SER A 2 -19.63 9.65 -1.87
N SER A 3 -18.87 9.43 -2.93
CA SER A 3 -18.74 8.10 -3.51
C SER A 3 -18.42 7.06 -2.44
N GLY A 4 -18.59 5.79 -2.79
CA GLY A 4 -18.32 4.72 -1.85
C GLY A 4 -18.05 3.39 -2.53
N SER A 5 -17.18 2.58 -1.93
CA SER A 5 -16.83 1.29 -2.49
C SER A 5 -17.90 0.25 -2.16
N SER A 6 -18.08 -0.71 -3.06
CA SER A 6 -19.07 -1.76 -2.87
C SER A 6 -18.81 -2.52 -1.58
N GLY A 7 -17.58 -2.99 -1.40
CA GLY A 7 -17.22 -3.72 -0.20
C GLY A 7 -15.72 -3.86 -0.02
N MET A 8 -15.30 -4.63 0.97
CA MET A 8 -13.90 -4.84 1.24
C MET A 8 -13.32 -5.93 0.33
N ALA A 9 -12.15 -5.66 -0.25
CA ALA A 9 -11.50 -6.61 -1.13
C ALA A 9 -10.76 -7.68 -0.35
N LYS A 10 -10.43 -8.77 -1.01
CA LYS A 10 -9.73 -9.88 -0.38
C LYS A 10 -8.33 -10.06 -0.97
N GLY A 11 -7.34 -10.29 -0.12
CA GLY A 11 -5.99 -10.49 -0.58
C GLY A 11 -5.91 -11.37 -1.81
N ASP A 12 -5.67 -10.75 -2.97
CA ASP A 12 -5.57 -11.49 -4.22
C ASP A 12 -4.46 -12.53 -4.16
N PRO A 13 -4.71 -13.70 -4.74
CA PRO A 13 -3.74 -14.80 -4.76
C PRO A 13 -2.56 -14.50 -5.68
N LYS A 14 -2.67 -14.90 -6.94
CA LYS A 14 -1.61 -14.68 -7.91
C LYS A 14 -2.01 -13.61 -8.92
N LYS A 15 -3.28 -13.20 -8.87
CA LYS A 15 -3.80 -12.19 -9.79
C LYS A 15 -3.37 -10.79 -9.35
N PRO A 16 -3.22 -9.89 -10.32
CA PRO A 16 -2.81 -8.50 -10.07
C PRO A 16 -3.89 -7.70 -9.34
N LYS A 17 -3.54 -7.16 -8.19
CA LYS A 17 -4.47 -6.37 -7.40
C LYS A 17 -4.26 -4.87 -7.62
N GLY A 18 -3.26 -4.54 -8.45
CA GLY A 18 -2.97 -3.15 -8.73
C GLY A 18 -1.51 -2.81 -8.52
N LYS A 19 -1.19 -1.53 -8.59
CA LYS A 19 0.19 -1.07 -8.41
C LYS A 19 0.29 -0.08 -7.25
N MET A 20 1.37 -0.18 -6.49
CA MET A 20 1.58 0.70 -5.35
C MET A 20 2.99 1.29 -5.37
N SER A 21 3.17 2.42 -4.69
CA SER A 21 4.46 3.08 -4.64
C SER A 21 5.17 2.79 -3.32
N ALA A 22 6.50 2.88 -3.32
CA ALA A 22 7.28 2.63 -2.13
C ALA A 22 6.59 3.17 -0.88
N TYR A 23 6.01 4.36 -1.01
CA TYR A 23 5.31 4.99 0.10
C TYR A 23 4.13 4.13 0.57
N ALA A 24 3.21 3.88 -0.35
CA ALA A 24 2.03 3.07 -0.03
C ALA A 24 2.41 1.83 0.77
N PHE A 25 3.48 1.16 0.34
CA PHE A 25 3.94 -0.04 1.02
C PHE A 25 4.15 0.22 2.51
N PHE A 26 4.76 1.36 2.82
CA PHE A 26 5.03 1.73 4.21
C PHE A 26 3.72 1.87 4.98
N VAL A 27 2.78 2.64 4.42
CA VAL A 27 1.50 2.86 5.05
C VAL A 27 0.73 1.55 5.23
N GLN A 28 0.79 0.71 4.21
CA GLN A 28 0.09 -0.57 4.25
C GLN A 28 0.69 -1.48 5.33
N THR A 29 2.01 -1.55 5.38
CA THR A 29 2.71 -2.37 6.35
C THR A 29 2.23 -2.06 7.77
N CYS A 30 2.37 -0.80 8.17
CA CYS A 30 1.95 -0.37 9.50
C CYS A 30 0.51 -0.78 9.77
N ARG A 31 -0.36 -0.60 8.77
CA ARG A 31 -1.77 -0.95 8.91
C ARG A 31 -1.93 -2.42 9.27
N GLU A 32 -1.31 -3.29 8.48
CA GLU A 32 -1.39 -4.73 8.72
C GLU A 32 -0.97 -5.06 10.15
N GLU A 33 0.01 -4.33 10.67
CA GLU A 33 0.49 -4.55 12.02
C GLU A 33 -0.54 -4.09 13.05
N HIS A 34 -1.32 -3.08 12.70
CA HIS A 34 -2.34 -2.54 13.59
C HIS A 34 -3.48 -3.54 13.76
N LYS A 35 -3.85 -4.20 12.67
CA LYS A 35 -4.93 -5.18 12.70
C LYS A 35 -4.49 -6.47 13.39
N LYS A 36 -3.19 -6.76 13.32
CA LYS A 36 -2.64 -7.95 13.94
C LYS A 36 -2.78 -7.89 15.47
N LYS A 37 -2.75 -6.68 16.00
CA LYS A 37 -2.87 -6.47 17.45
C LYS A 37 -4.28 -6.03 17.81
N ASN A 38 -4.77 -5.01 17.13
CA ASN A 38 -6.11 -4.49 17.38
C ASN A 38 -7.04 -4.76 16.20
N PRO A 39 -7.35 -6.05 15.99
CA PRO A 39 -8.23 -6.48 14.89
C PRO A 39 -9.68 -6.05 15.12
N GLU A 40 -10.05 -5.87 16.37
CA GLU A 40 -11.41 -5.46 16.72
C GLU A 40 -11.45 -3.99 17.13
N VAL A 41 -10.58 -3.18 16.53
CA VAL A 41 -10.52 -1.76 16.82
C VAL A 41 -10.43 -0.93 15.55
N PRO A 42 -11.17 0.19 15.51
CA PRO A 42 -11.19 1.09 14.35
C PRO A 42 -9.87 1.83 14.18
N VAL A 43 -9.59 2.26 12.95
CA VAL A 43 -8.37 2.98 12.65
C VAL A 43 -8.66 4.22 11.81
N ASN A 44 -8.76 5.36 12.47
CA ASN A 44 -9.03 6.62 11.77
C ASN A 44 -7.96 6.92 10.74
N PHE A 45 -8.12 6.36 9.54
CA PHE A 45 -7.18 6.56 8.46
C PHE A 45 -6.65 7.99 8.46
N ALA A 46 -7.55 8.96 8.46
CA ALA A 46 -7.18 10.36 8.47
C ALA A 46 -6.02 10.62 9.42
N GLU A 47 -6.11 10.06 10.63
CA GLU A 47 -5.06 10.22 11.63
C GLU A 47 -3.93 9.22 11.42
N PHE A 48 -4.28 7.94 11.43
CA PHE A 48 -3.29 6.88 11.24
C PHE A 48 -2.30 7.26 10.15
N SER A 49 -2.76 8.03 9.17
CA SER A 49 -1.91 8.46 8.06
C SER A 49 -0.93 9.53 8.53
N LYS A 50 -1.42 10.50 9.29
CA LYS A 50 -0.60 11.60 9.79
C LYS A 50 0.65 11.04 10.48
N LYS A 51 0.49 9.91 11.16
CA LYS A 51 1.60 9.29 11.86
C LYS A 51 2.51 8.52 10.89
N CYS A 52 1.93 8.09 9.78
CA CYS A 52 2.68 7.36 8.77
C CYS A 52 3.34 8.31 7.77
N SER A 53 2.51 9.00 7.00
CA SER A 53 3.00 9.94 6.01
C SER A 53 4.16 10.77 6.56
N GLU A 54 3.90 11.44 7.67
CA GLU A 54 4.93 12.28 8.31
C GLU A 54 6.20 11.47 8.57
N ARG A 55 6.03 10.19 8.85
CA ARG A 55 7.16 9.31 9.12
C ARG A 55 7.89 8.94 7.83
N TRP A 56 7.13 8.90 6.73
CA TRP A 56 7.70 8.56 5.43
C TRP A 56 8.69 9.62 4.97
N LYS A 57 8.46 10.85 5.39
CA LYS A 57 9.33 11.97 5.03
C LYS A 57 10.50 12.08 6.00
N THR A 58 10.25 11.75 7.27
CA THR A 58 11.28 11.82 8.30
C THR A 58 12.26 10.66 8.16
N MET A 59 11.88 9.65 7.40
CA MET A 59 12.73 8.48 7.19
C MET A 59 13.88 8.81 6.24
N SER A 60 14.88 7.95 6.20
CA SER A 60 16.04 8.14 5.34
C SER A 60 16.08 7.10 4.23
N GLY A 61 16.73 7.45 3.12
CA GLY A 61 16.84 6.53 2.00
C GLY A 61 17.12 5.10 2.44
N LYS A 62 17.91 4.97 3.51
CA LYS A 62 18.27 3.64 4.02
C LYS A 62 17.02 2.92 4.55
N GLU A 63 16.19 3.65 5.28
CA GLU A 63 14.96 3.07 5.83
C GLU A 63 13.93 2.84 4.75
N LYS A 64 13.88 3.74 3.77
CA LYS A 64 12.94 3.64 2.66
C LYS A 64 13.30 2.48 1.74
N SER A 65 14.60 2.33 1.48
CA SER A 65 15.09 1.26 0.60
C SER A 65 14.24 0.00 0.78
N LYS A 66 14.01 -0.39 2.03
CA LYS A 66 13.22 -1.58 2.32
C LYS A 66 12.03 -1.69 1.38
N PHE A 67 11.28 -0.60 1.24
CA PHE A 67 10.12 -0.57 0.37
C PHE A 67 10.50 -0.12 -1.04
N ASP A 68 11.52 0.72 -1.13
CA ASP A 68 11.99 1.23 -2.41
C ASP A 68 12.19 0.09 -3.40
N GLU A 69 12.67 -1.05 -2.90
CA GLU A 69 12.91 -2.21 -3.75
C GLU A 69 11.59 -2.89 -4.12
N MET A 70 10.73 -3.08 -3.12
CA MET A 70 9.44 -3.73 -3.34
C MET A 70 8.62 -2.96 -4.38
N ALA A 71 8.67 -1.63 -4.31
CA ALA A 71 7.94 -0.79 -5.25
C ALA A 71 8.48 -0.95 -6.67
N LYS A 72 9.81 -0.96 -6.78
CA LYS A 72 10.46 -1.10 -8.08
C LYS A 72 10.03 -2.40 -8.77
N ALA A 73 9.65 -3.39 -7.96
CA ALA A 73 9.21 -4.67 -8.49
C ALA A 73 7.70 -4.72 -8.66
N ASP A 74 7.00 -3.88 -7.90
CA ASP A 74 5.55 -3.82 -7.96
C ASP A 74 5.08 -3.29 -9.32
N LYS A 75 5.94 -2.54 -9.98
CA LYS A 75 5.62 -1.97 -11.29
C LYS A 75 5.82 -3.00 -12.39
N VAL A 76 6.92 -3.74 -12.32
CA VAL A 76 7.23 -4.76 -13.30
C VAL A 76 6.33 -5.98 -13.13
N ARG A 77 5.98 -6.29 -11.89
CA ARG A 77 5.12 -7.43 -11.59
C ARG A 77 3.72 -7.21 -12.15
N TYR A 78 3.10 -6.10 -11.76
CA TYR A 78 1.75 -5.78 -12.22
C TYR A 78 1.71 -5.69 -13.74
N ASP A 79 2.73 -5.09 -14.33
CA ASP A 79 2.81 -4.94 -15.77
C ASP A 79 2.81 -6.30 -16.47
N ARG A 80 3.70 -7.18 -16.02
CA ARG A 80 3.82 -8.52 -16.59
C ARG A 80 2.56 -9.33 -16.30
N GLU A 81 1.85 -8.97 -15.23
CA GLU A 81 0.64 -9.67 -14.85
C GLU A 81 -0.55 -9.18 -15.65
N MET A 82 -0.43 -7.98 -16.20
CA MET A 82 -1.50 -7.39 -17.00
C MET A 82 -1.41 -7.85 -18.45
N LYS A 83 -0.20 -8.16 -18.90
CA LYS A 83 0.02 -8.61 -20.26
C LYS A 83 -0.52 -10.02 -20.47
N ASP A 84 -0.61 -10.78 -19.38
CA ASP A 84 -1.11 -12.14 -19.43
C ASP A 84 -2.60 -12.19 -19.08
N TYR A 85 -3.04 -11.21 -18.29
CA TYR A 85 -4.44 -11.14 -17.87
C TYR A 85 -5.30 -10.49 -18.95
N GLY A 86 -4.76 -9.42 -19.56
CA GLY A 86 -5.49 -8.73 -20.59
C GLY A 86 -4.61 -8.35 -21.78
#